data_5BZP
# 
_entry.id   5BZP 
# 
_audit_conform.dict_name       mmcif_pdbx.dic 
_audit_conform.dict_version    5.397 
_audit_conform.dict_location   http://mmcif.pdb.org/dictionaries/ascii/mmcif_pdbx.dic 
# 
loop_
_database_2.database_id 
_database_2.database_code 
_database_2.pdbx_database_accession 
_database_2.pdbx_DOI 
PDB   5BZP         pdb_00005bzp 10.2210/pdb5bzp/pdb 
WWPDB D_1000210190 ?            ?                   
# 
loop_
_pdbx_audit_revision_history.ordinal 
_pdbx_audit_revision_history.data_content_type 
_pdbx_audit_revision_history.major_revision 
_pdbx_audit_revision_history.minor_revision 
_pdbx_audit_revision_history.revision_date 
1 'Structure model' 1 0 2016-06-29 
2 'Structure model' 1 1 2024-10-16 
# 
_pdbx_audit_revision_details.ordinal             1 
_pdbx_audit_revision_details.revision_ordinal    1 
_pdbx_audit_revision_details.data_content_type   'Structure model' 
_pdbx_audit_revision_details.provider            repository 
_pdbx_audit_revision_details.type                'Initial release' 
_pdbx_audit_revision_details.description         ? 
_pdbx_audit_revision_details.details             ? 
# 
loop_
_pdbx_audit_revision_group.ordinal 
_pdbx_audit_revision_group.revision_ordinal 
_pdbx_audit_revision_group.data_content_type 
_pdbx_audit_revision_group.group 
1 2 'Structure model' 'Data collection'      
2 2 'Structure model' 'Database references'  
3 2 'Structure model' 'Derived calculations' 
4 2 'Structure model' 'Structure summary'    
# 
loop_
_pdbx_audit_revision_category.ordinal 
_pdbx_audit_revision_category.revision_ordinal 
_pdbx_audit_revision_category.data_content_type 
_pdbx_audit_revision_category.category 
1 2 'Structure model' chem_comp_atom              
2 2 'Structure model' chem_comp_bond              
3 2 'Structure model' citation                    
4 2 'Structure model' database_2                  
5 2 'Structure model' diffrn_radiation_wavelength 
6 2 'Structure model' pdbx_entry_details          
7 2 'Structure model' pdbx_modification_feature   
8 2 'Structure model' pdbx_struct_oper_list       
# 
loop_
_pdbx_audit_revision_item.ordinal 
_pdbx_audit_revision_item.revision_ordinal 
_pdbx_audit_revision_item.data_content_type 
_pdbx_audit_revision_item.item 
1 2 'Structure model' '_citation.journal_id_CSD'                  
2 2 'Structure model' '_database_2.pdbx_DOI'                      
3 2 'Structure model' '_database_2.pdbx_database_accession'       
4 2 'Structure model' '_pdbx_struct_oper_list.symmetry_operation' 
# 
_pdbx_database_status.status_code                     REL 
_pdbx_database_status.status_code_sf                  REL 
_pdbx_database_status.status_code_mr                  ? 
_pdbx_database_status.entry_id                        5BZP 
_pdbx_database_status.recvd_initial_deposition_date   2015-06-11 
_pdbx_database_status.SG_entry                        N 
_pdbx_database_status.deposit_site                    RCSB 
_pdbx_database_status.process_site                    RCSB 
_pdbx_database_status.status_code_cs                  ? 
_pdbx_database_status.methods_development_category    ? 
_pdbx_database_status.pdb_format_compatible           Y 
_pdbx_database_status.status_code_nmr_data            ? 
# 
loop_
_pdbx_database_related.content_type 
_pdbx_database_related.db_id 
_pdbx_database_related.db_name 
_pdbx_database_related.details 
unspecified 5BZC PDB . 
unspecified 5BZE PDB . 
unspecified 5BZF PDB . 
unspecified 5BZG PDB . 
unspecified 5BZH PDB . 
unspecified 5BZI PDB . 
unspecified 5BZJ PDB . 
unspecified 5BZM PDB . 
unspecified 5BZN PDB . 
unspecified 5BZO PDB . 
unspecified 5BZQ PDB . 
unspecified 5BZR PDB . 
unspecified 5BZS PDB . 
unspecified 5BZT PDB . 
# 
loop_
_audit_author.name 
_audit_author.pdbx_ordinal 
'Liu, L.K.'    1 
'Finzel, B.C.' 2 
# 
_citation.abstract                  ? 
_citation.abstract_id_CAS           ? 
_citation.book_id_ISBN              ? 
_citation.book_publisher            ? 
_citation.book_publisher_city       ? 
_citation.book_title                ? 
_citation.coordinate_linkage        ? 
_citation.country                   ? 
_citation.database_id_Medline       ? 
_citation.details                   ? 
_citation.id                        primary 
_citation.journal_abbrev            'To Be Published' 
_citation.journal_id_ASTM           ? 
_citation.journal_id_CSD            0353 
_citation.journal_id_ISSN           ? 
_citation.journal_full              ? 
_citation.journal_issue             ? 
_citation.journal_volume            ? 
_citation.language                  ? 
_citation.page_first                ? 
_citation.page_last                 ? 
_citation.title                     'Crystal structure of the murine cd44 hyaluronan binding domain complex with a small molecule' 
_citation.year                      ? 
_citation.database_id_CSD           ? 
_citation.pdbx_database_id_DOI      ? 
_citation.pdbx_database_id_PubMed   ? 
_citation.unpublished_flag          ? 
# 
loop_
_citation_author.citation_id 
_citation_author.name 
_citation_author.ordinal 
_citation_author.identifier_ORCID 
primary 'Liu, L.K.'    1 ? 
primary 'Finzel, B.C.' 2 ? 
# 
loop_
_entity.id 
_entity.type 
_entity.src_method 
_entity.pdbx_description 
_entity.formula_weight 
_entity.pdbx_number_of_molecules 
_entity.pdbx_ec 
_entity.pdbx_mutation 
_entity.pdbx_fragment 
_entity.details 
1 polymer     man 'CD44 antigen'                                                      16855.803 1  ? 'H23M; Q24N' 
'HYALURONAN BINDING DOMAIN, RESIDUES 23-174' ? 
2 non-polymer syn '2-[3-(dimethylamino)propyl]-1,2,3,4-tetrahydroisoquinolin-8-amine' 233.353   1  ? ?            ? ? 
3 non-polymer syn 'DIMETHYL SULFOXIDE'                                                78.133    1  ? ?            ? ? 
4 water       nat water                                                               18.015    81 ? ?            ? ? 
# 
_entity_name_com.entity_id   1 
_entity_name_com.name        
;Extracellular matrix receptor III,ECMR-III,GP90 lymphocyte homing/adhesion receptor,HUTCH-I,Hermes antigen,Hyaluronate receptor,Lymphocyte antigen 24,Ly-24,Phagocytic glycoprotein 1,PGP-1,Phagocytic glycoprotein I,PGP-I
;
# 
_entity_poly.entity_id                      1 
_entity_poly.type                           'polypeptide(L)' 
_entity_poly.nstd_linkage                   no 
_entity_poly.nstd_monomer                   no 
_entity_poly.pdbx_seq_one_letter_code       
;MNQIDLNVTCRYAGVFHVEKNGRYSISRTEAADLCQAFNSTLPTMDQMKLALSKGFETCRYGFIEGNVVIPRIHPNAICA
ANHTGVYILVTSNTSHYDTYCFNASAPPEEDCTSVTDLPNSFDGPVTITIVNRDGTRYSKKGEYRTHQEDI
;
_entity_poly.pdbx_seq_one_letter_code_can   
;MNQIDLNVTCRYAGVFHVEKNGRYSISRTEAADLCQAFNSTLPTMDQMKLALSKGFETCRYGFIEGNVVIPRIHPNAICA
ANHTGVYILVTSNTSHYDTYCFNASAPPEEDCTSVTDLPNSFDGPVTITIVNRDGTRYSKKGEYRTHQEDI
;
_entity_poly.pdbx_strand_id                 A 
_entity_poly.pdbx_target_identifier         ? 
# 
loop_
_pdbx_entity_nonpoly.entity_id 
_pdbx_entity_nonpoly.name 
_pdbx_entity_nonpoly.comp_id 
2 '2-[3-(dimethylamino)propyl]-1,2,3,4-tetrahydroisoquinolin-8-amine' 4XG 
3 'DIMETHYL SULFOXIDE'                                                DMS 
4 water                                                               HOH 
# 
loop_
_entity_poly_seq.entity_id 
_entity_poly_seq.num 
_entity_poly_seq.mon_id 
_entity_poly_seq.hetero 
1 1   MET n 
1 2   ASN n 
1 3   GLN n 
1 4   ILE n 
1 5   ASP n 
1 6   LEU n 
1 7   ASN n 
1 8   VAL n 
1 9   THR n 
1 10  CYS n 
1 11  ARG n 
1 12  TYR n 
1 13  ALA n 
1 14  GLY n 
1 15  VAL n 
1 16  PHE n 
1 17  HIS n 
1 18  VAL n 
1 19  GLU n 
1 20  LYS n 
1 21  ASN n 
1 22  GLY n 
1 23  ARG n 
1 24  TYR n 
1 25  SER n 
1 26  ILE n 
1 27  SER n 
1 28  ARG n 
1 29  THR n 
1 30  GLU n 
1 31  ALA n 
1 32  ALA n 
1 33  ASP n 
1 34  LEU n 
1 35  CYS n 
1 36  GLN n 
1 37  ALA n 
1 38  PHE n 
1 39  ASN n 
1 40  SER n 
1 41  THR n 
1 42  LEU n 
1 43  PRO n 
1 44  THR n 
1 45  MET n 
1 46  ASP n 
1 47  GLN n 
1 48  MET n 
1 49  LYS n 
1 50  LEU n 
1 51  ALA n 
1 52  LEU n 
1 53  SER n 
1 54  LYS n 
1 55  GLY n 
1 56  PHE n 
1 57  GLU n 
1 58  THR n 
1 59  CYS n 
1 60  ARG n 
1 61  TYR n 
1 62  GLY n 
1 63  PHE n 
1 64  ILE n 
1 65  GLU n 
1 66  GLY n 
1 67  ASN n 
1 68  VAL n 
1 69  VAL n 
1 70  ILE n 
1 71  PRO n 
1 72  ARG n 
1 73  ILE n 
1 74  HIS n 
1 75  PRO n 
1 76  ASN n 
1 77  ALA n 
1 78  ILE n 
1 79  CYS n 
1 80  ALA n 
1 81  ALA n 
1 82  ASN n 
1 83  HIS n 
1 84  THR n 
1 85  GLY n 
1 86  VAL n 
1 87  TYR n 
1 88  ILE n 
1 89  LEU n 
1 90  VAL n 
1 91  THR n 
1 92  SER n 
1 93  ASN n 
1 94  THR n 
1 95  SER n 
1 96  HIS n 
1 97  TYR n 
1 98  ASP n 
1 99  THR n 
1 100 TYR n 
1 101 CYS n 
1 102 PHE n 
1 103 ASN n 
1 104 ALA n 
1 105 SER n 
1 106 ALA n 
1 107 PRO n 
1 108 PRO n 
1 109 GLU n 
1 110 GLU n 
1 111 ASP n 
1 112 CYS n 
1 113 THR n 
1 114 SER n 
1 115 VAL n 
1 116 THR n 
1 117 ASP n 
1 118 LEU n 
1 119 PRO n 
1 120 ASN n 
1 121 SER n 
1 122 PHE n 
1 123 ASP n 
1 124 GLY n 
1 125 PRO n 
1 126 VAL n 
1 127 THR n 
1 128 ILE n 
1 129 THR n 
1 130 ILE n 
1 131 VAL n 
1 132 ASN n 
1 133 ARG n 
1 134 ASP n 
1 135 GLY n 
1 136 THR n 
1 137 ARG n 
1 138 TYR n 
1 139 SER n 
1 140 LYS n 
1 141 LYS n 
1 142 GLY n 
1 143 GLU n 
1 144 TYR n 
1 145 ARG n 
1 146 THR n 
1 147 HIS n 
1 148 GLN n 
1 149 GLU n 
1 150 ASP n 
1 151 ILE n 
# 
_entity_src_gen.entity_id                          1 
_entity_src_gen.pdbx_src_id                        1 
_entity_src_gen.pdbx_alt_source_flag               sample 
_entity_src_gen.pdbx_seq_type                      'Biological sequence' 
_entity_src_gen.pdbx_beg_seq_num                   1 
_entity_src_gen.pdbx_end_seq_num                   151 
_entity_src_gen.gene_src_common_name               Mouse 
_entity_src_gen.gene_src_genus                     ? 
_entity_src_gen.pdbx_gene_src_gene                 'Cd44, Ly-24' 
_entity_src_gen.gene_src_species                   ? 
_entity_src_gen.gene_src_strain                    ? 
_entity_src_gen.gene_src_tissue                    ? 
_entity_src_gen.gene_src_tissue_fraction           ? 
_entity_src_gen.gene_src_details                   ? 
_entity_src_gen.pdbx_gene_src_fragment             ? 
_entity_src_gen.pdbx_gene_src_scientific_name      'Mus musculus' 
_entity_src_gen.pdbx_gene_src_ncbi_taxonomy_id     10090 
_entity_src_gen.pdbx_gene_src_variant              ? 
_entity_src_gen.pdbx_gene_src_cell_line            ? 
_entity_src_gen.pdbx_gene_src_atcc                 ? 
_entity_src_gen.pdbx_gene_src_organ                ? 
_entity_src_gen.pdbx_gene_src_organelle            ? 
_entity_src_gen.pdbx_gene_src_cell                 ? 
_entity_src_gen.pdbx_gene_src_cellular_location    ? 
_entity_src_gen.host_org_common_name               ? 
_entity_src_gen.pdbx_host_org_scientific_name      'Escherichia coli' 
_entity_src_gen.pdbx_host_org_ncbi_taxonomy_id     469008 
_entity_src_gen.host_org_genus                     ? 
_entity_src_gen.pdbx_host_org_gene                 ? 
_entity_src_gen.pdbx_host_org_organ                ? 
_entity_src_gen.host_org_species                   ? 
_entity_src_gen.pdbx_host_org_tissue               ? 
_entity_src_gen.pdbx_host_org_tissue_fraction      ? 
_entity_src_gen.pdbx_host_org_strain               'BL21(DE3)' 
_entity_src_gen.pdbx_host_org_variant              ? 
_entity_src_gen.pdbx_host_org_cell_line            ? 
_entity_src_gen.pdbx_host_org_atcc                 ? 
_entity_src_gen.pdbx_host_org_culture_collection   ? 
_entity_src_gen.pdbx_host_org_cell                 ? 
_entity_src_gen.pdbx_host_org_organelle            ? 
_entity_src_gen.pdbx_host_org_cellular_location    ? 
_entity_src_gen.pdbx_host_org_vector_type          plasmid 
_entity_src_gen.pdbx_host_org_vector               ? 
_entity_src_gen.host_org_details                   ? 
_entity_src_gen.expression_system_id               ? 
_entity_src_gen.plasmid_name                       pMCSG7 
_entity_src_gen.plasmid_details                    ? 
_entity_src_gen.pdbx_description                   ? 
# 
loop_
_chem_comp.id 
_chem_comp.type 
_chem_comp.mon_nstd_flag 
_chem_comp.name 
_chem_comp.pdbx_synonyms 
_chem_comp.formula 
_chem_comp.formula_weight 
4XG non-polymer         . '2-[3-(dimethylamino)propyl]-1,2,3,4-tetrahydroisoquinolin-8-amine' ? 'C14 H23 N3'     233.353 
ALA 'L-peptide linking' y ALANINE                                                             ? 'C3 H7 N O2'     89.093  
ARG 'L-peptide linking' y ARGININE                                                            ? 'C6 H15 N4 O2 1' 175.209 
ASN 'L-peptide linking' y ASPARAGINE                                                          ? 'C4 H8 N2 O3'    132.118 
ASP 'L-peptide linking' y 'ASPARTIC ACID'                                                     ? 'C4 H7 N O4'     133.103 
CYS 'L-peptide linking' y CYSTEINE                                                            ? 'C3 H7 N O2 S'   121.158 
DMS non-polymer         . 'DIMETHYL SULFOXIDE'                                                ? 'C2 H6 O S'      78.133  
GLN 'L-peptide linking' y GLUTAMINE                                                           ? 'C5 H10 N2 O3'   146.144 
GLU 'L-peptide linking' y 'GLUTAMIC ACID'                                                     ? 'C5 H9 N O4'     147.129 
GLY 'peptide linking'   y GLYCINE                                                             ? 'C2 H5 N O2'     75.067  
HIS 'L-peptide linking' y HISTIDINE                                                           ? 'C6 H10 N3 O2 1' 156.162 
HOH non-polymer         . WATER                                                               ? 'H2 O'           18.015  
ILE 'L-peptide linking' y ISOLEUCINE                                                          ? 'C6 H13 N O2'    131.173 
LEU 'L-peptide linking' y LEUCINE                                                             ? 'C6 H13 N O2'    131.173 
LYS 'L-peptide linking' y LYSINE                                                              ? 'C6 H15 N2 O2 1' 147.195 
MET 'L-peptide linking' y METHIONINE                                                          ? 'C5 H11 N O2 S'  149.211 
PHE 'L-peptide linking' y PHENYLALANINE                                                       ? 'C9 H11 N O2'    165.189 
PRO 'L-peptide linking' y PROLINE                                                             ? 'C5 H9 N O2'     115.130 
SER 'L-peptide linking' y SERINE                                                              ? 'C3 H7 N O3'     105.093 
THR 'L-peptide linking' y THREONINE                                                           ? 'C4 H9 N O3'     119.119 
TYR 'L-peptide linking' y TYROSINE                                                            ? 'C9 H11 N O3'    181.189 
VAL 'L-peptide linking' y VALINE                                                              ? 'C5 H11 N O2'    117.146 
# 
loop_
_pdbx_poly_seq_scheme.asym_id 
_pdbx_poly_seq_scheme.entity_id 
_pdbx_poly_seq_scheme.seq_id 
_pdbx_poly_seq_scheme.mon_id 
_pdbx_poly_seq_scheme.ndb_seq_num 
_pdbx_poly_seq_scheme.pdb_seq_num 
_pdbx_poly_seq_scheme.auth_seq_num 
_pdbx_poly_seq_scheme.pdb_mon_id 
_pdbx_poly_seq_scheme.auth_mon_id 
_pdbx_poly_seq_scheme.pdb_strand_id 
_pdbx_poly_seq_scheme.pdb_ins_code 
_pdbx_poly_seq_scheme.hetero 
A 1 1   MET 1   23  ?   ?   ?   A . n 
A 1 2   ASN 2   24  24  ASN ASN A . n 
A 1 3   GLN 3   25  25  GLN GLN A . n 
A 1 4   ILE 4   26  26  ILE ILE A . n 
A 1 5   ASP 5   27  27  ASP ASP A . n 
A 1 6   LEU 6   28  28  LEU LEU A . n 
A 1 7   ASN 7   29  29  ASN ASN A . n 
A 1 8   VAL 8   30  30  VAL VAL A . n 
A 1 9   THR 9   31  31  THR THR A . n 
A 1 10  CYS 10  32  32  CYS CYS A . n 
A 1 11  ARG 11  33  33  ARG ARG A . n 
A 1 12  TYR 12  34  34  TYR TYR A . n 
A 1 13  ALA 13  35  35  ALA ALA A . n 
A 1 14  GLY 14  36  36  GLY GLY A . n 
A 1 15  VAL 15  37  37  VAL VAL A . n 
A 1 16  PHE 16  38  38  PHE PHE A . n 
A 1 17  HIS 17  39  39  HIS HIS A . n 
A 1 18  VAL 18  40  40  VAL VAL A . n 
A 1 19  GLU 19  41  41  GLU GLU A . n 
A 1 20  LYS 20  42  42  LYS LYS A . n 
A 1 21  ASN 21  43  43  ASN ASN A . n 
A 1 22  GLY 22  44  44  GLY GLY A . n 
A 1 23  ARG 23  45  45  ARG ARG A . n 
A 1 24  TYR 24  46  46  TYR TYR A . n 
A 1 25  SER 25  47  47  SER SER A . n 
A 1 26  ILE 26  48  48  ILE ILE A . n 
A 1 27  SER 27  49  49  SER SER A . n 
A 1 28  ARG 28  50  50  ARG ARG A . n 
A 1 29  THR 29  51  51  THR THR A . n 
A 1 30  GLU 30  52  52  GLU GLU A . n 
A 1 31  ALA 31  53  53  ALA ALA A . n 
A 1 32  ALA 32  54  54  ALA ALA A . n 
A 1 33  ASP 33  55  55  ASP ASP A . n 
A 1 34  LEU 34  56  56  LEU LEU A . n 
A 1 35  CYS 35  57  57  CYS CYS A . n 
A 1 36  GLN 36  58  58  GLN GLN A . n 
A 1 37  ALA 37  59  59  ALA ALA A . n 
A 1 38  PHE 38  60  60  PHE PHE A . n 
A 1 39  ASN 39  61  61  ASN ASN A . n 
A 1 40  SER 40  62  62  SER SER A . n 
A 1 41  THR 41  63  63  THR THR A . n 
A 1 42  LEU 42  64  64  LEU LEU A . n 
A 1 43  PRO 43  65  65  PRO PRO A . n 
A 1 44  THR 44  66  66  THR THR A . n 
A 1 45  MET 45  67  67  MET MET A . n 
A 1 46  ASP 46  68  68  ASP ASP A . n 
A 1 47  GLN 47  69  69  GLN GLN A . n 
A 1 48  MET 48  70  70  MET MET A . n 
A 1 49  LYS 49  71  71  LYS LYS A . n 
A 1 50  LEU 50  72  72  LEU LEU A . n 
A 1 51  ALA 51  73  73  ALA ALA A . n 
A 1 52  LEU 52  74  74  LEU LEU A . n 
A 1 53  SER 53  75  75  SER SER A . n 
A 1 54  LYS 54  76  76  LYS LYS A . n 
A 1 55  GLY 55  77  77  GLY GLY A . n 
A 1 56  PHE 56  78  78  PHE PHE A . n 
A 1 57  GLU 57  79  79  GLU GLU A . n 
A 1 58  THR 58  80  80  THR THR A . n 
A 1 59  CYS 59  81  81  CYS CYS A . n 
A 1 60  ARG 60  82  82  ARG ARG A . n 
A 1 61  TYR 61  83  83  TYR TYR A . n 
A 1 62  GLY 62  84  84  GLY GLY A . n 
A 1 63  PHE 63  85  85  PHE PHE A . n 
A 1 64  ILE 64  86  86  ILE ILE A . n 
A 1 65  GLU 65  87  87  GLU GLU A . n 
A 1 66  GLY 66  88  88  GLY GLY A . n 
A 1 67  ASN 67  89  89  ASN ASN A . n 
A 1 68  VAL 68  90  90  VAL VAL A . n 
A 1 69  VAL 69  91  91  VAL VAL A . n 
A 1 70  ILE 70  92  92  ILE ILE A . n 
A 1 71  PRO 71  93  93  PRO PRO A . n 
A 1 72  ARG 72  94  94  ARG ARG A . n 
A 1 73  ILE 73  95  95  ILE ILE A . n 
A 1 74  HIS 74  96  96  HIS HIS A . n 
A 1 75  PRO 75  97  97  PRO PRO A . n 
A 1 76  ASN 76  98  98  ASN ASN A . n 
A 1 77  ALA 77  99  99  ALA ALA A . n 
A 1 78  ILE 78  100 100 ILE ILE A . n 
A 1 79  CYS 79  101 101 CYS CYS A . n 
A 1 80  ALA 80  102 102 ALA ALA A . n 
A 1 81  ALA 81  103 103 ALA ALA A . n 
A 1 82  ASN 82  104 104 ASN ASN A . n 
A 1 83  HIS 83  105 105 HIS HIS A . n 
A 1 84  THR 84  106 106 THR THR A . n 
A 1 85  GLY 85  107 107 GLY GLY A . n 
A 1 86  VAL 86  108 108 VAL VAL A . n 
A 1 87  TYR 87  109 109 TYR TYR A . n 
A 1 88  ILE 88  110 110 ILE ILE A . n 
A 1 89  LEU 89  111 111 LEU LEU A . n 
A 1 90  VAL 90  112 112 VAL VAL A . n 
A 1 91  THR 91  113 113 THR THR A . n 
A 1 92  SER 92  114 114 SER SER A . n 
A 1 93  ASN 93  115 115 ASN ASN A . n 
A 1 94  THR 94  116 116 THR THR A . n 
A 1 95  SER 95  117 117 SER SER A . n 
A 1 96  HIS 96  118 118 HIS HIS A . n 
A 1 97  TYR 97  119 119 TYR TYR A . n 
A 1 98  ASP 98  120 120 ASP ASP A . n 
A 1 99  THR 99  121 121 THR THR A . n 
A 1 100 TYR 100 122 122 TYR TYR A . n 
A 1 101 CYS 101 123 123 CYS CYS A . n 
A 1 102 PHE 102 124 124 PHE PHE A . n 
A 1 103 ASN 103 125 125 ASN ASN A . n 
A 1 104 ALA 104 126 126 ALA ALA A . n 
A 1 105 SER 105 127 127 SER SER A . n 
A 1 106 ALA 106 128 128 ALA ALA A . n 
A 1 107 PRO 107 129 129 PRO PRO A . n 
A 1 108 PRO 108 130 130 PRO PRO A . n 
A 1 109 GLU 109 131 131 GLU GLU A . n 
A 1 110 GLU 110 132 132 GLU GLU A . n 
A 1 111 ASP 111 133 133 ASP ASP A . n 
A 1 112 CYS 112 134 134 CYS CYS A . n 
A 1 113 THR 113 135 135 THR THR A . n 
A 1 114 SER 114 136 136 SER SER A . n 
A 1 115 VAL 115 137 137 VAL VAL A . n 
A 1 116 THR 116 138 138 THR THR A . n 
A 1 117 ASP 117 139 139 ASP ASP A . n 
A 1 118 LEU 118 140 140 LEU LEU A . n 
A 1 119 PRO 119 141 141 PRO PRO A . n 
A 1 120 ASN 120 142 142 ASN ASN A . n 
A 1 121 SER 121 143 143 SER SER A . n 
A 1 122 PHE 122 144 144 PHE PHE A . n 
A 1 123 ASP 123 145 145 ASP ASP A . n 
A 1 124 GLY 124 146 146 GLY GLY A . n 
A 1 125 PRO 125 147 147 PRO PRO A . n 
A 1 126 VAL 126 148 148 VAL VAL A . n 
A 1 127 THR 127 149 149 THR THR A . n 
A 1 128 ILE 128 150 150 ILE ILE A . n 
A 1 129 THR 129 151 151 THR THR A . n 
A 1 130 ILE 130 152 152 ILE ILE A . n 
A 1 131 VAL 131 153 153 VAL VAL A . n 
A 1 132 ASN 132 154 154 ASN ASN A . n 
A 1 133 ARG 133 155 155 ARG ARG A . n 
A 1 134 ASP 134 156 156 ASP ASP A . n 
A 1 135 GLY 135 157 157 GLY GLY A . n 
A 1 136 THR 136 158 158 THR THR A . n 
A 1 137 ARG 137 159 159 ARG ARG A . n 
A 1 138 TYR 138 160 160 TYR TYR A . n 
A 1 139 SER 139 161 161 SER SER A . n 
A 1 140 LYS 140 162 162 LYS LYS A . n 
A 1 141 LYS 141 163 163 LYS LYS A . n 
A 1 142 GLY 142 164 164 GLY GLY A . n 
A 1 143 GLU 143 165 165 GLU GLU A . n 
A 1 144 TYR 144 166 166 TYR TYR A . n 
A 1 145 ARG 145 167 167 ARG ARG A . n 
A 1 146 THR 146 168 168 THR THR A . n 
A 1 147 HIS 147 169 169 HIS HIS A . n 
A 1 148 GLN 148 170 170 GLN GLN A . n 
A 1 149 GLU 149 171 171 GLU GLU A . n 
A 1 150 ASP 150 172 172 ASP ASP A . n 
A 1 151 ILE 151 173 173 ILE ILE A . n 
# 
loop_
_pdbx_nonpoly_scheme.asym_id 
_pdbx_nonpoly_scheme.entity_id 
_pdbx_nonpoly_scheme.mon_id 
_pdbx_nonpoly_scheme.ndb_seq_num 
_pdbx_nonpoly_scheme.pdb_seq_num 
_pdbx_nonpoly_scheme.auth_seq_num 
_pdbx_nonpoly_scheme.pdb_mon_id 
_pdbx_nonpoly_scheme.auth_mon_id 
_pdbx_nonpoly_scheme.pdb_strand_id 
_pdbx_nonpoly_scheme.pdb_ins_code 
B 2 4XG 1  201 1  4XG DRG A . 
C 3 DMS 1  202 1  DMS DMS A . 
D 4 HOH 1  301 65 HOH HOH A . 
D 4 HOH 2  302 56 HOH HOH A . 
D 4 HOH 3  303 9  HOH HOH A . 
D 4 HOH 4  304 81 HOH HOH A . 
D 4 HOH 5  305 73 HOH HOH A . 
D 4 HOH 6  306 75 HOH HOH A . 
D 4 HOH 7  307 23 HOH HOH A . 
D 4 HOH 8  308 68 HOH HOH A . 
D 4 HOH 9  309 10 HOH HOH A . 
D 4 HOH 10 310 40 HOH HOH A . 
D 4 HOH 11 311 6  HOH HOH A . 
D 4 HOH 12 312 46 HOH HOH A . 
D 4 HOH 13 313 78 HOH HOH A . 
D 4 HOH 14 314 74 HOH HOH A . 
D 4 HOH 15 315 2  HOH HOH A . 
D 4 HOH 16 316 15 HOH HOH A . 
D 4 HOH 17 317 3  HOH HOH A . 
D 4 HOH 18 318 20 HOH HOH A . 
D 4 HOH 19 319 34 HOH HOH A . 
D 4 HOH 20 320 7  HOH HOH A . 
D 4 HOH 21 321 63 HOH HOH A . 
D 4 HOH 22 322 1  HOH HOH A . 
D 4 HOH 23 323 79 HOH HOH A . 
D 4 HOH 24 324 57 HOH HOH A . 
D 4 HOH 25 325 8  HOH HOH A . 
D 4 HOH 26 326 45 HOH HOH A . 
D 4 HOH 27 327 18 HOH HOH A . 
D 4 HOH 28 328 38 HOH HOH A . 
D 4 HOH 29 329 16 HOH HOH A . 
D 4 HOH 30 330 4  HOH HOH A . 
D 4 HOH 31 331 43 HOH HOH A . 
D 4 HOH 32 332 28 HOH HOH A . 
D 4 HOH 33 333 51 HOH HOH A . 
D 4 HOH 34 334 67 HOH HOH A . 
D 4 HOH 35 335 42 HOH HOH A . 
D 4 HOH 36 336 14 HOH HOH A . 
D 4 HOH 37 337 17 HOH HOH A . 
D 4 HOH 38 338 24 HOH HOH A . 
D 4 HOH 39 339 53 HOH HOH A . 
D 4 HOH 40 340 61 HOH HOH A . 
D 4 HOH 41 341 55 HOH HOH A . 
D 4 HOH 42 342 71 HOH HOH A . 
D 4 HOH 43 343 25 HOH HOH A . 
D 4 HOH 44 344 60 HOH HOH A . 
D 4 HOH 45 345 32 HOH HOH A . 
D 4 HOH 46 346 21 HOH HOH A . 
D 4 HOH 47 347 31 HOH HOH A . 
D 4 HOH 48 348 54 HOH HOH A . 
D 4 HOH 49 349 11 HOH HOH A . 
D 4 HOH 50 350 59 HOH HOH A . 
D 4 HOH 51 351 64 HOH HOH A . 
D 4 HOH 52 352 49 HOH HOH A . 
D 4 HOH 53 353 41 HOH HOH A . 
D 4 HOH 54 354 58 HOH HOH A . 
D 4 HOH 55 355 48 HOH HOH A . 
D 4 HOH 56 356 30 HOH HOH A . 
D 4 HOH 57 357 72 HOH HOH A . 
D 4 HOH 58 358 39 HOH HOH A . 
D 4 HOH 59 359 37 HOH HOH A . 
D 4 HOH 60 360 33 HOH HOH A . 
D 4 HOH 61 361 50 HOH HOH A . 
D 4 HOH 62 362 13 HOH HOH A . 
D 4 HOH 63 363 77 HOH HOH A . 
D 4 HOH 64 364 5  HOH HOH A . 
D 4 HOH 65 365 27 HOH HOH A . 
D 4 HOH 66 366 22 HOH HOH A . 
D 4 HOH 67 367 44 HOH HOH A . 
D 4 HOH 68 368 66 HOH HOH A . 
D 4 HOH 69 369 35 HOH HOH A . 
D 4 HOH 70 370 36 HOH HOH A . 
D 4 HOH 71 371 76 HOH HOH A . 
D 4 HOH 72 372 12 HOH HOH A . 
D 4 HOH 73 373 26 HOH HOH A . 
D 4 HOH 74 374 80 HOH HOH A . 
D 4 HOH 75 375 52 HOH HOH A . 
D 4 HOH 76 376 70 HOH HOH A . 
D 4 HOH 77 377 29 HOH HOH A . 
D 4 HOH 78 378 62 HOH HOH A . 
D 4 HOH 79 379 19 HOH HOH A . 
D 4 HOH 80 380 69 HOH HOH A . 
D 4 HOH 81 381 47 HOH HOH A . 
# 
loop_
_software.citation_id 
_software.classification 
_software.compiler_name 
_software.compiler_version 
_software.contact_author 
_software.contact_author_email 
_software.date 
_software.description 
_software.dependencies 
_software.hardware 
_software.language 
_software.location 
_software.mods 
_software.name 
_software.os 
_software.os_version 
_software.type 
_software.version 
_software.pdbx_ordinal 
? 'data scaling'    ? ? ? ? ? ? ? ? ? ? ? SCALA       ? ? ? .     1 
? phasing           ? ? ? ? ? ? ? ? ? ? ? PHASER      ? ? ? 2.1.4 2 
? refinement        ? ? ? ? ? ? ? ? ? ? ? REFMAC      ? ? ? .     3 
? 'data extraction' ? ? ? ? ? ? ? ? ? ? ? PDB_EXTRACT ? ? ? 3.15  4 
# 
_cell.angle_alpha                  90.000 
_cell.angle_alpha_esd              ? 
_cell.angle_beta                   118.000 
_cell.angle_beta_esd               ? 
_cell.angle_gamma                  90.000 
_cell.angle_gamma_esd              ? 
_cell.entry_id                     5BZP 
_cell.details                      ? 
_cell.formula_units_Z              ? 
_cell.length_a                     30.863 
_cell.length_a_esd                 ? 
_cell.length_b                     81.478 
_cell.length_b_esd                 ? 
_cell.length_c                     32.036 
_cell.length_c_esd                 ? 
_cell.volume                       ? 
_cell.volume_esd                   ? 
_cell.Z_PDB                        2 
_cell.reciprocal_angle_alpha       ? 
_cell.reciprocal_angle_beta        ? 
_cell.reciprocal_angle_gamma       ? 
_cell.reciprocal_angle_alpha_esd   ? 
_cell.reciprocal_angle_beta_esd    ? 
_cell.reciprocal_angle_gamma_esd   ? 
_cell.reciprocal_length_a          ? 
_cell.reciprocal_length_b          ? 
_cell.reciprocal_length_c          ? 
_cell.reciprocal_length_a_esd      ? 
_cell.reciprocal_length_b_esd      ? 
_cell.reciprocal_length_c_esd      ? 
_cell.pdbx_unique_axis             ? 
# 
_symmetry.entry_id                         5BZP 
_symmetry.cell_setting                     ? 
_symmetry.Int_Tables_number                4 
_symmetry.space_group_name_Hall            ? 
_symmetry.space_group_name_H-M             'P 1 21 1' 
_symmetry.pdbx_full_space_group_name_H-M   ? 
# 
_exptl.absorpt_coefficient_mu     ? 
_exptl.absorpt_correction_T_max   ? 
_exptl.absorpt_correction_T_min   ? 
_exptl.absorpt_correction_type    ? 
_exptl.absorpt_process_details    ? 
_exptl.entry_id                   5BZP 
_exptl.crystals_number            1 
_exptl.details                    ? 
_exptl.method                     'X-RAY DIFFRACTION' 
_exptl.method_details             ? 
# 
_exptl_crystal.colour                      ? 
_exptl_crystal.density_diffrn              ? 
_exptl_crystal.density_Matthews            2.13 
_exptl_crystal.density_method              ? 
_exptl_crystal.density_percent_sol         42.16 
_exptl_crystal.description                 ? 
_exptl_crystal.F_000                       ? 
_exptl_crystal.id                          1 
_exptl_crystal.preparation                 ? 
_exptl_crystal.size_max                    ? 
_exptl_crystal.size_mid                    ? 
_exptl_crystal.size_min                    ? 
_exptl_crystal.size_rad                    ? 
_exptl_crystal.colour_lustre               ? 
_exptl_crystal.colour_modifier             ? 
_exptl_crystal.colour_primary              ? 
_exptl_crystal.density_meas                ? 
_exptl_crystal.density_meas_esd            ? 
_exptl_crystal.density_meas_gt             ? 
_exptl_crystal.density_meas_lt             ? 
_exptl_crystal.density_meas_temp           ? 
_exptl_crystal.density_meas_temp_esd       ? 
_exptl_crystal.density_meas_temp_gt        ? 
_exptl_crystal.density_meas_temp_lt        ? 
_exptl_crystal.pdbx_crystal_image_url      ? 
_exptl_crystal.pdbx_crystal_image_format   ? 
_exptl_crystal.pdbx_mosaicity              ? 
_exptl_crystal.pdbx_mosaicity_esd          ? 
# 
_exptl_crystal_grow.apparatus       ? 
_exptl_crystal_grow.atmosphere      ? 
_exptl_crystal_grow.crystal_id      1 
_exptl_crystal_grow.details         ? 
_exptl_crystal_grow.method          'VAPOR DIFFUSION, HANGING DROP' 
_exptl_crystal_grow.method_ref      ? 
_exptl_crystal_grow.pH              6.5 
_exptl_crystal_grow.pressure        ? 
_exptl_crystal_grow.pressure_esd    ? 
_exptl_crystal_grow.seeding         ? 
_exptl_crystal_grow.seeding_ref     ? 
_exptl_crystal_grow.temp            298 
_exptl_crystal_grow.temp_details    ? 
_exptl_crystal_grow.temp_esd        ? 
_exptl_crystal_grow.time            ? 
_exptl_crystal_grow.pdbx_details    'PEG MME 5000, MES, (NH4)2SO4' 
_exptl_crystal_grow.pdbx_pH_range   ? 
# 
_diffrn.ambient_environment    ? 
_diffrn.ambient_temp           100 
_diffrn.ambient_temp_details   ? 
_diffrn.ambient_temp_esd       ? 
_diffrn.crystal_id             1 
_diffrn.crystal_support        ? 
_diffrn.crystal_treatment      ? 
_diffrn.details                ? 
_diffrn.id                     1 
_diffrn.ambient_pressure       ? 
_diffrn.ambient_pressure_esd   ? 
_diffrn.ambient_pressure_gt    ? 
_diffrn.ambient_pressure_lt    ? 
_diffrn.ambient_temp_gt        ? 
_diffrn.ambient_temp_lt        ? 
# 
_diffrn_detector.details                      ? 
_diffrn_detector.detector                     PIXEL 
_diffrn_detector.diffrn_id                    1 
_diffrn_detector.type                         'DECTRIS PILATUS 6M' 
_diffrn_detector.area_resol_mean              ? 
_diffrn_detector.dtime                        ? 
_diffrn_detector.pdbx_frames_total            ? 
_diffrn_detector.pdbx_collection_time_total   ? 
_diffrn_detector.pdbx_collection_date         2013-12-15 
# 
_diffrn_radiation.collimation                      ? 
_diffrn_radiation.diffrn_id                        1 
_diffrn_radiation.filter_edge                      ? 
_diffrn_radiation.inhomogeneity                    ? 
_diffrn_radiation.monochromator                    'Si(111)' 
_diffrn_radiation.polarisn_norm                    ? 
_diffrn_radiation.polarisn_ratio                   ? 
_diffrn_radiation.probe                            ? 
_diffrn_radiation.type                             ? 
_diffrn_radiation.xray_symbol                      ? 
_diffrn_radiation.wavelength_id                    1 
_diffrn_radiation.pdbx_monochromatic_or_laue_m_l   M 
_diffrn_radiation.pdbx_wavelength_list             ? 
_diffrn_radiation.pdbx_wavelength                  ? 
_diffrn_radiation.pdbx_diffrn_protocol             'SINGLE WAVELENGTH' 
_diffrn_radiation.pdbx_analyzer                    ? 
_diffrn_radiation.pdbx_scattering_type             x-ray 
# 
_diffrn_radiation_wavelength.id           1 
_diffrn_radiation_wavelength.wavelength   1.000 
_diffrn_radiation_wavelength.wt           1.0 
# 
_diffrn_source.current                     ? 
_diffrn_source.details                     ? 
_diffrn_source.diffrn_id                   1 
_diffrn_source.power                       ? 
_diffrn_source.size                        ? 
_diffrn_source.source                      SYNCHROTRON 
_diffrn_source.target                      ? 
_diffrn_source.type                        'APS BEAMLINE 17-ID' 
_diffrn_source.voltage                     ? 
_diffrn_source.take-off_angle              ? 
_diffrn_source.pdbx_wavelength_list        1.000 
_diffrn_source.pdbx_wavelength             ? 
_diffrn_source.pdbx_synchrotron_beamline   17-ID 
_diffrn_source.pdbx_synchrotron_site       APS 
# 
_reflns.B_iso_Wilson_estimate            ? 
_reflns.entry_id                         5BZP 
_reflns.data_reduction_details           ? 
_reflns.data_reduction_method            ? 
_reflns.d_resolution_high                1.230 
_reflns.d_resolution_low                 81.478 
_reflns.details                          ? 
_reflns.limit_h_max                      ? 
_reflns.limit_h_min                      ? 
_reflns.limit_k_max                      ? 
_reflns.limit_k_min                      ? 
_reflns.limit_l_max                      ? 
_reflns.limit_l_min                      ? 
_reflns.number_all                       ? 
_reflns.number_obs                       38734 
_reflns.observed_criterion               ? 
_reflns.observed_criterion_F_max         ? 
_reflns.observed_criterion_F_min         ? 
_reflns.observed_criterion_I_max         ? 
_reflns.observed_criterion_I_min         ? 
_reflns.observed_criterion_sigma_F       ? 
_reflns.observed_criterion_sigma_I       ? 
_reflns.percent_possible_obs             95.700 
_reflns.R_free_details                   ? 
_reflns.Rmerge_F_all                     ? 
_reflns.Rmerge_F_obs                     ? 
_reflns.Friedel_coverage                 ? 
_reflns.number_gt                        ? 
_reflns.threshold_expression             ? 
_reflns.pdbx_redundancy                  3.200 
_reflns.pdbx_Rmerge_I_obs                0.062 
_reflns.pdbx_Rmerge_I_all                ? 
_reflns.pdbx_Rsym_value                  ? 
_reflns.pdbx_netI_over_av_sigmaI         ? 
_reflns.pdbx_netI_over_sigmaI            11.5 
_reflns.pdbx_res_netI_over_av_sigmaI_2   ? 
_reflns.pdbx_res_netI_over_sigmaI_2      ? 
_reflns.pdbx_chi_squared                 ? 
_reflns.pdbx_scaling_rejects             ? 
_reflns.pdbx_d_res_high_opt              ? 
_reflns.pdbx_d_res_low_opt               ? 
_reflns.pdbx_d_res_opt_method            ? 
_reflns.phase_calculation_details        ? 
_reflns.pdbx_Rrim_I_all                  ? 
_reflns.pdbx_Rpim_I_all                  ? 
_reflns.pdbx_d_opt                       ? 
_reflns.pdbx_number_measured_all         124552 
_reflns.pdbx_diffrn_id                   1 
_reflns.pdbx_ordinal                     1 
_reflns.pdbx_CC_half                     ? 
_reflns.pdbx_R_split                     ? 
# 
loop_
_reflns_shell.d_res_high 
_reflns_shell.d_res_low 
_reflns_shell.meanI_over_sigI_all 
_reflns_shell.meanI_over_sigI_obs 
_reflns_shell.number_measured_all 
_reflns_shell.number_measured_obs 
_reflns_shell.number_possible 
_reflns_shell.number_unique_all 
_reflns_shell.number_unique_obs 
_reflns_shell.percent_possible_all 
_reflns_shell.percent_possible_obs 
_reflns_shell.Rmerge_F_all 
_reflns_shell.Rmerge_F_obs 
_reflns_shell.Rmerge_I_all 
_reflns_shell.Rmerge_I_obs 
_reflns_shell.meanI_over_sigI_gt 
_reflns_shell.meanI_over_uI_all 
_reflns_shell.meanI_over_uI_gt 
_reflns_shell.number_measured_gt 
_reflns_shell.number_unique_gt 
_reflns_shell.percent_possible_gt 
_reflns_shell.Rmerge_F_gt 
_reflns_shell.Rmerge_I_gt 
_reflns_shell.pdbx_redundancy 
_reflns_shell.pdbx_Rsym_value 
_reflns_shell.pdbx_chi_squared 
_reflns_shell.pdbx_netI_over_sigmaI_all 
_reflns_shell.pdbx_netI_over_sigmaI_obs 
_reflns_shell.pdbx_Rrim_I_all 
_reflns_shell.pdbx_Rpim_I_all 
_reflns_shell.pdbx_rejects 
_reflns_shell.pdbx_ordinal 
_reflns_shell.pdbx_diffrn_id 
_reflns_shell.pdbx_CC_half 
_reflns_shell.pdbx_R_split 
1.230 1.234  ? ? 1160 ? ? 380 ? 86.200 ? ? ? ? 0.439 ? ? ? ? ? ? ? ? 3.100 ? ? ? ? ? ? 0 1 1 ? ? 
5.709 81.478 ? ? 1296 ? ? 394 ? 92.500 ? ? ? ? 0.051 ? ? ? ? ? ? ? ? 3.300 ? ? ? ? ? ? 0 2 1 ? ? 
# 
_refine.aniso_B[1][1]                            -0.1700 
_refine.aniso_B[1][2]                            0.0000 
_refine.aniso_B[1][3]                            -0.4400 
_refine.aniso_B[2][2]                            0.3500 
_refine.aniso_B[2][3]                            0.0000 
_refine.aniso_B[3][3]                            -0.6000 
_refine.B_iso_max                                37.470 
_refine.B_iso_mean                               13.7760 
_refine.B_iso_min                                5.810 
_refine.correlation_coeff_Fo_to_Fc               0.9620 
_refine.correlation_coeff_Fo_to_Fc_free          0.9480 
_refine.details                                  
'HYDROGENS HAVE BEEN ADDED IN THE RIDING POSITIONS U VALUES      : REFINED INDIVIDUALLY' 
_refine.diff_density_max                         ? 
_refine.diff_density_max_esd                     ? 
_refine.diff_density_min                         ? 
_refine.diff_density_min_esd                     ? 
_refine.diff_density_rms                         ? 
_refine.diff_density_rms_esd                     ? 
_refine.entry_id                                 5BZP 
_refine.pdbx_refine_id                           'X-RAY DIFFRACTION' 
_refine.ls_abs_structure_details                 ? 
_refine.ls_abs_structure_Flack                   ? 
_refine.ls_abs_structure_Flack_esd               ? 
_refine.ls_abs_structure_Rogers                  ? 
_refine.ls_abs_structure_Rogers_esd              ? 
_refine.ls_d_res_high                            1.2300 
_refine.ls_d_res_low                             40.8700 
_refine.ls_extinction_coef                       ? 
_refine.ls_extinction_coef_esd                   ? 
_refine.ls_extinction_expression                 ? 
_refine.ls_extinction_method                     ? 
_refine.ls_goodness_of_fit_all                   ? 
_refine.ls_goodness_of_fit_all_esd               ? 
_refine.ls_goodness_of_fit_obs                   ? 
_refine.ls_goodness_of_fit_obs_esd               ? 
_refine.ls_hydrogen_treatment                    ? 
_refine.ls_matrix_type                           ? 
_refine.ls_number_constraints                    ? 
_refine.ls_number_parameters                     ? 
_refine.ls_number_reflns_all                     ? 
_refine.ls_number_reflns_obs                     36498 
_refine.ls_number_reflns_R_free                  1976 
_refine.ls_number_reflns_R_work                  ? 
_refine.ls_number_restraints                     ? 
_refine.ls_percent_reflns_obs                    95.6800 
_refine.ls_percent_reflns_R_free                 5.1000 
_refine.ls_R_factor_all                          ? 
_refine.ls_R_factor_obs                          0.1832 
_refine.ls_R_factor_R_free                       0.2057 
_refine.ls_R_factor_R_free_error                 ? 
_refine.ls_R_factor_R_free_error_details         ? 
_refine.ls_R_factor_R_work                       0.1820 
_refine.ls_R_Fsqd_factor_obs                     ? 
_refine.ls_R_I_factor_obs                        ? 
_refine.ls_redundancy_reflns_all                 ? 
_refine.ls_redundancy_reflns_obs                 ? 
_refine.ls_restrained_S_all                      ? 
_refine.ls_restrained_S_obs                      ? 
_refine.ls_shift_over_esd_max                    ? 
_refine.ls_shift_over_esd_mean                   ? 
_refine.ls_structure_factor_coef                 ? 
_refine.ls_weighting_details                     ? 
_refine.ls_weighting_scheme                      ? 
_refine.ls_wR_factor_all                         ? 
_refine.ls_wR_factor_obs                         ? 
_refine.ls_wR_factor_R_free                      0.2127 
_refine.ls_wR_factor_R_work                      0.1903 
_refine.occupancy_max                            ? 
_refine.occupancy_min                            ? 
_refine.solvent_model_details                    MASK 
_refine.solvent_model_param_bsol                 ? 
_refine.solvent_model_param_ksol                 ? 
_refine.ls_R_factor_gt                           ? 
_refine.ls_goodness_of_fit_gt                    ? 
_refine.ls_goodness_of_fit_ref                   ? 
_refine.ls_shift_over_su_max                     ? 
_refine.ls_shift_over_su_max_lt                  ? 
_refine.ls_shift_over_su_mean                    ? 
_refine.ls_shift_over_su_mean_lt                 ? 
_refine.pdbx_ls_sigma_I                          ? 
_refine.pdbx_ls_sigma_F                          0.000 
_refine.pdbx_ls_sigma_Fsqd                       ? 
_refine.pdbx_data_cutoff_high_absF               ? 
_refine.pdbx_data_cutoff_high_rms_absF           ? 
_refine.pdbx_data_cutoff_low_absF                ? 
_refine.pdbx_isotropic_thermal_model             ? 
_refine.pdbx_ls_cross_valid_method               THROUGHOUT 
_refine.pdbx_method_to_determine_struct          'MOLECULAR REPLACEMENT' 
_refine.pdbx_starting_model                      ? 
_refine.pdbx_stereochemistry_target_values       'MAXIMUM LIKELIHOOD' 
_refine.pdbx_R_Free_selection_details            RANDOM 
_refine.pdbx_stereochem_target_val_spec_case     ? 
_refine.pdbx_overall_ESU_R                       0.0480 
_refine.pdbx_overall_ESU_R_Free                  0.0500 
_refine.pdbx_solvent_vdw_probe_radii             1.4000 
_refine.pdbx_solvent_ion_probe_radii             0.8000 
_refine.pdbx_solvent_shrinkage_radii             0.8000 
_refine.pdbx_real_space_R                        ? 
_refine.pdbx_density_correlation                 ? 
_refine.pdbx_pd_number_of_powder_patterns        ? 
_refine.pdbx_pd_number_of_points                 ? 
_refine.pdbx_pd_meas_number_of_points            ? 
_refine.pdbx_pd_proc_ls_prof_R_factor            ? 
_refine.pdbx_pd_proc_ls_prof_wR_factor           ? 
_refine.pdbx_pd_Marquardt_correlation_coeff      ? 
_refine.pdbx_pd_Fsqrd_R_factor                   ? 
_refine.pdbx_pd_ls_matrix_band_width             ? 
_refine.pdbx_overall_phase_error                 ? 
_refine.pdbx_overall_SU_R_free_Cruickshank_DPI   ? 
_refine.pdbx_overall_SU_R_free_Blow_DPI          ? 
_refine.pdbx_overall_SU_R_Blow_DPI               ? 
_refine.pdbx_TLS_residual_ADP_flag               ? 
_refine.pdbx_diffrn_id                           1 
_refine.overall_SU_B                             0.7170 
_refine.overall_SU_ML                            0.0330 
_refine.overall_SU_R_Cruickshank_DPI             0.0482 
_refine.overall_SU_R_free                        0.0503 
_refine.overall_FOM_free_R_set                   ? 
_refine.overall_FOM_work_R_set                   0.8797 
_refine.pdbx_average_fsc_overall                 ? 
_refine.pdbx_average_fsc_work                    ? 
_refine.pdbx_average_fsc_free                    ? 
# 
_refine_hist.cycle_id                         final 
_refine_hist.pdbx_refine_id                   'X-RAY DIFFRACTION' 
_refine_hist.d_res_high                       1.2300 
_refine_hist.d_res_low                        40.8700 
_refine_hist.pdbx_number_atoms_ligand         21 
_refine_hist.number_atoms_solvent             81 
_refine_hist.number_atoms_total               1273 
_refine_hist.pdbx_number_residues_total       150 
_refine_hist.pdbx_B_iso_mean_ligand           19.11 
_refine_hist.pdbx_B_iso_mean_solvent          20.08 
_refine_hist.pdbx_number_atoms_protein        1171 
_refine_hist.pdbx_number_atoms_nucleic_acid   0 
# 
loop_
_refine_ls_restr.pdbx_refine_id 
_refine_ls_restr.criterion 
_refine_ls_restr.dev_ideal 
_refine_ls_restr.dev_ideal_target 
_refine_ls_restr.number 
_refine_ls_restr.rejects 
_refine_ls_restr.type 
_refine_ls_restr.weight 
_refine_ls_restr.pdbx_restraint_function 
'X-RAY DIFFRACTION' ? 0.011  0.021  1303 ? r_bond_refined_d       ? ? 
'X-RAY DIFFRACTION' ? 1.452  1.954  1789 ? r_angle_refined_deg    ? ? 
'X-RAY DIFFRACTION' ? 7.739  5.000  167  ? r_dihedral_angle_1_deg ? ? 
'X-RAY DIFFRACTION' ? 35.379 24.286 63   ? r_dihedral_angle_2_deg ? ? 
'X-RAY DIFFRACTION' ? 11.371 15.000 201  ? r_dihedral_angle_3_deg ? ? 
'X-RAY DIFFRACTION' ? 18.421 15.000 8    ? r_dihedral_angle_4_deg ? ? 
'X-RAY DIFFRACTION' ? 0.089  0.200  196  ? r_chiral_restr         ? ? 
'X-RAY DIFFRACTION' ? 0.008  0.021  1033 ? r_gen_planes_refined   ? ? 
'X-RAY DIFFRACTION' ? 0.792  1.500  802  ? r_mcbond_it            ? ? 
'X-RAY DIFFRACTION' ? 1.471  2.000  1320 ? r_mcangle_it           ? ? 
'X-RAY DIFFRACTION' ? 2.201  3.000  501  ? r_scbond_it            ? ? 
'X-RAY DIFFRACTION' ? 3.554  4.500  469  ? r_scangle_it           ? ? 
# 
_refine_ls_shell.pdbx_refine_id                   'X-RAY DIFFRACTION' 
_refine_ls_shell.d_res_high                       1.2330 
_refine_ls_shell.d_res_low                        1.2650 
_refine_ls_shell.number_reflns_all                2709 
_refine_ls_shell.number_reflns_obs                ? 
_refine_ls_shell.number_reflns_R_free             143 
_refine_ls_shell.number_reflns_R_work             2566 
_refine_ls_shell.percent_reflns_obs               92.6800 
_refine_ls_shell.percent_reflns_R_free            ? 
_refine_ls_shell.R_factor_all                     ? 
_refine_ls_shell.R_factor_obs                     ? 
_refine_ls_shell.R_factor_R_free                  0.2580 
_refine_ls_shell.R_factor_R_free_error            ? 
_refine_ls_shell.R_factor_R_work                  0.2560 
_refine_ls_shell.redundancy_reflns_all            ? 
_refine_ls_shell.redundancy_reflns_obs            ? 
_refine_ls_shell.wR_factor_all                    ? 
_refine_ls_shell.wR_factor_obs                    ? 
_refine_ls_shell.wR_factor_R_free                 ? 
_refine_ls_shell.wR_factor_R_work                 ? 
_refine_ls_shell.pdbx_total_number_of_bins_used   20 
_refine_ls_shell.pdbx_phase_error                 ? 
_refine_ls_shell.pdbx_fsc_work                    ? 
_refine_ls_shell.pdbx_fsc_free                    ? 
# 
_struct.entry_id                     5BZP 
_struct.title                        'Crystal structure of the murine cd44 hyaluronan binding domain complex with a small molecule' 
_struct.pdbx_model_details           ? 
_struct.pdbx_formula_weight          ? 
_struct.pdbx_formula_weight_method   ? 
_struct.pdbx_model_type_details      ? 
_struct.pdbx_CASP_flag               ? 
# 
_struct_keywords.entry_id        5BZP 
_struct_keywords.text            'Link module, PROTEIN BINDING' 
_struct_keywords.pdbx_keywords   'PROTEIN BINDING' 
# 
loop_
_struct_asym.id 
_struct_asym.pdbx_blank_PDB_chainid_flag 
_struct_asym.pdbx_modified 
_struct_asym.entity_id 
_struct_asym.details 
A N N 1 ? 
B N N 2 ? 
C N N 3 ? 
D N N 4 ? 
# 
_struct_ref.id                         1 
_struct_ref.db_name                    UNP 
_struct_ref.db_code                    CD44_MOUSE 
_struct_ref.pdbx_db_accession          P15379 
_struct_ref.pdbx_db_isoform            ? 
_struct_ref.entity_id                  1 
_struct_ref.pdbx_seq_one_letter_code   
;HQQIDLNVTCRYAGVFHVEKNGRYSISRTEAADLCQAFNSTLPTMDQMKLALSKGFETCRYGFIEGNVVIPRIHPNAICA
ANHTGVYILVTSNTSHYDTYCFNASAPPEEDCTSVTDLPNSFDGPVTITIVNRDGTRYSKKGEYRTHQEDI
;
_struct_ref.pdbx_align_begin           21 
# 
_struct_ref_seq.align_id                      1 
_struct_ref_seq.ref_id                        1 
_struct_ref_seq.pdbx_PDB_id_code              5BZP 
_struct_ref_seq.pdbx_strand_id                A 
_struct_ref_seq.seq_align_beg                 1 
_struct_ref_seq.pdbx_seq_align_beg_ins_code   ? 
_struct_ref_seq.seq_align_end                 151 
_struct_ref_seq.pdbx_seq_align_end_ins_code   ? 
_struct_ref_seq.pdbx_db_accession             P15379 
_struct_ref_seq.db_align_beg                  21 
_struct_ref_seq.pdbx_db_align_beg_ins_code    ? 
_struct_ref_seq.db_align_end                  171 
_struct_ref_seq.pdbx_db_align_end_ins_code    ? 
_struct_ref_seq.pdbx_auth_seq_align_beg       23 
_struct_ref_seq.pdbx_auth_seq_align_end       173 
# 
loop_
_struct_ref_seq_dif.align_id 
_struct_ref_seq_dif.pdbx_pdb_id_code 
_struct_ref_seq_dif.mon_id 
_struct_ref_seq_dif.pdbx_pdb_strand_id 
_struct_ref_seq_dif.seq_num 
_struct_ref_seq_dif.pdbx_pdb_ins_code 
_struct_ref_seq_dif.pdbx_seq_db_name 
_struct_ref_seq_dif.pdbx_seq_db_accession_code 
_struct_ref_seq_dif.db_mon_id 
_struct_ref_seq_dif.pdbx_seq_db_seq_num 
_struct_ref_seq_dif.details 
_struct_ref_seq_dif.pdbx_auth_seq_num 
_struct_ref_seq_dif.pdbx_ordinal 
1 5BZP MET A 1 ? UNP P15379 HIS 21 'engineered mutation' 23 1 
1 5BZP ASN A 2 ? UNP P15379 GLN 22 'engineered mutation' 24 2 
# 
_pdbx_struct_assembly.id                   1 
_pdbx_struct_assembly.details              author_and_software_defined_assembly 
_pdbx_struct_assembly.method_details       PISA 
_pdbx_struct_assembly.oligomeric_details   monomeric 
_pdbx_struct_assembly.oligomeric_count     1 
# 
_pdbx_struct_assembly_gen.assembly_id       1 
_pdbx_struct_assembly_gen.oper_expression   1 
_pdbx_struct_assembly_gen.asym_id_list      A,B,C,D 
# 
_pdbx_struct_oper_list.id                   1 
_pdbx_struct_oper_list.type                 'identity operation' 
_pdbx_struct_oper_list.name                 1_555 
_pdbx_struct_oper_list.symmetry_operation   x,y,z 
_pdbx_struct_oper_list.matrix[1][1]         1.0000000000 
_pdbx_struct_oper_list.matrix[1][2]         0.0000000000 
_pdbx_struct_oper_list.matrix[1][3]         0.0000000000 
_pdbx_struct_oper_list.vector[1]            0.0000000000 
_pdbx_struct_oper_list.matrix[2][1]         0.0000000000 
_pdbx_struct_oper_list.matrix[2][2]         1.0000000000 
_pdbx_struct_oper_list.matrix[2][3]         0.0000000000 
_pdbx_struct_oper_list.vector[2]            0.0000000000 
_pdbx_struct_oper_list.matrix[3][1]         0.0000000000 
_pdbx_struct_oper_list.matrix[3][2]         0.0000000000 
_pdbx_struct_oper_list.matrix[3][3]         1.0000000000 
_pdbx_struct_oper_list.vector[3]            0.0000000000 
# 
loop_
_struct_conf.conf_type_id 
_struct_conf.id 
_struct_conf.pdbx_PDB_helix_id 
_struct_conf.beg_label_comp_id 
_struct_conf.beg_label_asym_id 
_struct_conf.beg_label_seq_id 
_struct_conf.pdbx_beg_PDB_ins_code 
_struct_conf.end_label_comp_id 
_struct_conf.end_label_asym_id 
_struct_conf.end_label_seq_id 
_struct_conf.pdbx_end_PDB_ins_code 
_struct_conf.beg_auth_comp_id 
_struct_conf.beg_auth_asym_id 
_struct_conf.beg_auth_seq_id 
_struct_conf.end_auth_comp_id 
_struct_conf.end_auth_asym_id 
_struct_conf.end_auth_seq_id 
_struct_conf.pdbx_PDB_helix_class 
_struct_conf.details 
_struct_conf.pdbx_PDB_helix_length 
HELX_P HELX_P1 AA1 SER A 27  ? PHE A 38  ? SER A 49  PHE A 60  1 ? 12 
HELX_P HELX_P2 AA2 THR A 44  ? LYS A 54  ? THR A 66  LYS A 76  1 ? 11 
HELX_P HELX_P3 AA3 CYS A 79  ? HIS A 83  ? CYS A 101 HIS A 105 5 ? 5  
HELX_P HELX_P4 AA4 HIS A 147 ? ILE A 151 ? HIS A 169 ILE A 173 5 ? 5  
# 
_struct_conf_type.id          HELX_P 
_struct_conf_type.criteria    ? 
_struct_conf_type.reference   ? 
# 
loop_
_struct_conn.id 
_struct_conn.conn_type_id 
_struct_conn.pdbx_leaving_atom_flag 
_struct_conn.pdbx_PDB_id 
_struct_conn.ptnr1_label_asym_id 
_struct_conn.ptnr1_label_comp_id 
_struct_conn.ptnr1_label_seq_id 
_struct_conn.ptnr1_label_atom_id 
_struct_conn.pdbx_ptnr1_label_alt_id 
_struct_conn.pdbx_ptnr1_PDB_ins_code 
_struct_conn.pdbx_ptnr1_standard_comp_id 
_struct_conn.ptnr1_symmetry 
_struct_conn.ptnr2_label_asym_id 
_struct_conn.ptnr2_label_comp_id 
_struct_conn.ptnr2_label_seq_id 
_struct_conn.ptnr2_label_atom_id 
_struct_conn.pdbx_ptnr2_label_alt_id 
_struct_conn.pdbx_ptnr2_PDB_ins_code 
_struct_conn.ptnr1_auth_asym_id 
_struct_conn.ptnr1_auth_comp_id 
_struct_conn.ptnr1_auth_seq_id 
_struct_conn.ptnr2_auth_asym_id 
_struct_conn.ptnr2_auth_comp_id 
_struct_conn.ptnr2_auth_seq_id 
_struct_conn.ptnr2_symmetry 
_struct_conn.pdbx_ptnr3_label_atom_id 
_struct_conn.pdbx_ptnr3_label_seq_id 
_struct_conn.pdbx_ptnr3_label_comp_id 
_struct_conn.pdbx_ptnr3_label_asym_id 
_struct_conn.pdbx_ptnr3_label_alt_id 
_struct_conn.pdbx_ptnr3_PDB_ins_code 
_struct_conn.details 
_struct_conn.pdbx_dist_value 
_struct_conn.pdbx_value_order 
_struct_conn.pdbx_role 
disulf1 disulf ? ? A CYS 10 SG ? ? ? 1_555 A CYS 112 SG ? ? A CYS 32 A CYS 134 1_555 ? ? ? ? ? ? ? 2.053 ? ? 
disulf2 disulf ? ? A CYS 35 SG ? ? ? 1_555 A CYS 101 SG ? ? A CYS 57 A CYS 123 1_555 ? ? ? ? ? ? ? 2.089 ? ? 
disulf3 disulf ? ? A CYS 59 SG ? ? ? 1_555 A CYS 79  SG ? ? A CYS 81 A CYS 101 1_555 ? ? ? ? ? ? ? 2.040 ? ? 
# 
_struct_conn_type.id          disulf 
_struct_conn_type.criteria    ? 
_struct_conn_type.reference   ? 
# 
loop_
_pdbx_modification_feature.ordinal 
_pdbx_modification_feature.label_comp_id 
_pdbx_modification_feature.label_asym_id 
_pdbx_modification_feature.label_seq_id 
_pdbx_modification_feature.label_alt_id 
_pdbx_modification_feature.modified_residue_label_comp_id 
_pdbx_modification_feature.modified_residue_label_asym_id 
_pdbx_modification_feature.modified_residue_label_seq_id 
_pdbx_modification_feature.modified_residue_label_alt_id 
_pdbx_modification_feature.auth_comp_id 
_pdbx_modification_feature.auth_asym_id 
_pdbx_modification_feature.auth_seq_id 
_pdbx_modification_feature.PDB_ins_code 
_pdbx_modification_feature.symmetry 
_pdbx_modification_feature.modified_residue_auth_comp_id 
_pdbx_modification_feature.modified_residue_auth_asym_id 
_pdbx_modification_feature.modified_residue_auth_seq_id 
_pdbx_modification_feature.modified_residue_PDB_ins_code 
_pdbx_modification_feature.modified_residue_symmetry 
_pdbx_modification_feature.comp_id_linking_atom 
_pdbx_modification_feature.modified_residue_id_linking_atom 
_pdbx_modification_feature.modified_residue_id 
_pdbx_modification_feature.ref_pcm_id 
_pdbx_modification_feature.ref_comp_id 
_pdbx_modification_feature.type 
_pdbx_modification_feature.category 
1 CYS A 10 ? CYS A 112 ? CYS A 32 ? 1_555 CYS A 134 ? 1_555 SG SG . . . None 'Disulfide bridge' 
2 CYS A 35 ? CYS A 101 ? CYS A 57 ? 1_555 CYS A 123 ? 1_555 SG SG . . . None 'Disulfide bridge' 
3 CYS A 59 ? CYS A 79  ? CYS A 81 ? 1_555 CYS A 101 ? 1_555 SG SG . . . None 'Disulfide bridge' 
# 
loop_
_struct_sheet.id 
_struct_sheet.type 
_struct_sheet.number_strands 
_struct_sheet.details 
AA1 ? 8 ? 
AA2 ? 2 ? 
# 
loop_
_struct_sheet_order.sheet_id 
_struct_sheet_order.range_id_1 
_struct_sheet_order.range_id_2 
_struct_sheet_order.offset 
_struct_sheet_order.sense 
AA1 1 2 ? anti-parallel 
AA1 2 3 ? anti-parallel 
AA1 3 4 ? parallel      
AA1 4 5 ? anti-parallel 
AA1 5 6 ? anti-parallel 
AA1 6 7 ? parallel      
AA1 7 8 ? anti-parallel 
AA2 1 2 ? anti-parallel 
# 
loop_
_struct_sheet_range.sheet_id 
_struct_sheet_range.id 
_struct_sheet_range.beg_label_comp_id 
_struct_sheet_range.beg_label_asym_id 
_struct_sheet_range.beg_label_seq_id 
_struct_sheet_range.pdbx_beg_PDB_ins_code 
_struct_sheet_range.end_label_comp_id 
_struct_sheet_range.end_label_asym_id 
_struct_sheet_range.end_label_seq_id 
_struct_sheet_range.pdbx_end_PDB_ins_code 
_struct_sheet_range.beg_auth_comp_id 
_struct_sheet_range.beg_auth_asym_id 
_struct_sheet_range.beg_auth_seq_id 
_struct_sheet_range.end_auth_comp_id 
_struct_sheet_range.end_auth_asym_id 
_struct_sheet_range.end_auth_seq_id 
AA1 1 GLY A 85  ? ILE A 88  ? GLY A 107 ILE A 110 
AA1 2 VAL A 68  ? ARG A 72  ? VAL A 90  ARG A 94  
AA1 3 GLY A 62  ? PHE A 63  ? GLY A 84  PHE A 85  
AA1 4 ASP A 98  ? PHE A 102 ? ASP A 120 PHE A 124 
AA1 5 VAL A 15  ? LYS A 20  ? VAL A 37  LYS A 42  
AA1 6 GLN A 3   ? VAL A 8   ? GLN A 25  VAL A 30  
AA1 7 PHE A 122 ? ASN A 132 ? PHE A 144 ASN A 154 
AA1 8 ARG A 137 ? GLU A 143 ? ARG A 159 GLU A 165 
AA2 1 ARG A 11  ? TYR A 12  ? ARG A 33  TYR A 34  
AA2 2 GLU A 110 ? ASP A 111 ? GLU A 132 ASP A 133 
# 
loop_
_pdbx_struct_sheet_hbond.sheet_id 
_pdbx_struct_sheet_hbond.range_id_1 
_pdbx_struct_sheet_hbond.range_id_2 
_pdbx_struct_sheet_hbond.range_1_label_atom_id 
_pdbx_struct_sheet_hbond.range_1_label_comp_id 
_pdbx_struct_sheet_hbond.range_1_label_asym_id 
_pdbx_struct_sheet_hbond.range_1_label_seq_id 
_pdbx_struct_sheet_hbond.range_1_PDB_ins_code 
_pdbx_struct_sheet_hbond.range_1_auth_atom_id 
_pdbx_struct_sheet_hbond.range_1_auth_comp_id 
_pdbx_struct_sheet_hbond.range_1_auth_asym_id 
_pdbx_struct_sheet_hbond.range_1_auth_seq_id 
_pdbx_struct_sheet_hbond.range_2_label_atom_id 
_pdbx_struct_sheet_hbond.range_2_label_comp_id 
_pdbx_struct_sheet_hbond.range_2_label_asym_id 
_pdbx_struct_sheet_hbond.range_2_label_seq_id 
_pdbx_struct_sheet_hbond.range_2_PDB_ins_code 
_pdbx_struct_sheet_hbond.range_2_auth_atom_id 
_pdbx_struct_sheet_hbond.range_2_auth_comp_id 
_pdbx_struct_sheet_hbond.range_2_auth_asym_id 
_pdbx_struct_sheet_hbond.range_2_auth_seq_id 
AA1 1 2 O GLY A 85  ? O GLY A 107 N ARG A 72  ? N ARG A 94  
AA1 2 3 O VAL A 69  ? O VAL A 91  N GLY A 62  ? N GLY A 84  
AA1 3 4 N PHE A 63  ? N PHE A 85  O TYR A 100 ? O TYR A 122 
AA1 4 5 O THR A 99  ? O THR A 121 N VAL A 18  ? N VAL A 40  
AA1 5 6 O GLU A 19  ? O GLU A 41  N ASN A 7   ? N ASN A 29  
AA1 6 7 N LEU A 6   ? N LEU A 28  O THR A 129 ? O THR A 151 
AA1 7 8 N ILE A 128 ? N ILE A 150 O LYS A 140 ? O LYS A 162 
AA2 1 2 N ARG A 11  ? N ARG A 33  O ASP A 111 ? O ASP A 133 
# 
loop_
_struct_site.id 
_struct_site.pdbx_evidence_code 
_struct_site.pdbx_auth_asym_id 
_struct_site.pdbx_auth_comp_id 
_struct_site.pdbx_auth_seq_id 
_struct_site.pdbx_auth_ins_code 
_struct_site.pdbx_num_residues 
_struct_site.details 
AC1 Software A 4XG 201 ? 12 'binding site for residue 4XG A 201' 
AC2 Software A DMS 202 ? 10 'binding site for residue DMS A 202' 
# 
loop_
_struct_site_gen.id 
_struct_site_gen.site_id 
_struct_site_gen.pdbx_num_res 
_struct_site_gen.label_comp_id 
_struct_site_gen.label_asym_id 
_struct_site_gen.label_seq_id 
_struct_site_gen.pdbx_auth_ins_code 
_struct_site_gen.auth_comp_id 
_struct_site_gen.auth_asym_id 
_struct_site_gen.auth_seq_id 
_struct_site_gen.label_atom_id 
_struct_site_gen.label_alt_id 
_struct_site_gen.symmetry 
_struct_site_gen.details 
1  AC1 12 ASN A 7   ? ASN A 29  . ? 1_555 ? 
2  AC1 12 VAL A 8   ? VAL A 30  . ? 1_555 ? 
3  AC1 12 THR A 9   ? THR A 31  . ? 1_555 ? 
4  AC1 12 GLU A 19  ? GLU A 41  . ? 1_555 ? 
5  AC1 12 GLY A 22  ? GLY A 44  . ? 1_555 ? 
6  AC1 12 ASP A 46  ? ASP A 68  . ? 1_655 ? 
7  AC1 12 ARG A 60  ? ARG A 82  . ? 1_555 ? 
8  AC1 12 VAL A 131 ? VAL A 153 . ? 1_555 ? 
9  AC1 12 ASN A 132 ? ASN A 154 . ? 1_555 ? 
10 AC1 12 ARG A 133 ? ARG A 155 . ? 1_555 ? 
11 AC1 12 HOH D .   ? HOH A 349 . ? 1_555 ? 
12 AC1 12 HOH D .   ? HOH A 369 . ? 1_555 ? 
13 AC2 10 CYS A 10  ? CYS A 32  . ? 1_555 ? 
14 AC2 10 GLY A 66  ? GLY A 88  . ? 1_554 ? 
15 AC2 10 ASN A 67  ? ASN A 89  . ? 1_554 ? 
16 AC2 10 CYS A 112 ? CYS A 134 . ? 1_555 ? 
17 AC2 10 THR A 113 ? THR A 135 . ? 1_555 ? 
18 AC2 10 SER A 114 ? SER A 136 . ? 1_555 ? 
19 AC2 10 ARG A 133 ? ARG A 155 . ? 1_555 ? 
20 AC2 10 ASP A 134 ? ASP A 156 . ? 1_555 ? 
21 AC2 10 HOH D .   ? HOH A 316 . ? 1_555 ? 
22 AC2 10 HOH D .   ? HOH A 320 . ? 1_555 ? 
# 
_pdbx_entry_details.entry_id                   5BZP 
_pdbx_entry_details.compound_details           ? 
_pdbx_entry_details.source_details             ? 
_pdbx_entry_details.nonpolymer_details         ? 
_pdbx_entry_details.sequence_details           ? 
_pdbx_entry_details.has_ligand_of_interest     ? 
_pdbx_entry_details.has_protein_modification   Y 
# 
_pdbx_validate_close_contact.id               1 
_pdbx_validate_close_contact.PDB_model_num    1 
_pdbx_validate_close_contact.auth_atom_id_1   OE1 
_pdbx_validate_close_contact.auth_asym_id_1   A 
_pdbx_validate_close_contact.auth_comp_id_1   GLU 
_pdbx_validate_close_contact.auth_seq_id_1    52 
_pdbx_validate_close_contact.PDB_ins_code_1   ? 
_pdbx_validate_close_contact.label_alt_id_1   ? 
_pdbx_validate_close_contact.auth_atom_id_2   O 
_pdbx_validate_close_contact.auth_asym_id_2   A 
_pdbx_validate_close_contact.auth_comp_id_2   HOH 
_pdbx_validate_close_contact.auth_seq_id_2    301 
_pdbx_validate_close_contact.PDB_ins_code_2   ? 
_pdbx_validate_close_contact.label_alt_id_2   ? 
_pdbx_validate_close_contact.dist             2.04 
# 
loop_
_pdbx_validate_rmsd_angle.id 
_pdbx_validate_rmsd_angle.PDB_model_num 
_pdbx_validate_rmsd_angle.auth_atom_id_1 
_pdbx_validate_rmsd_angle.auth_asym_id_1 
_pdbx_validate_rmsd_angle.auth_comp_id_1 
_pdbx_validate_rmsd_angle.auth_seq_id_1 
_pdbx_validate_rmsd_angle.PDB_ins_code_1 
_pdbx_validate_rmsd_angle.label_alt_id_1 
_pdbx_validate_rmsd_angle.auth_atom_id_2 
_pdbx_validate_rmsd_angle.auth_asym_id_2 
_pdbx_validate_rmsd_angle.auth_comp_id_2 
_pdbx_validate_rmsd_angle.auth_seq_id_2 
_pdbx_validate_rmsd_angle.PDB_ins_code_2 
_pdbx_validate_rmsd_angle.label_alt_id_2 
_pdbx_validate_rmsd_angle.auth_atom_id_3 
_pdbx_validate_rmsd_angle.auth_asym_id_3 
_pdbx_validate_rmsd_angle.auth_comp_id_3 
_pdbx_validate_rmsd_angle.auth_seq_id_3 
_pdbx_validate_rmsd_angle.PDB_ins_code_3 
_pdbx_validate_rmsd_angle.label_alt_id_3 
_pdbx_validate_rmsd_angle.angle_value 
_pdbx_validate_rmsd_angle.angle_target_value 
_pdbx_validate_rmsd_angle.angle_deviation 
_pdbx_validate_rmsd_angle.angle_standard_deviation 
_pdbx_validate_rmsd_angle.linker_flag 
1 1 NE A ARG 33  ? ? CZ A ARG 33  ? ? NH1 A ARG 33  ? ? 117.26 120.30 -3.04 0.50 N 
2 1 NE A ARG 159 ? ? CZ A ARG 159 ? ? NH2 A ARG 159 ? ? 117.05 120.30 -3.25 0.50 N 
# 
loop_
_pdbx_validate_torsion.id 
_pdbx_validate_torsion.PDB_model_num 
_pdbx_validate_torsion.auth_comp_id 
_pdbx_validate_torsion.auth_asym_id 
_pdbx_validate_torsion.auth_seq_id 
_pdbx_validate_torsion.PDB_ins_code 
_pdbx_validate_torsion.label_alt_id 
_pdbx_validate_torsion.phi 
_pdbx_validate_torsion.psi 
1 1 CYS A 32  ? ? -49.05  152.82  
2 1 SER A 47  ? ? -160.05 12.64   
3 1 GLU A 87  ? A -66.81  92.37   
4 1 GLU A 131 ? ? -118.91 -132.60 
5 1 LEU A 140 ? ? -119.15 77.92   
# 
_phasing.method   MR 
# 
_pdbx_unobs_or_zero_occ_residues.id               1 
_pdbx_unobs_or_zero_occ_residues.PDB_model_num    1 
_pdbx_unobs_or_zero_occ_residues.polymer_flag     Y 
_pdbx_unobs_or_zero_occ_residues.occupancy_flag   1 
_pdbx_unobs_or_zero_occ_residues.auth_asym_id     A 
_pdbx_unobs_or_zero_occ_residues.auth_comp_id     MET 
_pdbx_unobs_or_zero_occ_residues.auth_seq_id      23 
_pdbx_unobs_or_zero_occ_residues.PDB_ins_code     ? 
_pdbx_unobs_or_zero_occ_residues.label_asym_id    A 
_pdbx_unobs_or_zero_occ_residues.label_comp_id    MET 
_pdbx_unobs_or_zero_occ_residues.label_seq_id     1 
# 
loop_
_chem_comp_atom.comp_id 
_chem_comp_atom.atom_id 
_chem_comp_atom.type_symbol 
_chem_comp_atom.pdbx_aromatic_flag 
_chem_comp_atom.pdbx_stereo_config 
_chem_comp_atom.pdbx_ordinal 
4XG CAK  C N N 1   
4XG CAH  C N N 2   
4XG CAN  C Y N 3   
4XG CAF  C Y N 4   
4XG CAD  C Y N 5   
4XG CAE  C Y N 6   
4XG CAM  C Y N 7   
4XG NAC  N N N 8   
4XG CAO  C Y N 9   
4XG CAL  C N N 10  
4XG NAQ  N N N 11  
4XG CAJ  C N N 12  
4XG CAG  C N N 13  
4XG CAI  C N N 14  
4XG NAP  N N N 15  
4XG CAB  C N N 16  
4XG CAA  C N N 17  
4XG H1   H N N 18  
4XG H2   H N N 19  
4XG H3   H N N 20  
4XG H4   H N N 21  
4XG H5   H N N 22  
4XG H6   H N N 23  
4XG H7   H N N 24  
4XG H8   H N N 25  
4XG H9   H N N 26  
4XG H10  H N N 27  
4XG H11  H N N 28  
4XG H13  H N N 29  
4XG H14  H N N 30  
4XG H15  H N N 31  
4XG H16  H N N 32  
4XG H17  H N N 33  
4XG H18  H N N 34  
4XG H20  H N N 35  
4XG H21  H N N 36  
4XG H22  H N N 37  
4XG H23  H N N 38  
4XG H24  H N N 39  
4XG H25  H N N 40  
ALA N    N N N 41  
ALA CA   C N S 42  
ALA C    C N N 43  
ALA O    O N N 44  
ALA CB   C N N 45  
ALA OXT  O N N 46  
ALA H    H N N 47  
ALA H2   H N N 48  
ALA HA   H N N 49  
ALA HB1  H N N 50  
ALA HB2  H N N 51  
ALA HB3  H N N 52  
ALA HXT  H N N 53  
ARG N    N N N 54  
ARG CA   C N S 55  
ARG C    C N N 56  
ARG O    O N N 57  
ARG CB   C N N 58  
ARG CG   C N N 59  
ARG CD   C N N 60  
ARG NE   N N N 61  
ARG CZ   C N N 62  
ARG NH1  N N N 63  
ARG NH2  N N N 64  
ARG OXT  O N N 65  
ARG H    H N N 66  
ARG H2   H N N 67  
ARG HA   H N N 68  
ARG HB2  H N N 69  
ARG HB3  H N N 70  
ARG HG2  H N N 71  
ARG HG3  H N N 72  
ARG HD2  H N N 73  
ARG HD3  H N N 74  
ARG HE   H N N 75  
ARG HH11 H N N 76  
ARG HH12 H N N 77  
ARG HH21 H N N 78  
ARG HH22 H N N 79  
ARG HXT  H N N 80  
ASN N    N N N 81  
ASN CA   C N S 82  
ASN C    C N N 83  
ASN O    O N N 84  
ASN CB   C N N 85  
ASN CG   C N N 86  
ASN OD1  O N N 87  
ASN ND2  N N N 88  
ASN OXT  O N N 89  
ASN H    H N N 90  
ASN H2   H N N 91  
ASN HA   H N N 92  
ASN HB2  H N N 93  
ASN HB3  H N N 94  
ASN HD21 H N N 95  
ASN HD22 H N N 96  
ASN HXT  H N N 97  
ASP N    N N N 98  
ASP CA   C N S 99  
ASP C    C N N 100 
ASP O    O N N 101 
ASP CB   C N N 102 
ASP CG   C N N 103 
ASP OD1  O N N 104 
ASP OD2  O N N 105 
ASP OXT  O N N 106 
ASP H    H N N 107 
ASP H2   H N N 108 
ASP HA   H N N 109 
ASP HB2  H N N 110 
ASP HB3  H N N 111 
ASP HD2  H N N 112 
ASP HXT  H N N 113 
CYS N    N N N 114 
CYS CA   C N R 115 
CYS C    C N N 116 
CYS O    O N N 117 
CYS CB   C N N 118 
CYS SG   S N N 119 
CYS OXT  O N N 120 
CYS H    H N N 121 
CYS H2   H N N 122 
CYS HA   H N N 123 
CYS HB2  H N N 124 
CYS HB3  H N N 125 
CYS HG   H N N 126 
CYS HXT  H N N 127 
DMS S    S N N 128 
DMS O    O N N 129 
DMS C1   C N N 130 
DMS C2   C N N 131 
DMS H11  H N N 132 
DMS H12  H N N 133 
DMS H13  H N N 134 
DMS H21  H N N 135 
DMS H22  H N N 136 
DMS H23  H N N 137 
GLN N    N N N 138 
GLN CA   C N S 139 
GLN C    C N N 140 
GLN O    O N N 141 
GLN CB   C N N 142 
GLN CG   C N N 143 
GLN CD   C N N 144 
GLN OE1  O N N 145 
GLN NE2  N N N 146 
GLN OXT  O N N 147 
GLN H    H N N 148 
GLN H2   H N N 149 
GLN HA   H N N 150 
GLN HB2  H N N 151 
GLN HB3  H N N 152 
GLN HG2  H N N 153 
GLN HG3  H N N 154 
GLN HE21 H N N 155 
GLN HE22 H N N 156 
GLN HXT  H N N 157 
GLU N    N N N 158 
GLU CA   C N S 159 
GLU C    C N N 160 
GLU O    O N N 161 
GLU CB   C N N 162 
GLU CG   C N N 163 
GLU CD   C N N 164 
GLU OE1  O N N 165 
GLU OE2  O N N 166 
GLU OXT  O N N 167 
GLU H    H N N 168 
GLU H2   H N N 169 
GLU HA   H N N 170 
GLU HB2  H N N 171 
GLU HB3  H N N 172 
GLU HG2  H N N 173 
GLU HG3  H N N 174 
GLU HE2  H N N 175 
GLU HXT  H N N 176 
GLY N    N N N 177 
GLY CA   C N N 178 
GLY C    C N N 179 
GLY O    O N N 180 
GLY OXT  O N N 181 
GLY H    H N N 182 
GLY H2   H N N 183 
GLY HA2  H N N 184 
GLY HA3  H N N 185 
GLY HXT  H N N 186 
HIS N    N N N 187 
HIS CA   C N S 188 
HIS C    C N N 189 
HIS O    O N N 190 
HIS CB   C N N 191 
HIS CG   C Y N 192 
HIS ND1  N Y N 193 
HIS CD2  C Y N 194 
HIS CE1  C Y N 195 
HIS NE2  N Y N 196 
HIS OXT  O N N 197 
HIS H    H N N 198 
HIS H2   H N N 199 
HIS HA   H N N 200 
HIS HB2  H N N 201 
HIS HB3  H N N 202 
HIS HD1  H N N 203 
HIS HD2  H N N 204 
HIS HE1  H N N 205 
HIS HE2  H N N 206 
HIS HXT  H N N 207 
HOH O    O N N 208 
HOH H1   H N N 209 
HOH H2   H N N 210 
ILE N    N N N 211 
ILE CA   C N S 212 
ILE C    C N N 213 
ILE O    O N N 214 
ILE CB   C N S 215 
ILE CG1  C N N 216 
ILE CG2  C N N 217 
ILE CD1  C N N 218 
ILE OXT  O N N 219 
ILE H    H N N 220 
ILE H2   H N N 221 
ILE HA   H N N 222 
ILE HB   H N N 223 
ILE HG12 H N N 224 
ILE HG13 H N N 225 
ILE HG21 H N N 226 
ILE HG22 H N N 227 
ILE HG23 H N N 228 
ILE HD11 H N N 229 
ILE HD12 H N N 230 
ILE HD13 H N N 231 
ILE HXT  H N N 232 
LEU N    N N N 233 
LEU CA   C N S 234 
LEU C    C N N 235 
LEU O    O N N 236 
LEU CB   C N N 237 
LEU CG   C N N 238 
LEU CD1  C N N 239 
LEU CD2  C N N 240 
LEU OXT  O N N 241 
LEU H    H N N 242 
LEU H2   H N N 243 
LEU HA   H N N 244 
LEU HB2  H N N 245 
LEU HB3  H N N 246 
LEU HG   H N N 247 
LEU HD11 H N N 248 
LEU HD12 H N N 249 
LEU HD13 H N N 250 
LEU HD21 H N N 251 
LEU HD22 H N N 252 
LEU HD23 H N N 253 
LEU HXT  H N N 254 
LYS N    N N N 255 
LYS CA   C N S 256 
LYS C    C N N 257 
LYS O    O N N 258 
LYS CB   C N N 259 
LYS CG   C N N 260 
LYS CD   C N N 261 
LYS CE   C N N 262 
LYS NZ   N N N 263 
LYS OXT  O N N 264 
LYS H    H N N 265 
LYS H2   H N N 266 
LYS HA   H N N 267 
LYS HB2  H N N 268 
LYS HB3  H N N 269 
LYS HG2  H N N 270 
LYS HG3  H N N 271 
LYS HD2  H N N 272 
LYS HD3  H N N 273 
LYS HE2  H N N 274 
LYS HE3  H N N 275 
LYS HZ1  H N N 276 
LYS HZ2  H N N 277 
LYS HZ3  H N N 278 
LYS HXT  H N N 279 
MET N    N N N 280 
MET CA   C N S 281 
MET C    C N N 282 
MET O    O N N 283 
MET CB   C N N 284 
MET CG   C N N 285 
MET SD   S N N 286 
MET CE   C N N 287 
MET OXT  O N N 288 
MET H    H N N 289 
MET H2   H N N 290 
MET HA   H N N 291 
MET HB2  H N N 292 
MET HB3  H N N 293 
MET HG2  H N N 294 
MET HG3  H N N 295 
MET HE1  H N N 296 
MET HE2  H N N 297 
MET HE3  H N N 298 
MET HXT  H N N 299 
PHE N    N N N 300 
PHE CA   C N S 301 
PHE C    C N N 302 
PHE O    O N N 303 
PHE CB   C N N 304 
PHE CG   C Y N 305 
PHE CD1  C Y N 306 
PHE CD2  C Y N 307 
PHE CE1  C Y N 308 
PHE CE2  C Y N 309 
PHE CZ   C Y N 310 
PHE OXT  O N N 311 
PHE H    H N N 312 
PHE H2   H N N 313 
PHE HA   H N N 314 
PHE HB2  H N N 315 
PHE HB3  H N N 316 
PHE HD1  H N N 317 
PHE HD2  H N N 318 
PHE HE1  H N N 319 
PHE HE2  H N N 320 
PHE HZ   H N N 321 
PHE HXT  H N N 322 
PRO N    N N N 323 
PRO CA   C N S 324 
PRO C    C N N 325 
PRO O    O N N 326 
PRO CB   C N N 327 
PRO CG   C N N 328 
PRO CD   C N N 329 
PRO OXT  O N N 330 
PRO H    H N N 331 
PRO HA   H N N 332 
PRO HB2  H N N 333 
PRO HB3  H N N 334 
PRO HG2  H N N 335 
PRO HG3  H N N 336 
PRO HD2  H N N 337 
PRO HD3  H N N 338 
PRO HXT  H N N 339 
SER N    N N N 340 
SER CA   C N S 341 
SER C    C N N 342 
SER O    O N N 343 
SER CB   C N N 344 
SER OG   O N N 345 
SER OXT  O N N 346 
SER H    H N N 347 
SER H2   H N N 348 
SER HA   H N N 349 
SER HB2  H N N 350 
SER HB3  H N N 351 
SER HG   H N N 352 
SER HXT  H N N 353 
THR N    N N N 354 
THR CA   C N S 355 
THR C    C N N 356 
THR O    O N N 357 
THR CB   C N R 358 
THR OG1  O N N 359 
THR CG2  C N N 360 
THR OXT  O N N 361 
THR H    H N N 362 
THR H2   H N N 363 
THR HA   H N N 364 
THR HB   H N N 365 
THR HG1  H N N 366 
THR HG21 H N N 367 
THR HG22 H N N 368 
THR HG23 H N N 369 
THR HXT  H N N 370 
TYR N    N N N 371 
TYR CA   C N S 372 
TYR C    C N N 373 
TYR O    O N N 374 
TYR CB   C N N 375 
TYR CG   C Y N 376 
TYR CD1  C Y N 377 
TYR CD2  C Y N 378 
TYR CE1  C Y N 379 
TYR CE2  C Y N 380 
TYR CZ   C Y N 381 
TYR OH   O N N 382 
TYR OXT  O N N 383 
TYR H    H N N 384 
TYR H2   H N N 385 
TYR HA   H N N 386 
TYR HB2  H N N 387 
TYR HB3  H N N 388 
TYR HD1  H N N 389 
TYR HD2  H N N 390 
TYR HE1  H N N 391 
TYR HE2  H N N 392 
TYR HH   H N N 393 
TYR HXT  H N N 394 
VAL N    N N N 395 
VAL CA   C N S 396 
VAL C    C N N 397 
VAL O    O N N 398 
VAL CB   C N N 399 
VAL CG1  C N N 400 
VAL CG2  C N N 401 
VAL OXT  O N N 402 
VAL H    H N N 403 
VAL H2   H N N 404 
VAL HA   H N N 405 
VAL HB   H N N 406 
VAL HG11 H N N 407 
VAL HG12 H N N 408 
VAL HG13 H N N 409 
VAL HG21 H N N 410 
VAL HG22 H N N 411 
VAL HG23 H N N 412 
VAL HXT  H N N 413 
# 
loop_
_chem_comp_bond.comp_id 
_chem_comp_bond.atom_id_1 
_chem_comp_bond.atom_id_2 
_chem_comp_bond.value_order 
_chem_comp_bond.pdbx_aromatic_flag 
_chem_comp_bond.pdbx_stereo_config 
_chem_comp_bond.pdbx_ordinal 
4XG CAE CAD  doub Y N 1   
4XG CAE CAM  sing Y N 2   
4XG CAD CAF  sing Y N 3   
4XG NAC CAM  sing N N 4   
4XG CAM CAO  doub Y N 5   
4XG CAF CAN  doub Y N 6   
4XG CAO CAN  sing Y N 7   
4XG CAO CAL  sing N N 8   
4XG CAN CAH  sing N N 9   
4XG CAL NAQ  sing N N 10  
4XG CAH CAK  sing N N 11  
4XG CAK NAQ  sing N N 12  
4XG NAQ CAJ  sing N N 13  
4XG CAJ CAG  sing N N 14  
4XG CAG CAI  sing N N 15  
4XG CAI NAP  sing N N 16  
4XG NAP CAB  sing N N 17  
4XG NAP CAA  sing N N 18  
4XG CAK H1   sing N N 19  
4XG CAK H2   sing N N 20  
4XG CAH H3   sing N N 21  
4XG CAH H4   sing N N 22  
4XG CAF H5   sing N N 23  
4XG CAD H6   sing N N 24  
4XG CAE H7   sing N N 25  
4XG NAC H8   sing N N 26  
4XG NAC H9   sing N N 27  
4XG CAL H10  sing N N 28  
4XG CAL H11  sing N N 29  
4XG CAJ H13  sing N N 30  
4XG CAJ H14  sing N N 31  
4XG CAG H15  sing N N 32  
4XG CAG H16  sing N N 33  
4XG CAI H17  sing N N 34  
4XG CAI H18  sing N N 35  
4XG CAB H20  sing N N 36  
4XG CAB H21  sing N N 37  
4XG CAB H22  sing N N 38  
4XG CAA H23  sing N N 39  
4XG CAA H24  sing N N 40  
4XG CAA H25  sing N N 41  
ALA N   CA   sing N N 42  
ALA N   H    sing N N 43  
ALA N   H2   sing N N 44  
ALA CA  C    sing N N 45  
ALA CA  CB   sing N N 46  
ALA CA  HA   sing N N 47  
ALA C   O    doub N N 48  
ALA C   OXT  sing N N 49  
ALA CB  HB1  sing N N 50  
ALA CB  HB2  sing N N 51  
ALA CB  HB3  sing N N 52  
ALA OXT HXT  sing N N 53  
ARG N   CA   sing N N 54  
ARG N   H    sing N N 55  
ARG N   H2   sing N N 56  
ARG CA  C    sing N N 57  
ARG CA  CB   sing N N 58  
ARG CA  HA   sing N N 59  
ARG C   O    doub N N 60  
ARG C   OXT  sing N N 61  
ARG CB  CG   sing N N 62  
ARG CB  HB2  sing N N 63  
ARG CB  HB3  sing N N 64  
ARG CG  CD   sing N N 65  
ARG CG  HG2  sing N N 66  
ARG CG  HG3  sing N N 67  
ARG CD  NE   sing N N 68  
ARG CD  HD2  sing N N 69  
ARG CD  HD3  sing N N 70  
ARG NE  CZ   sing N N 71  
ARG NE  HE   sing N N 72  
ARG CZ  NH1  sing N N 73  
ARG CZ  NH2  doub N N 74  
ARG NH1 HH11 sing N N 75  
ARG NH1 HH12 sing N N 76  
ARG NH2 HH21 sing N N 77  
ARG NH2 HH22 sing N N 78  
ARG OXT HXT  sing N N 79  
ASN N   CA   sing N N 80  
ASN N   H    sing N N 81  
ASN N   H2   sing N N 82  
ASN CA  C    sing N N 83  
ASN CA  CB   sing N N 84  
ASN CA  HA   sing N N 85  
ASN C   O    doub N N 86  
ASN C   OXT  sing N N 87  
ASN CB  CG   sing N N 88  
ASN CB  HB2  sing N N 89  
ASN CB  HB3  sing N N 90  
ASN CG  OD1  doub N N 91  
ASN CG  ND2  sing N N 92  
ASN ND2 HD21 sing N N 93  
ASN ND2 HD22 sing N N 94  
ASN OXT HXT  sing N N 95  
ASP N   CA   sing N N 96  
ASP N   H    sing N N 97  
ASP N   H2   sing N N 98  
ASP CA  C    sing N N 99  
ASP CA  CB   sing N N 100 
ASP CA  HA   sing N N 101 
ASP C   O    doub N N 102 
ASP C   OXT  sing N N 103 
ASP CB  CG   sing N N 104 
ASP CB  HB2  sing N N 105 
ASP CB  HB3  sing N N 106 
ASP CG  OD1  doub N N 107 
ASP CG  OD2  sing N N 108 
ASP OD2 HD2  sing N N 109 
ASP OXT HXT  sing N N 110 
CYS N   CA   sing N N 111 
CYS N   H    sing N N 112 
CYS N   H2   sing N N 113 
CYS CA  C    sing N N 114 
CYS CA  CB   sing N N 115 
CYS CA  HA   sing N N 116 
CYS C   O    doub N N 117 
CYS C   OXT  sing N N 118 
CYS CB  SG   sing N N 119 
CYS CB  HB2  sing N N 120 
CYS CB  HB3  sing N N 121 
CYS SG  HG   sing N N 122 
CYS OXT HXT  sing N N 123 
DMS S   O    doub N N 124 
DMS S   C1   sing N N 125 
DMS S   C2   sing N N 126 
DMS C1  H11  sing N N 127 
DMS C1  H12  sing N N 128 
DMS C1  H13  sing N N 129 
DMS C2  H21  sing N N 130 
DMS C2  H22  sing N N 131 
DMS C2  H23  sing N N 132 
GLN N   CA   sing N N 133 
GLN N   H    sing N N 134 
GLN N   H2   sing N N 135 
GLN CA  C    sing N N 136 
GLN CA  CB   sing N N 137 
GLN CA  HA   sing N N 138 
GLN C   O    doub N N 139 
GLN C   OXT  sing N N 140 
GLN CB  CG   sing N N 141 
GLN CB  HB2  sing N N 142 
GLN CB  HB3  sing N N 143 
GLN CG  CD   sing N N 144 
GLN CG  HG2  sing N N 145 
GLN CG  HG3  sing N N 146 
GLN CD  OE1  doub N N 147 
GLN CD  NE2  sing N N 148 
GLN NE2 HE21 sing N N 149 
GLN NE2 HE22 sing N N 150 
GLN OXT HXT  sing N N 151 
GLU N   CA   sing N N 152 
GLU N   H    sing N N 153 
GLU N   H2   sing N N 154 
GLU CA  C    sing N N 155 
GLU CA  CB   sing N N 156 
GLU CA  HA   sing N N 157 
GLU C   O    doub N N 158 
GLU C   OXT  sing N N 159 
GLU CB  CG   sing N N 160 
GLU CB  HB2  sing N N 161 
GLU CB  HB3  sing N N 162 
GLU CG  CD   sing N N 163 
GLU CG  HG2  sing N N 164 
GLU CG  HG3  sing N N 165 
GLU CD  OE1  doub N N 166 
GLU CD  OE2  sing N N 167 
GLU OE2 HE2  sing N N 168 
GLU OXT HXT  sing N N 169 
GLY N   CA   sing N N 170 
GLY N   H    sing N N 171 
GLY N   H2   sing N N 172 
GLY CA  C    sing N N 173 
GLY CA  HA2  sing N N 174 
GLY CA  HA3  sing N N 175 
GLY C   O    doub N N 176 
GLY C   OXT  sing N N 177 
GLY OXT HXT  sing N N 178 
HIS N   CA   sing N N 179 
HIS N   H    sing N N 180 
HIS N   H2   sing N N 181 
HIS CA  C    sing N N 182 
HIS CA  CB   sing N N 183 
HIS CA  HA   sing N N 184 
HIS C   O    doub N N 185 
HIS C   OXT  sing N N 186 
HIS CB  CG   sing N N 187 
HIS CB  HB2  sing N N 188 
HIS CB  HB3  sing N N 189 
HIS CG  ND1  sing Y N 190 
HIS CG  CD2  doub Y N 191 
HIS ND1 CE1  doub Y N 192 
HIS ND1 HD1  sing N N 193 
HIS CD2 NE2  sing Y N 194 
HIS CD2 HD2  sing N N 195 
HIS CE1 NE2  sing Y N 196 
HIS CE1 HE1  sing N N 197 
HIS NE2 HE2  sing N N 198 
HIS OXT HXT  sing N N 199 
HOH O   H1   sing N N 200 
HOH O   H2   sing N N 201 
ILE N   CA   sing N N 202 
ILE N   H    sing N N 203 
ILE N   H2   sing N N 204 
ILE CA  C    sing N N 205 
ILE CA  CB   sing N N 206 
ILE CA  HA   sing N N 207 
ILE C   O    doub N N 208 
ILE C   OXT  sing N N 209 
ILE CB  CG1  sing N N 210 
ILE CB  CG2  sing N N 211 
ILE CB  HB   sing N N 212 
ILE CG1 CD1  sing N N 213 
ILE CG1 HG12 sing N N 214 
ILE CG1 HG13 sing N N 215 
ILE CG2 HG21 sing N N 216 
ILE CG2 HG22 sing N N 217 
ILE CG2 HG23 sing N N 218 
ILE CD1 HD11 sing N N 219 
ILE CD1 HD12 sing N N 220 
ILE CD1 HD13 sing N N 221 
ILE OXT HXT  sing N N 222 
LEU N   CA   sing N N 223 
LEU N   H    sing N N 224 
LEU N   H2   sing N N 225 
LEU CA  C    sing N N 226 
LEU CA  CB   sing N N 227 
LEU CA  HA   sing N N 228 
LEU C   O    doub N N 229 
LEU C   OXT  sing N N 230 
LEU CB  CG   sing N N 231 
LEU CB  HB2  sing N N 232 
LEU CB  HB3  sing N N 233 
LEU CG  CD1  sing N N 234 
LEU CG  CD2  sing N N 235 
LEU CG  HG   sing N N 236 
LEU CD1 HD11 sing N N 237 
LEU CD1 HD12 sing N N 238 
LEU CD1 HD13 sing N N 239 
LEU CD2 HD21 sing N N 240 
LEU CD2 HD22 sing N N 241 
LEU CD2 HD23 sing N N 242 
LEU OXT HXT  sing N N 243 
LYS N   CA   sing N N 244 
LYS N   H    sing N N 245 
LYS N   H2   sing N N 246 
LYS CA  C    sing N N 247 
LYS CA  CB   sing N N 248 
LYS CA  HA   sing N N 249 
LYS C   O    doub N N 250 
LYS C   OXT  sing N N 251 
LYS CB  CG   sing N N 252 
LYS CB  HB2  sing N N 253 
LYS CB  HB3  sing N N 254 
LYS CG  CD   sing N N 255 
LYS CG  HG2  sing N N 256 
LYS CG  HG3  sing N N 257 
LYS CD  CE   sing N N 258 
LYS CD  HD2  sing N N 259 
LYS CD  HD3  sing N N 260 
LYS CE  NZ   sing N N 261 
LYS CE  HE2  sing N N 262 
LYS CE  HE3  sing N N 263 
LYS NZ  HZ1  sing N N 264 
LYS NZ  HZ2  sing N N 265 
LYS NZ  HZ3  sing N N 266 
LYS OXT HXT  sing N N 267 
MET N   CA   sing N N 268 
MET N   H    sing N N 269 
MET N   H2   sing N N 270 
MET CA  C    sing N N 271 
MET CA  CB   sing N N 272 
MET CA  HA   sing N N 273 
MET C   O    doub N N 274 
MET C   OXT  sing N N 275 
MET CB  CG   sing N N 276 
MET CB  HB2  sing N N 277 
MET CB  HB3  sing N N 278 
MET CG  SD   sing N N 279 
MET CG  HG2  sing N N 280 
MET CG  HG3  sing N N 281 
MET SD  CE   sing N N 282 
MET CE  HE1  sing N N 283 
MET CE  HE2  sing N N 284 
MET CE  HE3  sing N N 285 
MET OXT HXT  sing N N 286 
PHE N   CA   sing N N 287 
PHE N   H    sing N N 288 
PHE N   H2   sing N N 289 
PHE CA  C    sing N N 290 
PHE CA  CB   sing N N 291 
PHE CA  HA   sing N N 292 
PHE C   O    doub N N 293 
PHE C   OXT  sing N N 294 
PHE CB  CG   sing N N 295 
PHE CB  HB2  sing N N 296 
PHE CB  HB3  sing N N 297 
PHE CG  CD1  doub Y N 298 
PHE CG  CD2  sing Y N 299 
PHE CD1 CE1  sing Y N 300 
PHE CD1 HD1  sing N N 301 
PHE CD2 CE2  doub Y N 302 
PHE CD2 HD2  sing N N 303 
PHE CE1 CZ   doub Y N 304 
PHE CE1 HE1  sing N N 305 
PHE CE2 CZ   sing Y N 306 
PHE CE2 HE2  sing N N 307 
PHE CZ  HZ   sing N N 308 
PHE OXT HXT  sing N N 309 
PRO N   CA   sing N N 310 
PRO N   CD   sing N N 311 
PRO N   H    sing N N 312 
PRO CA  C    sing N N 313 
PRO CA  CB   sing N N 314 
PRO CA  HA   sing N N 315 
PRO C   O    doub N N 316 
PRO C   OXT  sing N N 317 
PRO CB  CG   sing N N 318 
PRO CB  HB2  sing N N 319 
PRO CB  HB3  sing N N 320 
PRO CG  CD   sing N N 321 
PRO CG  HG2  sing N N 322 
PRO CG  HG3  sing N N 323 
PRO CD  HD2  sing N N 324 
PRO CD  HD3  sing N N 325 
PRO OXT HXT  sing N N 326 
SER N   CA   sing N N 327 
SER N   H    sing N N 328 
SER N   H2   sing N N 329 
SER CA  C    sing N N 330 
SER CA  CB   sing N N 331 
SER CA  HA   sing N N 332 
SER C   O    doub N N 333 
SER C   OXT  sing N N 334 
SER CB  OG   sing N N 335 
SER CB  HB2  sing N N 336 
SER CB  HB3  sing N N 337 
SER OG  HG   sing N N 338 
SER OXT HXT  sing N N 339 
THR N   CA   sing N N 340 
THR N   H    sing N N 341 
THR N   H2   sing N N 342 
THR CA  C    sing N N 343 
THR CA  CB   sing N N 344 
THR CA  HA   sing N N 345 
THR C   O    doub N N 346 
THR C   OXT  sing N N 347 
THR CB  OG1  sing N N 348 
THR CB  CG2  sing N N 349 
THR CB  HB   sing N N 350 
THR OG1 HG1  sing N N 351 
THR CG2 HG21 sing N N 352 
THR CG2 HG22 sing N N 353 
THR CG2 HG23 sing N N 354 
THR OXT HXT  sing N N 355 
TYR N   CA   sing N N 356 
TYR N   H    sing N N 357 
TYR N   H2   sing N N 358 
TYR CA  C    sing N N 359 
TYR CA  CB   sing N N 360 
TYR CA  HA   sing N N 361 
TYR C   O    doub N N 362 
TYR C   OXT  sing N N 363 
TYR CB  CG   sing N N 364 
TYR CB  HB2  sing N N 365 
TYR CB  HB3  sing N N 366 
TYR CG  CD1  doub Y N 367 
TYR CG  CD2  sing Y N 368 
TYR CD1 CE1  sing Y N 369 
TYR CD1 HD1  sing N N 370 
TYR CD2 CE2  doub Y N 371 
TYR CD2 HD2  sing N N 372 
TYR CE1 CZ   doub Y N 373 
TYR CE1 HE1  sing N N 374 
TYR CE2 CZ   sing Y N 375 
TYR CE2 HE2  sing N N 376 
TYR CZ  OH   sing N N 377 
TYR OH  HH   sing N N 378 
TYR OXT HXT  sing N N 379 
VAL N   CA   sing N N 380 
VAL N   H    sing N N 381 
VAL N   H2   sing N N 382 
VAL CA  C    sing N N 383 
VAL CA  CB   sing N N 384 
VAL CA  HA   sing N N 385 
VAL C   O    doub N N 386 
VAL C   OXT  sing N N 387 
VAL CB  CG1  sing N N 388 
VAL CB  CG2  sing N N 389 
VAL CB  HB   sing N N 390 
VAL CG1 HG11 sing N N 391 
VAL CG1 HG12 sing N N 392 
VAL CG1 HG13 sing N N 393 
VAL CG2 HG21 sing N N 394 
VAL CG2 HG22 sing N N 395 
VAL CG2 HG23 sing N N 396 
VAL OXT HXT  sing N N 397 
# 
_atom_sites.entry_id                    5BZP 
_atom_sites.fract_transf_matrix[1][1]   0.02937092 
_atom_sites.fract_transf_matrix[1][2]   0.00616097 
_atom_sites.fract_transf_matrix[1][3]   -0.02111919 
_atom_sites.fract_transf_matrix[2][1]   0.00721391 
_atom_sites.fract_transf_matrix[2][2]   -0.00501470 
_atom_sites.fract_transf_matrix[2][3]   0.00856964 
_atom_sites.fract_transf_matrix[3][1]   0.00960315 
_atom_sites.fract_transf_matrix[3][2]   -0.02521757 
_atom_sites.fract_transf_matrix[3][3]   -0.02284049 
_atom_sites.fract_transf_vector[1]      0.089339 
_atom_sites.fract_transf_vector[2]      -0.004244 
_atom_sites.fract_transf_vector[3]      0.073146 
# 
loop_
_atom_type.symbol 
C 
N 
O 
S 
# 
loop_
_atom_site.group_PDB 
_atom_site.id 
_atom_site.type_symbol 
_atom_site.label_atom_id 
_atom_site.label_alt_id 
_atom_site.label_comp_id 
_atom_site.label_asym_id 
_atom_site.label_entity_id 
_atom_site.label_seq_id 
_atom_site.pdbx_PDB_ins_code 
_atom_site.Cartn_x 
_atom_site.Cartn_y 
_atom_site.Cartn_z 
_atom_site.occupancy 
_atom_site.B_iso_or_equiv 
_atom_site.pdbx_formal_charge 
_atom_site.auth_seq_id 
_atom_site.auth_comp_id 
_atom_site.auth_asym_id 
_atom_site.auth_atom_id 
_atom_site.pdbx_PDB_model_num 
ATOM   1    N N   . ASN A 1 2   ? 21.584  1.720   3.425   1.00 24.12 ? 24  ASN A N   1 
ATOM   2    C CA  . ASN A 1 2   ? 20.598  0.698   3.882   1.00 23.02 ? 24  ASN A CA  1 
ATOM   3    C C   . ASN A 1 2   ? 19.289  1.383   4.251   1.00 21.92 ? 24  ASN A C   1 
ATOM   4    O O   . ASN A 1 2   ? 18.959  1.564   5.433   1.00 20.77 ? 24  ASN A O   1 
ATOM   5    C CB  . ASN A 1 2   ? 21.144  -0.123  5.051   1.00 23.78 ? 24  ASN A CB  1 
ATOM   6    C CG  . ASN A 1 2   ? 20.361  -1.401  5.281   1.00 25.57 ? 24  ASN A CG  1 
ATOM   7    O OD1 . ASN A 1 2   ? 19.285  -1.595  4.712   1.00 30.25 ? 24  ASN A OD1 1 
ATOM   8    N ND2 . ASN A 1 2   ? 20.895  -2.282  6.116   1.00 27.33 ? 24  ASN A ND2 1 
ATOM   9    N N   . GLN A 1 3   ? 18.559  1.769   3.208   1.00 20.36 ? 25  GLN A N   1 
ATOM   10   C CA  . GLN A 1 3   ? 17.431  2.687   3.331   1.00 19.25 ? 25  GLN A CA  1 
ATOM   11   C C   . GLN A 1 3   ? 16.288  2.230   2.442   1.00 17.81 ? 25  GLN A C   1 
ATOM   12   O O   . GLN A 1 3   ? 16.513  1.754   1.322   1.00 18.24 ? 25  GLN A O   1 
ATOM   13   C CB  . GLN A 1 3   ? 17.852  4.096   2.899   1.00 20.08 ? 25  GLN A CB  1 
ATOM   14   C CG  . GLN A 1 3   ? 17.287  5.238   3.738   1.00 23.40 ? 25  GLN A CG  1 
ATOM   15   C CD  . GLN A 1 3   ? 15.891  5.659   3.336   1.00 27.51 ? 25  GLN A CD  1 
ATOM   16   O OE1 . GLN A 1 3   ? 15.592  5.856   2.152   1.00 29.80 ? 25  GLN A OE1 1 
ATOM   17   N NE2 . GLN A 1 3   ? 15.028  5.828   4.334   1.00 25.50 ? 25  GLN A NE2 1 
ATOM   18   N N   . ILE A 1 4   ? 15.072  2.361   2.961   1.00 15.54 ? 26  ILE A N   1 
ATOM   19   C CA  . ILE A 1 4   ? 13.855  2.075   2.191   1.00 14.25 ? 26  ILE A CA  1 
ATOM   20   C C   . ILE A 1 4   ? 12.887  3.247   2.332   1.00 13.45 ? 26  ILE A C   1 
ATOM   21   O O   . ILE A 1 4   ? 12.600  3.653   3.461   1.00 13.72 ? 26  ILE A O   1 
ATOM   22   C CB  . ILE A 1 4   ? 13.176  0.777   2.679   1.00 14.16 ? 26  ILE A CB  1 
ATOM   23   C CG1 . ILE A 1 4   ? 14.105  -0.426  2.420   1.00 15.25 ? 26  ILE A CG1 1 
ATOM   24   C CG2 . ILE A 1 4   ? 11.823  0.585   1.989   1.00 14.81 ? 26  ILE A CG2 1 
ATOM   25   C CD1 . ILE A 1 4   ? 13.615  -1.747  2.980   1.00 18.94 ? 26  ILE A CD1 1 
ATOM   26   N N   . ASP A 1 5   ? 12.400  3.786   1.211   1.00 12.64 ? 27  ASP A N   1 
ATOM   27   C CA  . ASP A 1 5   ? 11.295  4.763   1.224   1.00 12.54 ? 27  ASP A CA  1 
ATOM   28   C C   . ASP A 1 5   ? 10.003  4.001   0.996   1.00 10.80 ? 27  ASP A C   1 
ATOM   29   O O   . ASP A 1 5   ? 9.913   3.168   0.087   1.00 11.19 ? 27  ASP A O   1 
ATOM   30   C CB  . ASP A 1 5   ? 11.375  5.771   0.067   1.00 13.98 ? 27  ASP A CB  1 
ATOM   31   C CG  . ASP A 1 5   ? 12.361  6.915   0.273   1.00 19.47 ? 27  ASP A CG  1 
ATOM   32   O OD1 . ASP A 1 5   ? 12.767  7.221   1.411   1.00 20.37 ? 27  ASP A OD1 1 
ATOM   33   O OD2 . ASP A 1 5   ? 12.711  7.536   -0.766  1.00 23.94 ? 27  ASP A OD2 1 
ATOM   34   N N   . LEU A 1 6   ? 9.002   4.315   1.799   1.00 9.30  ? 28  LEU A N   1 
ATOM   35   C CA  . LEU A 1 6   ? 7.640   3.799   1.627   1.00 9.06  ? 28  LEU A CA  1 
ATOM   36   C C   . LEU A 1 6   ? 6.722   4.973   1.324   1.00 8.75  ? 28  LEU A C   1 
ATOM   37   O O   . LEU A 1 6   ? 6.421   5.768   2.224   1.00 9.65  ? 28  LEU A O   1 
ATOM   38   C CB  . LEU A 1 6   ? 7.179   3.046   2.889   1.00 9.45  ? 28  LEU A CB  1 
ATOM   39   C CG  . LEU A 1 6   ? 8.040   1.846   3.323   1.00 10.41 ? 28  LEU A CG  1 
ATOM   40   C CD1 . LEU A 1 6   ? 7.579   1.283   4.669   1.00 12.19 ? 28  LEU A CD1 1 
ATOM   41   C CD2 . LEU A 1 6   ? 8.074   0.730   2.257   1.00 12.06 ? 28  LEU A CD2 1 
ATOM   42   N N   . ASN A 1 7   ? 6.271   5.088   0.084   1.00 7.61  ? 29  ASN A N   1 
ATOM   43   C CA  . ASN A 1 7   ? 5.401   6.171   -0.340  1.00 8.23  ? 29  ASN A CA  1 
ATOM   44   C C   . ASN A 1 7   ? 3.977   5.743   -0.079  1.00 7.52  ? 29  ASN A C   1 
ATOM   45   O O   . ASN A 1 7   ? 3.549   4.706   -0.603  1.00 8.69  ? 29  ASN A O   1 
ATOM   46   C CB  . ASN A 1 7   ? 5.571   6.444   -1.823  1.00 9.30  ? 29  ASN A CB  1 
ATOM   47   C CG  . ASN A 1 7   ? 6.964   6.823   -2.194  1.00 11.75 ? 29  ASN A CG  1 
ATOM   48   O OD1 . ASN A 1 7   ? 7.741   7.350   -1.388  1.00 12.30 ? 29  ASN A OD1 1 
ATOM   49   N ND2 . ASN A 1 7   ? 7.294   6.592   -3.463  1.00 12.77 ? 29  ASN A ND2 1 
ATOM   50   N N   . VAL A 1 8   ? 3.244   6.483   0.738   1.00 7.14  ? 30  VAL A N   1 
ATOM   51   C CA  . VAL A 1 8   ? 1.918   6.064   1.177   1.00 7.94  ? 30  VAL A CA  1 
ATOM   52   C C   . VAL A 1 8   ? 0.864   7.075   0.749   1.00 8.05  ? 30  VAL A C   1 
ATOM   53   O O   . VAL A 1 8   ? 1.161   8.275   0.620   1.00 9.12  ? 30  VAL A O   1 
ATOM   54   C CB  . VAL A 1 8   ? 1.869   5.875   2.701   1.00 8.13  ? 30  VAL A CB  1 
ATOM   55   C CG1 . VAL A 1 8   ? 2.874   4.855   3.149   1.00 10.95 ? 30  VAL A CG1 1 
ATOM   56   C CG2 . VAL A 1 8   ? 2.136   7.168   3.441   1.00 10.21 ? 30  VAL A CG2 1 
ATOM   57   N N   . THR A 1 9   ? -0.372  6.619   0.567   1.00 8.56  ? 31  THR A N   1 
ATOM   58   C CA  . THR A 1 9   ? -1.465  7.488   0.178   1.00 8.57  ? 31  THR A CA  1 
ATOM   59   C C   . THR A 1 9   ? -2.377  7.814   1.359   1.00 8.68  ? 31  THR A C   1 
ATOM   60   O O   . THR A 1 9   ? -2.261  7.247   2.439   1.00 8.77  ? 31  THR A O   1 
ATOM   61   C CB  . THR A 1 9   ? -2.332  6.832   -0.930  1.00 8.62  ? 31  THR A CB  1 
ATOM   62   O OG1 . THR A 1 9   ? -2.958  5.644   -0.420  1.00 7.52  ? 31  THR A OG1 1 
ATOM   63   C CG2 . THR A 1 9   ? -1.492  6.480   -2.156  1.00 10.14 ? 31  THR A CG2 1 
ATOM   64   N N   . CYS A 1 10  ? -3.327  8.697   1.093   1.00 8.26  ? 32  CYS A N   1 
ATOM   65   C CA  . CYS A 1 10  ? -4.525  8.835   1.911   1.00 7.85  ? 32  CYS A CA  1 
ATOM   66   C C   . CYS A 1 10  ? -5.142  7.468   2.139   1.00 7.72  ? 32  CYS A C   1 
ATOM   67   O O   . CYS A 1 10  ? -5.013  6.570   1.286   1.00 8.50  ? 32  CYS A O   1 
ATOM   68   C CB  . CYS A 1 10  ? -5.539  9.662   1.125   1.00 8.25  ? 32  CYS A CB  1 
ATOM   69   S SG  . CYS A 1 10  ? -5.108  11.348  0.724   1.00 13.21 ? 32  CYS A SG  1 
ATOM   70   N N   . ARG A 1 11  ? -5.849  7.320   3.244   1.00 7.32  ? 33  ARG A N   1 
ATOM   71   C CA  . ARG A 1 11  ? -6.661  6.138   3.494   1.00 7.66  ? 33  ARG A CA  1 
ATOM   72   C C   . ARG A 1 11  ? -8.084  6.428   3.081   1.00 8.12  ? 33  ARG A C   1 
ATOM   73   O O   . ARG A 1 11  ? -8.616  7.538   3.323   1.00 9.95  ? 33  ARG A O   1 
ATOM   74   C CB  . ARG A 1 11  ? -6.627  5.746   4.970   1.00 8.15  ? 33  ARG A CB  1 
ATOM   75   C CG  . ARG A 1 11  ? -5.416  4.899   5.396   1.00 8.52  ? 33  ARG A CG  1 
ATOM   76   C CD  . ARG A 1 11  ? -4.109  5.680   5.354   1.00 8.39  ? 33  ARG A CD  1 
ATOM   77   N NE  . ARG A 1 11  ? -4.169  6.787   6.321   1.00 8.90  ? 33  ARG A NE  1 
ATOM   78   C CZ  . ARG A 1 11  ? -3.681  8.012   6.165   1.00 9.82  ? 33  ARG A CZ  1 
ATOM   79   N NH1 . ARG A 1 11  ? -3.840  8.865   7.174   1.00 10.86 ? 33  ARG A NH1 1 
ATOM   80   N NH2 . ARG A 1 11  ? -3.013  8.378   5.090   1.00 8.64  ? 33  ARG A NH2 1 
ATOM   81   N N   . TYR A 1 12  ? -8.739  5.428   2.527   1.00 7.48  ? 34  TYR A N   1 
ATOM   82   C CA  . TYR A 1 12  ? -10.143 5.493   2.174   1.00 7.80  ? 34  TYR A CA  1 
ATOM   83   C C   . TYR A 1 12  ? -10.825 4.293   2.755   1.00 6.71  ? 34  TYR A C   1 
ATOM   84   O O   . TYR A 1 12  ? -10.536 3.166   2.366   1.00 7.04  ? 34  TYR A O   1 
ATOM   85   C CB  . TYR A 1 12  ? -10.327 5.476   0.659   1.00 8.72  ? 34  TYR A CB  1 
ATOM   86   C CG  . TYR A 1 12  ? -9.906  6.762   0.034   1.00 11.32 ? 34  TYR A CG  1 
ATOM   87   C CD1 . TYR A 1 12  ? -10.838 7.770   -0.148  1.00 13.49 ? 34  TYR A CD1 1 
ATOM   88   C CD2 . TYR A 1 12  ? -8.584  7.012   -0.347  1.00 13.60 ? 34  TYR A CD2 1 
ATOM   89   C CE1 . TYR A 1 12  ? -10.499 8.980   -0.716  1.00 15.27 ? 34  TYR A CE1 1 
ATOM   90   C CE2 . TYR A 1 12  ? -8.225  8.255   -0.932  1.00 13.94 ? 34  TYR A CE2 1 
ATOM   91   C CZ  . TYR A 1 12  ? -9.201  9.209   -1.105  1.00 14.42 ? 34  TYR A CZ  1 
ATOM   92   O OH  . TYR A 1 12  ? -8.887  10.441  -1.668  1.00 18.92 ? 34  TYR A OH  1 
ATOM   93   N N   . ALA A 1 13  ? -11.721 4.496   3.712   1.00 7.23  ? 35  ALA A N   1 
ATOM   94   C CA  . ALA A 1 13  ? -12.282 3.367   4.434   1.00 6.80  ? 35  ALA A CA  1 
ATOM   95   C C   . ALA A 1 13  ? -11.183 2.404   4.906   1.00 6.87  ? 35  ALA A C   1 
ATOM   96   O O   . ALA A 1 13  ? -11.348 1.179   4.839   1.00 7.13  ? 35  ALA A O   1 
ATOM   97   C CB  . ALA A 1 13  ? -13.361 2.644   3.577   1.00 8.28  ? 35  ALA A CB  1 
ATOM   98   N N   . GLY A 1 14  ? -10.050 2.952   5.334   1.00 6.71  ? 36  GLY A N   1 
ATOM   99   C CA  . GLY A 1 14  ? -8.981  2.151   5.875   1.00 6.99  ? 36  GLY A CA  1 
ATOM   100  C C   . GLY A 1 14  ? -7.979  1.621   4.859   1.00 5.81  ? 36  GLY A C   1 
ATOM   101  O O   . GLY A 1 14  ? -6.953  1.072   5.267   1.00 7.46  ? 36  GLY A O   1 
ATOM   102  N N   . VAL A 1 15  ? -8.295  1.747   3.584   1.00 6.66  ? 37  VAL A N   1 
ATOM   103  C CA  . VAL A 1 15  ? -7.432  1.183   2.534   1.00 6.40  ? 37  VAL A CA  1 
ATOM   104  C C   . VAL A 1 15  ? -6.485  2.248   2.034   1.00 7.45  ? 37  VAL A C   1 
ATOM   105  O O   . VAL A 1 15  ? -6.881  3.382   1.781   1.00 7.10  ? 37  VAL A O   1 
ATOM   106  C CB  . VAL A 1 15  ? -8.285  0.609   1.368   1.00 6.72  ? 37  VAL A CB  1 
ATOM   107  C CG1 . VAL A 1 15  ? -7.397  0.044   0.254   1.00 7.91  ? 37  VAL A CG1 1 
ATOM   108  C CG2 . VAL A 1 15  ? -9.223  -0.470  1.904   1.00 7.55  ? 37  VAL A CG2 1 
ATOM   109  N N   . PHE A 1 16  ? -5.225  1.876   1.851   1.00 6.60  ? 38  PHE A N   1 
ATOM   110  C CA  . PHE A 1 16  ? -4.238  2.777   1.310   1.00 6.71  ? 38  PHE A CA  1 
ATOM   111  C C   . PHE A 1 16  ? -3.268  2.011   0.431   1.00 6.69  ? 38  PHE A C   1 
ATOM   112  O O   . PHE A 1 16  ? -3.223  0.772   0.479   1.00 7.35  ? 38  PHE A O   1 
ATOM   113  C CB  . PHE A 1 16  ? -3.503  3.587   2.412   1.00 6.69  ? 38  PHE A CB  1 
ATOM   114  C CG  . PHE A 1 16  ? -2.762  2.764   3.433   1.00 7.22  ? 38  PHE A CG  1 
ATOM   115  C CD1 . PHE A 1 16  ? -1.353  2.747   3.450   1.00 8.70  ? 38  PHE A CD1 1 
ATOM   116  C CD2 . PHE A 1 16  ? -3.447  2.037   4.404   1.00 6.81  ? 38  PHE A CD2 1 
ATOM   117  C CE1 . PHE A 1 16  ? -0.654  2.041   4.424   1.00 9.41  ? 38  PHE A CE1 1 
ATOM   118  C CE2 . PHE A 1 16  ? -2.736  1.314   5.364   1.00 7.95  ? 38  PHE A CE2 1 
ATOM   119  C CZ  . PHE A 1 16  ? -1.339  1.327   5.363   1.00 9.50  ? 38  PHE A CZ  1 
ATOM   120  N N   . HIS A 1 17  ? -2.496  2.744   -0.346  1.00 6.24  ? 39  HIS A N   1 
ATOM   121  C CA  . HIS A 1 17  ? -1.510  2.232   -1.280  1.00 6.38  ? 39  HIS A CA  1 
ATOM   122  C C   . HIS A 1 17  ? -0.114  2.553   -0.749  1.00 6.58  ? 39  HIS A C   1 
ATOM   123  O O   . HIS A 1 17  ? 0.155   3.662   -0.226  1.00 6.80  ? 39  HIS A O   1 
ATOM   124  C CB  . HIS A 1 17  ? -1.799  2.852   -2.633  1.00 7.23  ? 39  HIS A CB  1 
ATOM   125  C CG  . HIS A 1 17  ? -0.714  2.690   -3.647  1.00 8.02  ? 39  HIS A CG  1 
ATOM   126  N ND1 . HIS A 1 17  ? 0.067   3.742   -4.067  1.00 12.68 ? 39  HIS A ND1 1 
ATOM   127  C CD2 . HIS A 1 17  ? -0.317  1.620   -4.374  1.00 10.23 ? 39  HIS A CD2 1 
ATOM   128  C CE1 . HIS A 1 17  ? 0.931   3.319   -4.977  1.00 12.07 ? 39  HIS A CE1 1 
ATOM   129  N NE2 . HIS A 1 17  ? 0.701   2.040   -5.199  1.00 9.24  ? 39  HIS A NE2 1 
ATOM   130  N N   . VAL A 1 18  ? 0.808   1.615   -0.934  1.00 6.56  ? 40  VAL A N   1 
ATOM   131  C CA  . VAL A 1 18  ? 2.195   1.771   -0.538  1.00 7.97  ? 40  VAL A CA  1 
ATOM   132  C C   . VAL A 1 18  ? 3.082   1.348   -1.707  1.00 6.93  ? 40  VAL A C   1 
ATOM   133  O O   . VAL A 1 18  ? 2.917   0.242   -2.257  1.00 8.09  ? 40  VAL A O   1 
ATOM   134  C CB  . VAL A 1 18  ? 2.554   0.886   0.668   1.00 8.59  ? 40  VAL A CB  1 
ATOM   135  C CG1 . VAL A 1 18  ? 4.011   1.142   1.142   1.00 9.92  ? 40  VAL A CG1 1 
ATOM   136  C CG2 . VAL A 1 18  ? 1.586   1.079   1.820   1.00 10.64 ? 40  VAL A CG2 1 
ATOM   137  N N   . GLU A 1 19  ? 3.996   2.215   -2.101  1.00 8.17  ? 41  GLU A N   1 
ATOM   138  C CA  . GLU A 1 19  ? 5.042   1.887   -3.070  1.00 9.90  ? 41  GLU A CA  1 
ATOM   139  C C   . GLU A 1 19  ? 6.377   1.894   -2.371  1.00 10.20 ? 41  GLU A C   1 
ATOM   140  O O   . GLU A 1 19  ? 6.694   2.838   -1.625  1.00 11.09 ? 41  GLU A O   1 
ATOM   141  C CB  . GLU A 1 19  ? 5.156   2.917   -4.181  1.00 12.05 ? 41  GLU A CB  1 
ATOM   142  C CG  . GLU A 1 19  ? 3.936   3.585   -4.664  1.00 15.07 ? 41  GLU A CG  1 
ATOM   143  C CD  . GLU A 1 19  ? 4.248   4.761   -5.585  1.00 18.83 ? 41  GLU A CD  1 
ATOM   144  O OE1 . GLU A 1 19  ? 5.294   5.464   -5.440  1.00 20.30 ? 41  GLU A OE1 1 
ATOM   145  O OE2 . GLU A 1 19  ? 3.389   5.020   -6.439  1.00 22.01 ? 41  GLU A OE2 1 
ATOM   146  N N   . LYS A 1 20  ? 7.197   0.906   -2.666  1.00 10.02 ? 42  LYS A N   1 
ATOM   147  C CA  . LYS A 1 20  ? 8.515   0.828   -2.082  1.00 10.74 ? 42  LYS A CA  1 
ATOM   148  C C   . LYS A 1 20  ? 9.482   1.456   -3.065  1.00 10.54 ? 42  LYS A C   1 
ATOM   149  O O   . LYS A 1 20  ? 9.631   1.001   -4.215  1.00 11.26 ? 42  LYS A O   1 
ATOM   150  C CB  . LYS A 1 20  ? 8.883   -0.629  -1.832  1.00 10.87 ? 42  LYS A CB  1 
ATOM   151  C CG  . LYS A 1 20  ? 10.241  -0.796  -1.191  1.00 13.96 ? 42  LYS A CG  1 
ATOM   152  C CD  . LYS A 1 20  ? 10.512  -2.240  -0.895  1.00 17.82 ? 42  LYS A CD  1 
ATOM   153  C CE  . LYS A 1 20  ? 10.957  -2.988  -2.107  1.00 21.79 ? 42  LYS A CE  1 
ATOM   154  N NZ  . LYS A 1 20  ? 11.292  -4.397  -1.734  1.00 23.98 ? 42  LYS A NZ  1 
ATOM   155  N N   . ASN A 1 21  ? 10.159  2.506   -2.612  1.00 11.67 ? 43  ASN A N   1 
ATOM   156  C CA  . ASN A 1 21  ? 11.173  3.201   -3.392  1.00 13.15 ? 43  ASN A CA  1 
ATOM   157  C C   . ASN A 1 21  ? 10.622  3.740   -4.706  1.00 13.49 ? 43  ASN A C   1 
ATOM   158  O O   . ASN A 1 21  ? 11.381  3.962   -5.642  1.00 15.39 ? 43  ASN A O   1 
ATOM   159  C CB  . ASN A 1 21  ? 12.420  2.329   -3.613  1.00 13.44 ? 43  ASN A CB  1 
ATOM   160  C CG  . ASN A 1 21  ? 13.121  1.982   -2.308  1.00 14.72 ? 43  ASN A CG  1 
ATOM   161  O OD1 . ASN A 1 21  ? 13.218  2.814   -1.404  1.00 14.78 ? 43  ASN A OD1 1 
ATOM   162  N ND2 . ASN A 1 21  ? 13.593  0.752   -2.199  1.00 15.56 ? 43  ASN A ND2 1 
ATOM   163  N N   . GLY A 1 22  ? 9.313   3.985   -4.761  1.00 13.95 ? 44  GLY A N   1 
ATOM   164  C CA  . GLY A 1 22  ? 8.674   4.548   -5.944  1.00 15.04 ? 44  GLY A CA  1 
ATOM   165  C C   . GLY A 1 22  ? 8.759   3.692   -7.205  1.00 15.48 ? 44  GLY A C   1 
ATOM   166  O O   . GLY A 1 22  ? 8.538   4.204   -8.303  1.00 17.97 ? 44  GLY A O   1 
ATOM   167  N N   . ARG A 1 23  ? 9.047   2.396   -7.066  1.00 14.74 ? 45  ARG A N   1 
ATOM   168  C CA  . ARG A 1 23  ? 9.123   1.488   -8.208  1.00 14.82 ? 45  ARG A CA  1 
ATOM   169  C C   . ARG A 1 23  ? 8.460   0.173   -7.833  1.00 12.89 ? 45  ARG A C   1 
ATOM   170  O O   . ARG A 1 23  ? 8.482   -0.221  -6.664  1.00 12.13 ? 45  ARG A O   1 
ATOM   171  C CB  . ARG A 1 23  ? 10.580  1.260   -8.638  1.00 16.10 ? 45  ARG A CB  1 
ATOM   172  C CG  . ARG A 1 23  ? 11.485  0.686   -7.564  1.00 19.28 ? 45  ARG A CG  1 
ATOM   173  C CD  . ARG A 1 23  ? 12.942  0.660   -8.023  1.00 25.49 ? 45  ARG A CD  1 
ATOM   174  N NE  . ARG A 1 23  ? 13.828  0.081   -7.008  1.00 27.89 ? 45  ARG A NE  1 
ATOM   175  C CZ  . ARG A 1 23  ? 14.678  0.768   -6.242  1.00 30.47 ? 45  ARG A CZ  1 
ATOM   176  N NH1 . ARG A 1 23  ? 14.791  2.089   -6.359  1.00 31.27 ? 45  ARG A NH1 1 
ATOM   177  N NH2 . ARG A 1 23  ? 15.430  0.125   -5.353  1.00 31.62 ? 45  ARG A NH2 1 
ATOM   178  N N   . TYR A 1 24  ? 7.890   -0.529  -8.809  1.00 11.29 ? 46  TYR A N   1 
ATOM   179  C CA  . TYR A 1 24  ? 7.292   -1.831  -8.556  1.00 10.88 ? 46  TYR A CA  1 
ATOM   180  C C   . TYR A 1 24  ? 8.355   -2.778  -8.044  1.00 10.64 ? 46  TYR A C   1 
ATOM   181  O O   . TYR A 1 24  ? 9.273   -3.125  -8.797  1.00 12.73 ? 46  TYR A O   1 
ATOM   182  C CB  . TYR A 1 24  ? 6.699   -2.367  -9.849  1.00 10.39 ? 46  TYR A CB  1 
ATOM   183  C CG  . TYR A 1 24  ? 5.432   -1.693  -10.319 1.00 7.90  ? 46  TYR A CG  1 
ATOM   184  C CD1 . TYR A 1 24  ? 4.318   -1.602  -9.495  1.00 8.29  ? 46  TYR A CD1 1 
ATOM   185  C CD2 . TYR A 1 24  ? 5.321   -1.222  -11.619 1.00 10.42 ? 46  TYR A CD2 1 
ATOM   186  C CE1 . TYR A 1 24  ? 3.155   -1.042  -9.947  1.00 8.60  ? 46  TYR A CE1 1 
ATOM   187  C CE2 . TYR A 1 24  ? 4.143   -0.642  -12.090 1.00 9.07  ? 46  TYR A CE2 1 
ATOM   188  C CZ  . TYR A 1 24  ? 3.059   -0.558  -11.235 1.00 8.75  ? 46  TYR A CZ  1 
ATOM   189  O OH  . TYR A 1 24  ? 1.898   0.008   -11.693 1.00 9.85  ? 46  TYR A OH  1 
ATOM   190  N N   . SER A 1 25  ? 8.274   -3.212  -6.794  1.00 9.88  ? 47  SER A N   1 
ATOM   191  C CA  . SER A 1 25  ? 9.405   -3.894  -6.173  1.00 9.78  ? 47  SER A CA  1 
ATOM   192  C C   . SER A 1 25  ? 9.022   -4.735  -4.964  1.00 10.09 ? 47  SER A C   1 
ATOM   193  O O   . SER A 1 25  ? 9.900   -5.188  -4.229  1.00 10.65 ? 47  SER A O   1 
ATOM   194  C CB  . SER A 1 25  ? 10.529  -2.917  -5.830  1.00 11.61 ? 47  SER A CB  1 
ATOM   195  O OG  . SER A 1 25  ? 10.063  -1.973  -4.894  1.00 12.16 ? 47  SER A OG  1 
ATOM   196  N N   . ILE A 1 26  ? 7.722   -4.970  -4.762  1.00 9.50  ? 48  ILE A N   1 
ATOM   197  C CA  . ILE A 1 26  ? 7.235   -5.702  -3.606  1.00 10.22 ? 48  ILE A CA  1 
ATOM   198  C C   . ILE A 1 26  ? 6.715   -7.070  -4.059  1.00 9.14  ? 48  ILE A C   1 
ATOM   199  O O   . ILE A 1 26  ? 5.882   -7.132  -4.943  1.00 9.24  ? 48  ILE A O   1 
ATOM   200  C CB  . ILE A 1 26  ? 6.127   -4.895  -2.857  1.00 9.09  ? 48  ILE A CB  1 
ATOM   201  C CG1 . ILE A 1 26  ? 6.626   -3.505  -2.480  1.00 10.07 ? 48  ILE A CG1 1 
ATOM   202  C CG2 . ILE A 1 26  ? 5.658   -5.661  -1.614  1.00 12.71 ? 48  ILE A CG2 1 
ATOM   203  C CD1 . ILE A 1 26  ? 5.524   -2.570  -1.921  1.00 9.41  ? 48  ILE A CD1 1 
ATOM   204  N N   . SER A 1 27  ? 7.212   -8.147  -3.462  1.00 9.84  ? 49  SER A N   1 
ATOM   205  C CA  . SER A 1 27  ? 6.662   -9.482  -3.712  1.00 11.06 ? 49  SER A CA  1 
ATOM   206  C C   . SER A 1 27  ? 5.413   -9.728  -2.886  1.00 11.29 ? 49  SER A C   1 
ATOM   207  O O   . SER A 1 27  ? 5.103   -8.995  -1.955  1.00 9.94  ? 49  SER A O   1 
ATOM   208  C CB  . SER A 1 27  ? 7.694   -10.549 -3.373  1.00 12.23 ? 49  SER A CB  1 
ATOM   209  O OG  . SER A 1 27  ? 7.808   -10.653 -1.967  1.00 13.73 ? 49  SER A OG  1 
ATOM   210  N N   . ARG A 1 28  ? 4.681   -10.775 -3.205  1.00 11.02 ? 50  ARG A N   1 
ATOM   211  C CA  . ARG A 1 28  ? 3.480   -11.055 -2.468  1.00 11.99 ? 50  ARG A CA  1 
ATOM   212  C C   . ARG A 1 28  ? 3.784   -11.318 -0.977  1.00 11.90 ? 50  ARG A C   1 
ATOM   213  O O   . ARG A 1 28  ? 3.019   -10.892 -0.103  1.00 12.37 ? 50  ARG A O   1 
ATOM   214  C CB  . ARG A 1 28  ? 2.777   -12.255 -3.099  1.00 13.01 ? 50  ARG A CB  1 
ATOM   215  C CG  . ARG A 1 28  ? 1.526   -12.695 -2.418  1.00 16.29 ? 50  ARG A CG  1 
ATOM   216  C CD  . ARG A 1 28  ? 0.534   -11.568 -2.192  1.00 19.01 ? 50  ARG A CD  1 
ATOM   217  N NE  . ARG A 1 28  ? -0.678  -12.075 -1.557  1.00 21.09 ? 50  ARG A NE  1 
ATOM   218  C CZ  . ARG A 1 28  ? -0.764  -12.439 -0.279  1.00 22.65 ? 50  ARG A CZ  1 
ATOM   219  N NH1 . ARG A 1 28  ? 0.278   -12.331 0.534   1.00 21.74 ? 50  ARG A NH1 1 
ATOM   220  N NH2 . ARG A 1 28  ? -1.908  -12.912 0.198   1.00 21.03 ? 50  ARG A NH2 1 
ATOM   221  N N   . THR A 1 29  ? 4.893   -12.007 -0.675  1.00 12.11 ? 51  THR A N   1 
ATOM   222  C CA  . THR A 1 29  ? 5.285   -12.247 0.733   1.00 13.43 ? 51  THR A CA  1 
ATOM   223  C C   . THR A 1 29  ? 5.683   -10.962 1.423   1.00 12.21 ? 51  THR A C   1 
ATOM   224  O O   . THR A 1 29  ? 5.279   -10.717 2.559   1.00 12.86 ? 51  THR A O   1 
ATOM   225  C CB  . THR A 1 29  ? 6.391   -13.311 0.899   1.00 14.26 ? 51  THR A CB  1 
ATOM   226  O OG1 . THR A 1 29  ? 7.472   -13.027 0.017   1.00 16.73 ? 51  THR A OG1 1 
ATOM   227  C CG2 . THR A 1 29  ? 5.839   -14.689 0.624   1.00 17.07 ? 51  THR A CG2 1 
ATOM   228  N N   . GLU A 1 30  ? 6.434   -10.128 0.727   1.00 11.76 ? 52  GLU A N   1 
ATOM   229  C CA  . GLU A 1 30  ? 6.833   -8.869  1.302   1.00 11.93 ? 52  GLU A CA  1 
ATOM   230  C C   . GLU A 1 30  ? 5.636   -7.956  1.546   1.00 10.88 ? 52  GLU A C   1 
ATOM   231  O O   . GLU A 1 30  ? 5.628   -7.208  2.525   1.00 11.50 ? 52  GLU A O   1 
ATOM   232  C CB  . GLU A 1 30  ? 7.863   -8.152  0.447   1.00 12.18 ? 52  GLU A CB  1 
ATOM   233  C CG  . GLU A 1 30  ? 8.388   -6.857  1.085   1.00 14.18 ? 52  GLU A CG  1 
ATOM   234  C CD  . GLU A 1 30  ? 9.490   -6.221  0.284   1.00 18.70 ? 52  GLU A CD  1 
ATOM   235  O OE1 . GLU A 1 30  ? 9.834   -6.769  -0.795  1.00 25.64 ? 52  GLU A OE1 1 
ATOM   236  O OE2 . GLU A 1 30  ? 10.010  -5.170  0.709   1.00 18.86 ? 52  GLU A OE2 1 
ATOM   237  N N   . ALA A 1 31  ? 4.625   -8.023  0.670   1.00 10.35 ? 53  ALA A N   1 
ATOM   238  C CA  . ALA A 1 31  ? 3.408   -7.225  0.802   1.00 9.81  ? 53  ALA A CA  1 
ATOM   239  C C   . ALA A 1 31  ? 2.700   -7.532  2.102   1.00 9.54  ? 53  ALA A C   1 
ATOM   240  O O   . ALA A 1 31  ? 2.306   -6.621  2.829   1.00 9.00  ? 53  ALA A O   1 
ATOM   241  C CB  . ALA A 1 31  ? 2.475   -7.458  -0.385  1.00 9.33  ? 53  ALA A CB  1 
ATOM   242  N N   . ALA A 1 32  ? 2.545   -8.822  2.405   1.00 10.22 ? 54  ALA A N   1 
ATOM   243  C CA  . ALA A 1 32  ? 1.881   -9.191  3.656   1.00 11.03 ? 54  ALA A CA  1 
ATOM   244  C C   . ALA A 1 32  ? 2.668   -8.657  4.864   1.00 10.59 ? 54  ALA A C   1 
ATOM   245  O O   . ALA A 1 32  ? 2.086   -8.156  5.831   1.00 10.94 ? 54  ALA A O   1 
ATOM   246  C CB  . ALA A 1 32  ? 1.714   -10.680 3.746   1.00 11.14 ? 54  ALA A CB  1 
ATOM   247  N N   . ASP A 1 33  ? 3.995   -8.778  4.802   1.00 10.85 ? 55  ASP A N   1 
ATOM   248  C CA  . ASP A 1 33  ? 4.848   -8.311  5.905   1.00 11.19 ? 55  ASP A CA  1 
ATOM   249  C C   . ASP A 1 33  ? 4.787   -6.802  6.068   1.00 10.39 ? 55  ASP A C   1 
ATOM   250  O O   . ASP A 1 33  ? 4.731   -6.277  7.189   1.00 10.24 ? 55  ASP A O   1 
ATOM   251  C CB  . ASP A 1 33  ? 6.298   -8.739  5.678   1.00 11.84 ? 55  ASP A CB  1 
ATOM   252  C CG  . ASP A 1 33  ? 6.528   -10.217 5.922   1.00 14.94 ? 55  ASP A CG  1 
ATOM   253  O OD1 . ASP A 1 33  ? 5.631   -10.898 6.450   1.00 18.52 ? 55  ASP A OD1 1 
ATOM   254  O OD2 . ASP A 1 33  ? 7.623   -10.692 5.546   1.00 18.75 ? 55  ASP A OD2 1 
ATOM   255  N N   . LEU A 1 34  ? 4.753   -6.092  4.944   1.00 9.92  ? 56  LEU A N   1 
ATOM   256  C CA  . LEU A 1 34  ? 4.683   -4.657  4.946   1.00 9.74  ? 56  LEU A CA  1 
ATOM   257  C C   . LEU A 1 34  ? 3.365   -4.196  5.547   1.00 9.51  ? 56  LEU A C   1 
ATOM   258  O O   . LEU A 1 34  ? 3.352   -3.324  6.435   1.00 9.84  ? 56  LEU A O   1 
ATOM   259  C CB  . LEU A 1 34  ? 4.862   -4.133  3.528   1.00 10.70 ? 56  LEU A CB  1 
ATOM   260  C CG  . LEU A 1 34  ? 4.965   -2.632  3.383   1.00 12.48 ? 56  LEU A CG  1 
ATOM   261  C CD1 . LEU A 1 34  ? 6.004   -2.052  4.346   1.00 15.03 ? 56  LEU A CD1 1 
ATOM   262  C CD2 . LEU A 1 34  ? 5.281   -2.291  1.953   1.00 13.88 ? 56  LEU A CD2 1 
ATOM   263  N N   . CYS A 1 35  ? 2.246   -4.771  5.109   1.00 9.45  ? 57  CYS A N   1 
ATOM   264  C CA  . CYS A 1 35  ? 0.997   -4.377  5.752   1.00 9.94  ? 57  CYS A CA  1 
ATOM   265  C C   . CYS A 1 35  ? 1.010   -4.664  7.252   1.00 10.53 ? 57  CYS A C   1 
ATOM   266  O O   . CYS A 1 35  ? 0.557   -3.828  8.036   1.00 9.63  ? 57  CYS A O   1 
ATOM   267  C CB  . CYS A 1 35  ? -0.226  -5.003  5.067   1.00 10.62 ? 57  CYS A CB  1 
ATOM   268  S SG  . CYS A 1 35  ? -0.459  -4.518  3.354   1.00 10.97 ? 57  CYS A SG  1 
ATOM   269  N N   A GLN A 1 36  ? 1.530   -5.823  7.650   0.50 10.10 ? 58  GLN A N   1 
ATOM   270  N N   B GLN A 1 36  ? 1.525   -5.829  7.636   0.50 10.03 ? 58  GLN A N   1 
ATOM   271  C CA  A GLN A 1 36  ? 1.621   -6.166  9.072   0.50 10.91 ? 58  GLN A CA  1 
ATOM   272  C CA  B GLN A 1 36  ? 1.657   -6.202  9.045   0.50 10.74 ? 58  GLN A CA  1 
ATOM   273  C C   A GLN A 1 36  ? 2.388   -5.093  9.852   0.50 10.51 ? 58  GLN A C   1 
ATOM   274  C C   B GLN A 1 36  ? 2.388   -5.112  9.839   0.50 10.51 ? 58  GLN A C   1 
ATOM   275  O O   A GLN A 1 36  ? 2.000   -4.745  10.966  0.50 10.78 ? 58  GLN A O   1 
ATOM   276  O O   B GLN A 1 36  ? 1.974   -4.772  10.950  0.50 10.71 ? 58  GLN A O   1 
ATOM   277  C CB  A GLN A 1 36  ? 2.228   -7.560  9.290   0.50 11.21 ? 58  GLN A CB  1 
ATOM   278  C CB  B GLN A 1 36  ? 2.345   -7.568  9.193   0.50 10.96 ? 58  GLN A CB  1 
ATOM   279  C CG  A GLN A 1 36  ? 2.072   -8.089  10.722  0.50 13.92 ? 58  GLN A CG  1 
ATOM   280  C CG  B GLN A 1 36  ? 2.719   -7.946  10.631  0.50 12.93 ? 58  GLN A CG  1 
ATOM   281  C CD  A GLN A 1 36  ? 2.250   -9.588  10.821  0.50 17.04 ? 58  GLN A CD  1 
ATOM   282  C CD  B GLN A 1 36  ? 1.511   -8.123  11.549  0.50 15.11 ? 58  GLN A CD  1 
ATOM   283  O OE1 A GLN A 1 36  ? 2.974   -10.077 11.686  0.50 19.43 ? 58  GLN A OE1 1 
ATOM   284  O OE1 B GLN A 1 36  ? 1.626   -7.983  12.765  0.50 18.91 ? 58  GLN A OE1 1 
ATOM   285  N NE2 A GLN A 1 36  ? 1.587   -10.327 9.941   0.50 19.24 ? 58  GLN A NE2 1 
ATOM   286  N NE2 B GLN A 1 36  ? 0.360   -8.438  10.975  0.50 16.16 ? 58  GLN A NE2 1 
ATOM   287  N N   . ALA A 1 37  ? 3.423   -4.526  9.242   1.00 10.22 ? 59  ALA A N   1 
ATOM   288  C CA  . ALA A 1 37  ? 4.208   -3.486  9.909   1.00 10.90 ? 59  ALA A CA  1 
ATOM   289  C C   . ALA A 1 37  ? 3.406   -2.201  10.125  1.00 10.78 ? 59  ALA A C   1 
ATOM   290  O O   . ALA A 1 37  ? 3.695   -1.412  11.032  1.00 10.78 ? 59  ALA A O   1 
ATOM   291  C CB  . ALA A 1 37  ? 5.482   -3.213  9.157   1.00 11.22 ? 59  ALA A CB  1 
ATOM   292  N N   . PHE A 1 38  ? 2.394   -1.989  9.276   1.00 10.64 ? 60  PHE A N   1 
ATOM   293  C CA  . PHE A 1 38  ? 1.440   -0.892  9.421   1.00 11.33 ? 60  PHE A CA  1 
ATOM   294  C C   . PHE A 1 38  ? 0.227   -1.303  10.270  1.00 11.10 ? 60  PHE A C   1 
ATOM   295  O O   . PHE A 1 38  ? -0.788  -0.602  10.261  1.00 11.83 ? 60  PHE A O   1 
ATOM   296  C CB  . PHE A 1 38  ? 0.945   -0.402  8.043   1.00 11.25 ? 60  PHE A CB  1 
ATOM   297  C CG  . PHE A 1 38  ? 1.914   0.490   7.317   1.00 10.07 ? 60  PHE A CG  1 
ATOM   298  C CD1 . PHE A 1 38  ? 2.090   1.797   7.734   1.00 10.65 ? 60  PHE A CD1 1 
ATOM   299  C CD2 . PHE A 1 38  ? 2.582   0.062   6.173   1.00 11.37 ? 60  PHE A CD2 1 
ATOM   300  C CE1 . PHE A 1 38  ? 2.960   2.667   7.063   1.00 12.04 ? 60  PHE A CE1 1 
ATOM   301  C CE2 . PHE A 1 38  ? 3.457   0.941   5.492   1.00 10.61 ? 60  PHE A CE2 1 
ATOM   302  C CZ  . PHE A 1 38  ? 3.639   2.239   5.947   1.00 11.19 ? 60  PHE A CZ  1 
ATOM   303  N N   A ASN A 1 39  ? 0.337   -2.405  11.013  0.50 11.60 ? 61  ASN A N   1 
ATOM   304  N N   B ASN A 1 39  ? 0.312   -2.428  10.985  0.50 11.48 ? 61  ASN A N   1 
ATOM   305  C CA  A ASN A 1 39  ? -0.813  -2.925  11.749  0.50 11.98 ? 61  ASN A CA  1 
ATOM   306  C CA  B ASN A 1 39  ? -0.830  -2.952  11.757  0.50 11.81 ? 61  ASN A CA  1 
ATOM   307  C C   A ASN A 1 39  ? -2.023  -2.988  10.825  0.50 11.52 ? 61  ASN A C   1 
ATOM   308  C C   B ASN A 1 39  ? -2.077  -3.215  10.903  0.50 11.27 ? 61  ASN A C   1 
ATOM   309  O O   A ASN A 1 39  ? -3.097  -2.472  11.154  0.50 11.83 ? 61  ASN A O   1 
ATOM   310  O O   B ASN A 1 39  ? -3.220  -3.083  11.352  0.50 10.59 ? 61  ASN A O   1 
ATOM   311  C CB  A ASN A 1 39  ? -1.126  -2.070  12.988  0.50 12.66 ? 61  ASN A CB  1 
ATOM   312  C CB  B ASN A 1 39  ? -1.187  -2.039  12.935  0.50 12.55 ? 61  ASN A CB  1 
ATOM   313  C CG  A ASN A 1 39  ? -0.280  -2.449  14.196  0.50 13.79 ? 61  ASN A CG  1 
ATOM   314  C CG  B ASN A 1 39  ? -2.087  -2.727  13.931  0.50 13.96 ? 61  ASN A CG  1 
ATOM   315  O OD1 A ASN A 1 39  ? 0.081   -3.610  14.384  0.50 16.19 ? 61  ASN A OD1 1 
ATOM   316  O OD1 B ASN A 1 39  ? -1.943  -3.924  14.178  0.50 18.05 ? 61  ASN A OD1 1 
ATOM   317  N ND2 A ASN A 1 39  ? 0.027   -1.464  15.027  0.50 16.67 ? 61  ASN A ND2 1 
ATOM   318  N ND2 B ASN A 1 39  ? -3.041  -1.989  14.485  0.50 15.97 ? 61  ASN A ND2 1 
ATOM   319  N N   . SER A 1 40  ? -1.821  -3.622  9.669   1.00 10.61 ? 62  SER A N   1 
ATOM   320  C CA  . SER A 1 40  ? -2.818  -3.660  8.612   1.00 9.98  ? 62  SER A CA  1 
ATOM   321  C C   . SER A 1 40  ? -2.740  -5.027  7.956   1.00 10.30 ? 62  SER A C   1 
ATOM   322  O O   . SER A 1 40  ? -1.828  -5.812  8.233   1.00 11.47 ? 62  SER A O   1 
ATOM   323  C CB  . SER A 1 40  ? -2.508  -2.558  7.591   1.00 10.09 ? 62  SER A CB  1 
ATOM   324  O OG  . SER A 1 40  ? -2.676  -1.255  8.125   1.00 11.17 ? 62  SER A OG  1 
ATOM   325  N N   . THR A 1 41  ? -3.717  -5.321  7.115   1.00 10.15 ? 63  THR A N   1 
ATOM   326  C CA  . THR A 1 41  ? -3.759  -6.569  6.362   1.00 10.65 ? 63  THR A CA  1 
ATOM   327  C C   . THR A 1 41  ? -3.914  -6.245  4.879   1.00 9.62  ? 63  THR A C   1 
ATOM   328  O O   . THR A 1 41  ? -4.286  -5.128  4.514   1.00 10.63 ? 63  THR A O   1 
ATOM   329  C CB  . THR A 1 41  ? -4.962  -7.417  6.802   1.00 11.11 ? 63  THR A CB  1 
ATOM   330  O OG1 . THR A 1 41  ? -6.147  -6.607  6.795   1.00 13.37 ? 63  THR A OG1 1 
ATOM   331  C CG2 . THR A 1 41  ? -4.737  -7.973  8.219   1.00 14.35 ? 63  THR A CG2 1 
ATOM   332  N N   A LEU A 1 42  ? -3.613  -7.197  4.009   0.50 9.39  ? 64  LEU A N   1 
ATOM   333  N N   B LEU A 1 42  ? -3.641  -7.205  4.011   0.50 9.36  ? 64  LEU A N   1 
ATOM   334  C CA  A LEU A 1 42  ? -3.987  -7.019  2.617   0.50 9.52  ? 64  LEU A CA  1 
ATOM   335  C CA  B LEU A 1 42  ? -3.988  -7.022  2.612   0.50 9.37  ? 64  LEU A CA  1 
ATOM   336  C C   A LEU A 1 42  ? -5.509  -6.882  2.544   0.50 9.02  ? 64  LEU A C   1 
ATOM   337  C C   B LEU A 1 42  ? -5.508  -6.945  2.460   0.50 8.98  ? 64  LEU A C   1 
ATOM   338  O O   A LEU A 1 42  ? -6.215  -7.635  3.203   0.50 8.87  ? 64  LEU A O   1 
ATOM   339  O O   B LEU A 1 42  ? -6.207  -7.828  2.945   0.50 8.65  ? 64  LEU A O   1 
ATOM   340  C CB  A LEU A 1 42  ? -3.544  -8.223  1.800   0.50 9.85  ? 64  LEU A CB  1 
ATOM   341  C CB  B LEU A 1 42  ? -3.485  -8.201  1.805   0.50 9.75  ? 64  LEU A CB  1 
ATOM   342  C CG  A LEU A 1 42  ? -2.073  -8.201  1.380   0.50 10.72 ? 64  LEU A CG  1 
ATOM   343  C CG  B LEU A 1 42  ? -1.968  -8.312  1.730   0.50 9.70  ? 64  LEU A CG  1 
ATOM   344  C CD1 A LEU A 1 42  ? -1.820  -7.026  0.474   0.50 10.09 ? 64  LEU A CD1 1 
ATOM   345  C CD1 B LEU A 1 42  ? -1.625  -9.597  1.019   0.50 10.98 ? 64  LEU A CD1 1 
ATOM   346  C CD2 A LEU A 1 42  ? -1.184  -8.120  2.575   0.50 12.42 ? 64  LEU A CD2 1 
ATOM   347  C CD2 B LEU A 1 42  ? -1.412  -7.125  0.995   0.50 10.84 ? 64  LEU A CD2 1 
ATOM   348  N N   . PRO A 1 43  ? -6.029  -5.927  1.753   1.00 8.82  ? 65  PRO A N   1 
ATOM   349  C CA  . PRO A 1 43  ? -7.475  -5.757  1.696   1.00 8.73  ? 65  PRO A CA  1 
ATOM   350  C C   . PRO A 1 43  ? -8.159  -6.925  1.000   1.00 8.59  ? 65  PRO A C   1 
ATOM   351  O O   . PRO A 1 43  ? -7.597  -7.514  0.086   1.00 9.28  ? 65  PRO A O   1 
ATOM   352  C CB  . PRO A 1 43  ? -7.648  -4.479  0.862   1.00 8.78  ? 65  PRO A CB  1 
ATOM   353  C CG  . PRO A 1 43  ? -6.334  -3.767  0.945   1.00 9.21  ? 65  PRO A CG  1 
ATOM   354  C CD  . PRO A 1 43  ? -5.308  -4.839  1.055   1.00 8.66  ? 65  PRO A CD  1 
ATOM   355  N N   . THR A 1 44  ? -9.386  -7.219  1.398   1.00 9.40  ? 66  THR A N   1 
ATOM   356  C CA  . THR A 1 44  ? -10.232 -8.066  0.567   1.00 9.36  ? 66  THR A CA  1 
ATOM   357  C C   . THR A 1 44  ? -10.778 -7.245  -0.609  1.00 8.70  ? 66  THR A C   1 
ATOM   358  O O   . THR A 1 44  ? -10.738 -6.009  -0.615  1.00 8.78  ? 66  THR A O   1 
ATOM   359  C CB  . THR A 1 44  ? -11.422 -8.627  1.345   1.00 9.47  ? 66  THR A CB  1 
ATOM   360  O OG1 . THR A 1 44  ? -12.259 -7.541  1.742   1.00 10.41 ? 66  THR A OG1 1 
ATOM   361  C CG2 . THR A 1 44  ? -10.962 -9.421  2.574   1.00 11.08 ? 66  THR A CG2 1 
ATOM   362  N N   . MET A 1 45  ? -11.311 -7.933  -1.610  1.00 8.92  ? 67  MET A N   1 
ATOM   363  C CA  . MET A 1 45  ? -11.946 -7.268  -2.720  1.00 9.00  ? 67  MET A CA  1 
ATOM   364  C C   . MET A 1 45  ? -13.094 -6.383  -2.222  1.00 9.40  ? 67  MET A C   1 
ATOM   365  O O   . MET A 1 45  ? -13.243 -5.257  -2.683  1.00 9.38  ? 67  MET A O   1 
ATOM   366  C CB  . MET A 1 45  ? -12.423 -8.307  -3.764  1.00 9.98  ? 67  MET A CB  1 
ATOM   367  C CG  . MET A 1 45  ? -13.118 -7.659  -4.965  1.00 12.40 ? 67  MET A CG  1 
ATOM   368  S SD  . MET A 1 45  ? -12.086 -6.458  -5.837  1.00 16.14 ? 67  MET A SD  1 
ATOM   369  C CE  . MET A 1 45  ? -11.103 -7.544  -6.816  1.00 17.54 ? 67  MET A CE  1 
ATOM   370  N N   . ASP A 1 46  ? -13.903 -6.880  -1.291  1.00 9.08  ? 68  ASP A N   1 
ATOM   371  C CA  . ASP A 1 46  ? -15.000 -6.076  -0.753  1.00 9.92  ? 68  ASP A CA  1 
ATOM   372  C C   . ASP A 1 46  ? -14.497 -4.807  -0.053  1.00 8.90  ? 68  ASP A C   1 
ATOM   373  O O   . ASP A 1 46  ? -15.102 -3.749  -0.195  1.00 9.41  ? 68  ASP A O   1 
ATOM   374  C CB  . ASP A 1 46  ? -15.896 -6.916  0.175   1.00 11.59 ? 68  ASP A CB  1 
ATOM   375  C CG  . ASP A 1 46  ? -16.871 -7.807  -0.594  1.00 16.15 ? 68  ASP A CG  1 
ATOM   376  O OD1 . ASP A 1 46  ? -17.067 -7.608  -1.813  1.00 19.89 ? 68  ASP A OD1 1 
ATOM   377  O OD2 . ASP A 1 46  ? -17.446 -8.698  0.056   1.00 20.92 ? 68  ASP A OD2 1 
ATOM   378  N N   . GLN A 1 47  ? -13.412 -4.920  0.711   1.00 8.41  ? 69  GLN A N   1 
ATOM   379  C CA  . GLN A 1 47  ? -12.829 -3.733  1.350   1.00 6.95  ? 69  GLN A CA  1 
ATOM   380  C C   . GLN A 1 47  ? -12.359 -2.739  0.318   1.00 7.12  ? 69  GLN A C   1 
ATOM   381  O O   . GLN A 1 47  ? -12.538 -1.528  0.471   1.00 7.17  ? 69  GLN A O   1 
ATOM   382  C CB  . GLN A 1 47  ? -11.704 -4.141  2.292   1.00 7.10  ? 69  GLN A CB  1 
ATOM   383  C CG  . GLN A 1 47  ? -12.231 -4.836  3.539   1.00 8.08  ? 69  GLN A CG  1 
ATOM   384  C CD  . GLN A 1 47  ? -11.165 -5.546  4.336   1.00 8.08  ? 69  GLN A CD  1 
ATOM   385  O OE1 . GLN A 1 47  ? -10.046 -5.807  3.857   1.00 9.90  ? 69  GLN A OE1 1 
ATOM   386  N NE2 . GLN A 1 47  ? -11.493 -5.854  5.578   1.00 11.86 ? 69  GLN A NE2 1 
ATOM   387  N N   . MET A 1 48  ? -11.731 -3.232  -0.734  1.00 7.02  ? 70  MET A N   1 
ATOM   388  C CA  . MET A 1 48  ? -11.268 -2.365  -1.792  1.00 7.65  ? 70  MET A CA  1 
ATOM   389  C C   . MET A 1 48  ? -12.425 -1.693  -2.544  1.00 7.55  ? 70  MET A C   1 
ATOM   390  O O   . MET A 1 48  ? -12.375 -0.511  -2.866  1.00 7.84  ? 70  MET A O   1 
ATOM   391  C CB  . MET A 1 48  ? -10.376 -3.141  -2.765  1.00 8.78  ? 70  MET A CB  1 
ATOM   392  C CG  . MET A 1 48  ? -9.858  -2.341  -3.933  1.00 9.95  ? 70  MET A CG  1 
ATOM   393  S SD  . MET A 1 48  ? -8.849  -0.924  -3.511  1.00 10.44 ? 70  MET A SD  1 
ATOM   394  C CE  . MET A 1 48  ? -7.277  -1.691  -3.219  1.00 12.34 ? 70  MET A CE  1 
ATOM   395  N N   . LYS A 1 49  ? -13.493 -2.439  -2.785  1.00 8.46  ? 71  LYS A N   1 
ATOM   396  C CA  . LYS A 1 49  ? -14.642 -1.839  -3.443  1.00 8.61  ? 71  LYS A CA  1 
ATOM   397  C C   . LYS A 1 49  ? -15.263 -0.730  -2.597  1.00 8.56  ? 71  LYS A C   1 
ATOM   398  O O   . LYS A 1 49  ? -15.687 0.296   -3.141  1.00 9.16  ? 71  LYS A O   1 
ATOM   399  C CB  . LYS A 1 49  ? -15.671 -2.915  -3.769  1.00 10.00 ? 71  LYS A CB  1 
ATOM   400  C CG  . LYS A 1 49  ? -15.271 -3.773  -4.970  1.00 11.48 ? 71  LYS A CG  1 
ATOM   401  C CD  . LYS A 1 49  ? -16.275 -4.888  -5.232  1.00 16.36 ? 71  LYS A CD  1 
ATOM   402  C CE  . LYS A 1 49  ? -15.947 -5.642  -6.522  1.00 17.87 ? 71  LYS A CE  1 
ATOM   403  N NZ  . LYS A 1 49  ? -16.796 -6.859  -6.696  1.00 21.68 ? 71  LYS A NZ  1 
ATOM   404  N N   . LEU A 1 50  ? -15.331 -0.918  -1.286  1.00 8.45  ? 72  LEU A N   1 
ATOM   405  C CA  . LEU A 1 50  ? -15.844 0.144   -0.434  1.00 9.17  ? 72  LEU A CA  1 
ATOM   406  C C   . LEU A 1 50  ? -14.917 1.369   -0.456  1.00 8.42  ? 72  LEU A C   1 
ATOM   407  O O   . LEU A 1 50  ? -15.368 2.501   -0.563  1.00 8.32  ? 72  LEU A O   1 
ATOM   408  C CB  . LEU A 1 50  ? -16.118 -0.367  0.971   1.00 9.74  ? 72  LEU A CB  1 
ATOM   409  C CG  . LEU A 1 50  ? -16.930 0.661   1.778   1.00 10.28 ? 72  LEU A CG  1 
ATOM   410  C CD1 . LEU A 1 50  ? -18.354 0.857   1.217   1.00 13.74 ? 72  LEU A CD1 1 
ATOM   411  C CD2 . LEU A 1 50  ? -16.945 0.278   3.255   1.00 14.22 ? 72  LEU A CD2 1 
ATOM   412  N N   . ALA A 1 51  ? -13.612 1.122   -0.416  1.00 7.68  ? 73  ALA A N   1 
ATOM   413  C CA  . ALA A 1 51  ? -12.661 2.223   -0.488  1.00 6.87  ? 73  ALA A CA  1 
ATOM   414  C C   . ALA A 1 51  ? -12.833 3.014   -1.782  1.00 7.99  ? 73  ALA A C   1 
ATOM   415  O O   . ALA A 1 51  ? -12.839 4.251   -1.784  1.00 7.55  ? 73  ALA A O   1 
ATOM   416  C CB  . ALA A 1 51  ? -11.252 1.711   -0.363  1.00 7.78  ? 73  ALA A CB  1 
ATOM   417  N N   . LEU A 1 52  ? -12.928 2.302   -2.902  1.00 8.06  ? 74  LEU A N   1 
ATOM   418  C CA  . LEU A 1 52  ? -13.220 2.936   -4.175  1.00 9.84  ? 74  LEU A CA  1 
ATOM   419  C C   . LEU A 1 52  ? -14.453 3.843   -4.108  1.00 10.10 ? 74  LEU A C   1 
ATOM   420  O O   . LEU A 1 52  ? -14.428 4.996   -4.580  1.00 10.49 ? 74  LEU A O   1 
ATOM   421  C CB  . LEU A 1 52  ? -13.352 1.852   -5.246  1.00 10.96 ? 74  LEU A CB  1 
ATOM   422  C CG  . LEU A 1 52  ? -13.857 2.272   -6.632  1.00 14.78 ? 74  LEU A CG  1 
ATOM   423  C CD1 . LEU A 1 52  ? -12.740 2.937   -7.340  1.00 18.57 ? 74  LEU A CD1 1 
ATOM   424  C CD2 . LEU A 1 52  ? -14.379 1.086   -7.437  1.00 18.04 ? 74  LEU A CD2 1 
ATOM   425  N N   . SER A 1 53  ? -15.496 3.350   -3.454  1.00 10.10 ? 75  SER A N   1 
ATOM   426  C CA  . SER A 1 53  ? -16.761 4.092   -3.342  1.00 11.16 ? 75  SER A CA  1 
ATOM   427  C C   . SER A 1 53  ? -16.622 5.379   -2.540  1.00 11.81 ? 75  SER A C   1 
ATOM   428  O O   . SER A 1 53  ? -17.455 6.292   -2.703  1.00 13.18 ? 75  SER A O   1 
ATOM   429  C CB  . SER A 1 53  ? -17.864 3.201   -2.766  1.00 12.04 ? 75  SER A CB  1 
ATOM   430  O OG  . SER A 1 53  ? -17.809 3.148   -1.361  1.00 13.47 ? 75  SER A OG  1 
ATOM   431  N N   . LYS A 1 54  ? -15.588 5.457   -1.693  1.00 10.50 ? 76  LYS A N   1 
ATOM   432  C CA  . LYS A 1 54  ? -15.274 6.654   -0.916  1.00 10.90 ? 76  LYS A CA  1 
ATOM   433  C C   . LYS A 1 54  ? -14.319 7.622   -1.593  1.00 11.29 ? 76  LYS A C   1 
ATOM   434  O O   . LYS A 1 54  ? -14.016 8.673   -1.037  1.00 12.97 ? 76  LYS A O   1 
ATOM   435  C CB  . LYS A 1 54  ? -14.685 6.263   0.456   1.00 11.72 ? 76  LYS A CB  1 
ATOM   436  C CG  . LYS A 1 54  ? -15.552 5.324   1.295   1.00 12.71 ? 76  LYS A CG  1 
ATOM   437  C CD  . LYS A 1 54  ? -16.935 5.855   1.574   1.00 17.23 ? 76  LYS A CD  1 
ATOM   438  C CE  . LYS A 1 54  ? -17.634 4.927   2.566   1.00 19.70 ? 76  LYS A CE  1 
ATOM   439  N NZ  . LYS A 1 54  ? -18.948 5.471   2.963   1.00 22.19 ? 76  LYS A NZ  1 
ATOM   440  N N   . GLY A 1 55  ? -13.825 7.266   -2.774  1.00 11.27 ? 77  GLY A N   1 
ATOM   441  C CA  . GLY A 1 55  ? -12.977 8.184   -3.521  1.00 11.20 ? 77  GLY A CA  1 
ATOM   442  C C   . GLY A 1 55  ? -11.566 7.703   -3.802  1.00 10.20 ? 77  GLY A C   1 
ATOM   443  O O   . GLY A 1 55  ? -10.754 8.457   -4.310  1.00 11.44 ? 77  GLY A O   1 
ATOM   444  N N   . PHE A 1 56  ? -11.265 6.439   -3.488  1.00 9.11  ? 78  PHE A N   1 
ATOM   445  C CA  . PHE A 1 56  ? -9.918  5.879   -3.728  1.00 8.48  ? 78  PHE A CA  1 
ATOM   446  C C   . PHE A 1 56  ? -9.675  5.506   -5.183  1.00 8.65  ? 78  PHE A C   1 
ATOM   447  O O   . PHE A 1 56  ? -10.385 4.687   -5.715  1.00 9.07  ? 78  PHE A O   1 
ATOM   448  C CB  . PHE A 1 56  ? -9.723  4.640   -2.856  1.00 8.82  ? 78  PHE A CB  1 
ATOM   449  C CG  . PHE A 1 56  ? -8.305  4.130   -2.766  1.00 7.92  ? 78  PHE A CG  1 
ATOM   450  C CD1 . PHE A 1 56  ? -7.209  4.982   -2.674  1.00 10.76 ? 78  PHE A CD1 1 
ATOM   451  C CD2 . PHE A 1 56  ? -8.075  2.767   -2.736  1.00 8.92  ? 78  PHE A CD2 1 
ATOM   452  C CE1 . PHE A 1 56  ? -5.904  4.480   -2.550  1.00 9.30  ? 78  PHE A CE1 1 
ATOM   453  C CE2 . PHE A 1 56  ? -6.780  2.271   -2.601  1.00 8.13  ? 78  PHE A CE2 1 
ATOM   454  C CZ  . PHE A 1 56  ? -5.711  3.120   -2.487  1.00 8.57  ? 78  PHE A CZ  1 
ATOM   455  N N   . GLU A 1 57  ? -8.632  6.066   -5.773  1.00 8.53  ? 79  GLU A N   1 
ATOM   456  C CA  . GLU A 1 57  ? -8.099  5.569   -7.031  1.00 8.60  ? 79  GLU A CA  1 
ATOM   457  C C   . GLU A 1 57  ? -6.589  5.782   -7.089  1.00 7.94  ? 79  GLU A C   1 
ATOM   458  O O   . GLU A 1 57  ? -6.063  6.721   -6.492  1.00 8.06  ? 79  GLU A O   1 
ATOM   459  C CB  . GLU A 1 57  ? -8.806  6.169   -8.243  1.00 9.81  ? 79  GLU A CB  1 
ATOM   460  C CG  . GLU A 1 57  ? -8.562  7.654   -8.468  1.00 13.19 ? 79  GLU A CG  1 
ATOM   461  C CD  . GLU A 1 57  ? -9.056  8.147   -9.860  1.00 13.12 ? 79  GLU A CD  1 
ATOM   462  O OE1 . GLU A 1 57  ? -9.620  7.374   -10.680 1.00 12.26 ? 79  GLU A OE1 1 
ATOM   463  O OE2 . GLU A 1 57  ? -8.858  9.345   -10.133 1.00 16.81 ? 79  GLU A OE2 1 
ATOM   464  N N   . THR A 1 58  ? -5.920  4.906   -7.828  1.00 7.37  ? 80  THR A N   1 
ATOM   465  C CA  . THR A 1 58  ? -4.493  5.057   -8.074  1.00 8.30  ? 80  THR A CA  1 
ATOM   466  C C   . THR A 1 58  ? -4.266  4.750   -9.542  1.00 8.76  ? 80  THR A C   1 
ATOM   467  O O   . THR A 1 58  ? -5.185  4.332   -10.245 1.00 9.13  ? 80  THR A O   1 
ATOM   468  C CB  . THR A 1 58  ? -3.615  4.079   -7.260  1.00 7.97  ? 80  THR A CB  1 
ATOM   469  O OG1 . THR A 1 58  ? -3.707  2.789   -7.869  1.00 8.93  ? 80  THR A OG1 1 
ATOM   470  C CG2 . THR A 1 58  ? -4.038  4.013   -5.802  1.00 9.20  ? 80  THR A CG2 1 
ATOM   471  N N   . CYS A 1 59  ? -3.019  4.862   -9.971  1.00 8.68  ? 81  CYS A N   1 
ATOM   472  C CA  . CYS A 1 59  ? -2.644  4.412   -11.302 1.00 10.09 ? 81  CYS A CA  1 
ATOM   473  C C   . CYS A 1 59  ? -1.537  3.398   -11.193 1.00 9.82  ? 81  CYS A C   1 
ATOM   474  O O   . CYS A 1 59  ? -0.617  3.385   -12.007 1.00 10.99 ? 81  CYS A O   1 
ATOM   475  C CB  . CYS A 1 59  ? -2.197  5.590   -12.171 1.00 10.72 ? 81  CYS A CB  1 
ATOM   476  S SG  . CYS A 1 59  ? -2.023  5.234   -13.963 1.00 16.17 ? 81  CYS A SG  1 
ATOM   477  N N   . ARG A 1 60  ? -1.604  2.542   -10.180 1.00 9.19  ? 82  ARG A N   1 
ATOM   478  C CA  . ARG A 1 60  ? -0.526  1.592   -9.893  1.00 9.19  ? 82  ARG A CA  1 
ATOM   479  C C   . ARG A 1 60  ? -1.084  0.234   -9.540  1.00 8.30  ? 82  ARG A C   1 
ATOM   480  O O   . ARG A 1 60  ? -1.989  0.130   -8.722  1.00 9.74  ? 82  ARG A O   1 
ATOM   481  C CB  . ARG A 1 60  ? 0.311   2.075   -8.698  1.00 9.78  ? 82  ARG A CB  1 
ATOM   482  C CG  . ARG A 1 60  ? 1.055   3.387   -8.916  1.00 11.15 ? 82  ARG A CG  1 
ATOM   483  C CD  . ARG A 1 60  ? 2.293   3.187   -9.805  1.00 11.88 ? 82  ARG A CD  1 
ATOM   484  N NE  . ARG A 1 60  ? 3.314   2.440   -9.059  1.00 13.05 ? 82  ARG A NE  1 
ATOM   485  C CZ  . ARG A 1 60  ? 4.536   2.175   -9.510  1.00 13.81 ? 82  ARG A CZ  1 
ATOM   486  N NH1 . ARG A 1 60  ? 4.915   2.606   -10.710 1.00 15.26 ? 82  ARG A NH1 1 
ATOM   487  N NH2 . ARG A 1 60  ? 5.397   1.492   -8.747  1.00 12.94 ? 82  ARG A NH2 1 
ATOM   488  N N   . TYR A 1 61  ? -0.498  -0.811  -10.121 1.00 7.63  ? 83  TYR A N   1 
ATOM   489  C CA  . TYR A 1 61  ? -0.855  -2.161  -9.714  1.00 8.12  ? 83  TYR A CA  1 
ATOM   490  C C   . TYR A 1 61  ? -0.387  -2.439  -8.298  1.00 7.32  ? 83  TYR A C   1 
ATOM   491  O O   . TYR A 1 61  ? 0.777   -2.133  -7.966  1.00 8.77  ? 83  TYR A O   1 
ATOM   492  C CB  . TYR A 1 61  ? -0.125  -3.166  -10.598 1.00 8.94  ? 83  TYR A CB  1 
ATOM   493  C CG  . TYR A 1 61  ? -0.621  -3.170  -12.006 1.00 11.41 ? 83  TYR A CG  1 
ATOM   494  C CD1 . TYR A 1 61  ? -1.905  -3.638  -12.308 1.00 13.18 ? 83  TYR A CD1 1 
ATOM   495  C CD2 . TYR A 1 61  ? 0.184   -2.694  -13.047 1.00 14.40 ? 83  TYR A CD2 1 
ATOM   496  C CE1 . TYR A 1 61  ? -2.394  -3.638  -13.620 1.00 16.76 ? 83  TYR A CE1 1 
ATOM   497  C CE2 . TYR A 1 61  ? -0.298  -2.695  -14.374 1.00 19.86 ? 83  TYR A CE2 1 
ATOM   498  C CZ  . TYR A 1 61  ? -1.584  -3.169  -14.635 1.00 18.71 ? 83  TYR A CZ  1 
ATOM   499  O OH  . TYR A 1 61  ? -2.082  -3.175  -15.930 1.00 24.84 ? 83  TYR A OH  1 
ATOM   500  N N   . GLY A 1 62  ? -1.242  -3.072  -7.491  1.00 7.30  ? 84  GLY A N   1 
ATOM   501  C CA  . GLY A 1 62  ? -0.796  -3.497  -6.171  1.00 6.37  ? 84  GLY A CA  1 
ATOM   502  C C   . GLY A 1 62  ? -1.575  -4.698  -5.676  1.00 6.67  ? 84  GLY A C   1 
ATOM   503  O O   . GLY A 1 62  ? -2.715  -4.939  -6.105  1.00 6.72  ? 84  GLY A O   1 
ATOM   504  N N   . PHE A 1 63  ? -0.951  -5.433  -4.768  1.00 6.45  ? 85  PHE A N   1 
ATOM   505  C CA  . PHE A 1 63  ? -1.557  -6.615  -4.211  1.00 6.79  ? 85  PHE A CA  1 
ATOM   506  C C   . PHE A 1 63  ? -2.747  -6.251  -3.320  1.00 7.18  ? 85  PHE A C   1 
ATOM   507  O O   . PHE A 1 63  ? -2.699  -5.280  -2.520  1.00 7.47  ? 85  PHE A O   1 
ATOM   508  C CB  . PHE A 1 63  ? -0.533  -7.328  -3.331  1.00 8.06  ? 85  PHE A CB  1 
ATOM   509  C CG  . PHE A 1 63  ? 0.547   -7.987  -4.109  1.00 8.55  ? 85  PHE A CG  1 
ATOM   510  C CD1 . PHE A 1 63  ? 0.268   -9.089  -4.876  1.00 10.56 ? 85  PHE A CD1 1 
ATOM   511  C CD2 . PHE A 1 63  ? 1.855   -7.521  -4.091  1.00 11.34 ? 85  PHE A CD2 1 
ATOM   512  C CE1 . PHE A 1 63  ? 1.269   -9.727  -5.630  1.00 13.33 ? 85  PHE A CE1 1 
ATOM   513  C CE2 . PHE A 1 63  ? 2.851   -8.206  -4.860  1.00 11.44 ? 85  PHE A CE2 1 
ATOM   514  C CZ  . PHE A 1 63  ? 2.533   -9.265  -5.602  1.00 14.35 ? 85  PHE A CZ  1 
ATOM   515  N N   . ILE A 1 64  ? -3.808  -7.046  -3.417  1.00 7.71  ? 86  ILE A N   1 
ATOM   516  C CA  . ILE A 1 64  ? -4.803  -7.203  -2.370  1.00 8.14  ? 86  ILE A CA  1 
ATOM   517  C C   . ILE A 1 64  ? -4.764  -8.702  -2.012  1.00 8.69  ? 86  ILE A C   1 
ATOM   518  O O   . ILE A 1 64  ? -3.871  -9.417  -2.486  1.00 10.32 ? 86  ILE A O   1 
ATOM   519  C CB  . ILE A 1 64  ? -6.197  -6.698  -2.784  1.00 8.13  ? 86  ILE A CB  1 
ATOM   520  C CG1 . ILE A 1 64  ? -6.741  -7.503  -3.971  1.00 9.17  ? 86  ILE A CG1 1 
ATOM   521  C CG2 . ILE A 1 64  ? -6.166  -5.186  -3.038  1.00 9.21  ? 86  ILE A CG2 1 
ATOM   522  C CD1 . ILE A 1 64  ? -8.253  -7.284  -4.237  1.00 10.39 ? 86  ILE A CD1 1 
ATOM   523  N N   A GLU A 1 65  ? -5.691  -9.105  -1.146  0.50 9.44  ? 87  GLU A N   1 
ATOM   524  N N   B GLU A 1 65  ? -5.634  -9.220  -1.170  0.50 9.35  ? 87  GLU A N   1 
ATOM   525  C CA  A GLU A 1 65  ? -5.972  -10.504 -0.873  0.50 10.76 ? 87  GLU A CA  1 
ATOM   526  C CA  B GLU A 1 65  ? -5.420  -10.595 -0.659  0.50 10.73 ? 87  GLU A CA  1 
ATOM   527  C C   A GLU A 1 65  ? -6.572  -11.176 -2.101  0.50 10.87 ? 87  GLU A C   1 
ATOM   528  C C   B GLU A 1 65  ? -5.048  -11.748 -1.650  0.50 10.95 ? 87  GLU A C   1 
ATOM   529  O O   A GLU A 1 65  ? -7.741  -11.073 -2.430  0.50 12.54 ? 87  GLU A O   1 
ATOM   530  O O   B GLU A 1 65  ? -4.183  -12.561 -1.347  0.50 11.55 ? 87  GLU A O   1 
ATOM   531  C CB  A GLU A 1 65  ? -6.843  -10.672 0.371   0.50 11.04 ? 87  GLU A CB  1 
ATOM   532  C CB  B GLU A 1 65  ? -6.585  -11.005 0.239   0.50 11.32 ? 87  GLU A CB  1 
ATOM   533  C CG  A GLU A 1 65  ? -6.827  -12.083 0.940   0.50 15.70 ? 87  GLU A CG  1 
ATOM   534  C CG  B GLU A 1 65  ? -6.480  -12.451 0.726   0.50 15.29 ? 87  GLU A CG  1 
ATOM   535  C CD  A GLU A 1 65  ? -5.433  -12.547 1.336   0.50 20.02 ? 87  GLU A CD  1 
ATOM   536  C CD  B GLU A 1 65  ? -5.200  -12.726 1.520   0.50 19.89 ? 87  GLU A CD  1 
ATOM   537  O OE1 A GLU A 1 65  ? -4.806  -11.923 2.224   0.50 22.39 ? 87  GLU A OE1 1 
ATOM   538  O OE1 B GLU A 1 65  ? -4.787  -11.865 2.328   0.50 22.17 ? 87  GLU A OE1 1 
ATOM   539  O OE2 A GLU A 1 65  ? -4.965  -13.547 0.755   0.50 23.13 ? 87  GLU A OE2 1 
ATOM   540  O OE2 B GLU A 1 65  ? -4.602  -13.810 1.345   0.50 22.93 ? 87  GLU A OE2 1 
ATOM   541  N N   . GLY A 1 66  ? -5.652  -11.727 -2.839  1.00 11.23 ? 88  GLY A N   1 
ATOM   542  C CA  . GLY A 1 66  ? -5.828  -12.800 -3.807  1.00 10.59 ? 88  GLY A CA  1 
ATOM   543  C C   . GLY A 1 66  ? -5.628  -12.324 -5.234  1.00 10.20 ? 88  GLY A C   1 
ATOM   544  O O   . GLY A 1 66  ? -5.592  -13.111 -6.152  1.00 10.65 ? 88  GLY A O   1 
ATOM   545  N N   . ASN A 1 67  ? -5.459  -11.022 -5.445  1.00 8.31  ? 89  ASN A N   1 
ATOM   546  C CA  . ASN A 1 67  ? -5.336  -10.462 -6.772  1.00 8.30  ? 89  ASN A CA  1 
ATOM   547  C C   . ASN A 1 67  ? -4.393  -9.289  -6.759  1.00 7.58  ? 89  ASN A C   1 
ATOM   548  O O   . ASN A 1 67  ? -3.996  -8.811  -5.686  1.00 8.25  ? 89  ASN A O   1 
ATOM   549  C CB  . ASN A 1 67  ? -6.697  -10.042 -7.338  1.00 8.36  ? 89  ASN A CB  1 
ATOM   550  C CG  . ASN A 1 67  ? -7.558  -11.229 -7.719  1.00 9.30  ? 89  ASN A CG  1 
ATOM   551  O OD1 . ASN A 1 67  ? -8.405  -11.675 -6.958  1.00 9.66  ? 89  ASN A OD1 1 
ATOM   552  N ND2 . ASN A 1 67  ? -7.287  -11.792 -8.875  1.00 10.34 ? 89  ASN A ND2 1 
ATOM   553  N N   . VAL A 1 68  ? -4.058  -8.815  -7.943  1.00 7.31  ? 90  VAL A N   1 
ATOM   554  C CA  . VAL A 1 68  ? -3.321  -7.571  -8.148  1.00 7.39  ? 90  VAL A CA  1 
ATOM   555  C C   . VAL A 1 68  ? -4.287  -6.653  -8.892  1.00 7.24  ? 90  VAL A C   1 
ATOM   556  O O   . VAL A 1 68  ? -4.884  -7.056  -9.916  1.00 8.45  ? 90  VAL A O   1 
ATOM   557  C CB  . VAL A 1 68  ? -2.067  -7.825  -9.011  1.00 7.58  ? 90  VAL A CB  1 
ATOM   558  C CG1 . VAL A 1 68  ? -1.333  -6.540  -9.346  1.00 8.90  ? 90  VAL A CG1 1 
ATOM   559  C CG2 . VAL A 1 68  ? -1.137  -8.785  -8.302  1.00 9.35  ? 90  VAL A CG2 1 
ATOM   560  N N   . VAL A 1 69  ? -4.470  -5.426  -8.366  1.00 6.89  ? 91  VAL A N   1 
ATOM   561  C CA  . VAL A 1 69  ? -5.550  -4.577  -8.848  1.00 7.11  ? 91  VAL A CA  1 
ATOM   562  C C   . VAL A 1 69  ? -5.101  -3.123  -8.959  1.00 6.93  ? 91  VAL A C   1 
ATOM   563  O O   . VAL A 1 69  ? -4.066  -2.696  -8.416  1.00 7.72  ? 91  VAL A O   1 
ATOM   564  C CB  . VAL A 1 69  ? -6.795  -4.648  -7.920  1.00 7.95  ? 91  VAL A CB  1 
ATOM   565  C CG1 . VAL A 1 69  ? -7.269  -6.085  -7.738  1.00 8.36  ? 91  VAL A CG1 1 
ATOM   566  C CG2 . VAL A 1 69  ? -6.535  -3.983  -6.572  1.00 8.47  ? 91  VAL A CG2 1 
ATOM   567  N N   . ILE A 1 70  ? -5.919  -2.353  -9.685  1.00 6.64  ? 92  ILE A N   1 
ATOM   568  C CA  . ILE A 1 70  ? -5.866  -0.905  -9.669  1.00 7.70  ? 92  ILE A CA  1 
ATOM   569  C C   . ILE A 1 70  ? -7.292  -0.376  -9.438  1.00 7.83  ? 92  ILE A C   1 
ATOM   570  O O   . ILE A 1 70  ? -8.158  -0.615  -10.291 1.00 8.23  ? 92  ILE A O   1 
ATOM   571  C CB  . ILE A 1 70  ? -5.356  -0.293  -10.987 1.00 7.86  ? 92  ILE A CB  1 
ATOM   572  C CG1 . ILE A 1 70  ? -4.012  -0.903  -11.387 1.00 9.62  ? 92  ILE A CG1 1 
ATOM   573  C CG2 . ILE A 1 70  ? -5.187  1.201   -10.805 1.00 9.44  ? 92  ILE A CG2 1 
ATOM   574  C CD1 . ILE A 1 70  ? -3.387  -0.364  -12.662 1.00 12.50 ? 92  ILE A CD1 1 
ATOM   575  N N   . PRO A 1 71  ? -7.554  0.379   -8.353  1.00 7.90  ? 93  PRO A N   1 
ATOM   576  C CA  . PRO A 1 71  ? -8.870  1.017   -8.225  1.00 8.19  ? 93  PRO A CA  1 
ATOM   577  C C   . PRO A 1 71  ? -8.919  2.258   -9.105  1.00 7.43  ? 93  PRO A C   1 
ATOM   578  O O   . PRO A 1 71  ? -8.047  3.105   -9.043  1.00 7.82  ? 93  PRO A O   1 
ATOM   579  C CB  . PRO A 1 71  ? -8.924  1.400   -6.738  1.00 8.28  ? 93  PRO A CB  1 
ATOM   580  C CG  . PRO A 1 71  ? -7.490  1.620   -6.348  1.00 8.57  ? 93  PRO A CG  1 
ATOM   581  C CD  . PRO A 1 71  ? -6.639  0.732   -7.242  1.00 8.81  ? 93  PRO A CD  1 
ATOM   582  N N   . ARG A 1 72  ? -9.978  2.356   -9.901  1.00 8.61  ? 94  ARG A N   1 
ATOM   583  C CA  . ARG A 1 72  ? -10.151 3.465   -10.836 1.00 9.32  ? 94  ARG A CA  1 
ATOM   584  C C   . ARG A 1 72  ? -11.531 4.079   -10.710 1.00 9.99  ? 94  ARG A C   1 
ATOM   585  O O   . ARG A 1 72  ? -12.538 3.388   -10.773 1.00 9.94  ? 94  ARG A O   1 
ATOM   586  C CB  . ARG A 1 72  ? -9.970  2.999   -12.284 1.00 10.30 ? 94  ARG A CB  1 
ATOM   587  C CG  . ARG A 1 72  ? -8.563  2.570   -12.686 1.00 10.44 ? 94  ARG A CG  1 
ATOM   588  C CD  . ARG A 1 72  ? -7.536  3.641   -12.454 1.00 9.46  ? 94  ARG A CD  1 
ATOM   589  N NE  . ARG A 1 72  ? -7.882  4.860   -13.170 1.00 11.44 ? 94  ARG A NE  1 
ATOM   590  C CZ  . ARG A 1 72  ? -7.331  6.034   -12.923 1.00 10.78 ? 94  ARG A CZ  1 
ATOM   591  N NH1 . ARG A 1 72  ? -6.405  6.162   -11.971 1.00 14.16 ? 94  ARG A NH1 1 
ATOM   592  N NH2 . ARG A 1 72  ? -7.712  7.081   -13.651 1.00 14.24 ? 94  ARG A NH2 1 
ATOM   593  N N   . ILE A 1 73  ? -11.539 5.384   -10.528 1.00 9.93  ? 95  ILE A N   1 
ATOM   594  C CA  . ILE A 1 73  ? -12.781 6.129   -10.554 1.00 11.15 ? 95  ILE A CA  1 
ATOM   595  C C   . ILE A 1 73  ? -13.009 6.758   -11.919 1.00 11.95 ? 95  ILE A C   1 
ATOM   596  O O   . ILE A 1 73  ? -14.072 6.544   -12.523 1.00 12.57 ? 95  ILE A O   1 
ATOM   597  C CB  . ILE A 1 73  ? -12.833 7.165   -9.429  1.00 10.99 ? 95  ILE A CB  1 
ATOM   598  C CG1 . ILE A 1 73  ? -12.851 6.432   -8.088  1.00 12.27 ? 95  ILE A CG1 1 
ATOM   599  C CG2 . ILE A 1 73  ? -14.083 8.067   -9.569  1.00 11.84 ? 95  ILE A CG2 1 
ATOM   600  C CD1 . ILE A 1 73  ? -12.730 7.327   -6.902  1.00 15.49 ? 95  ILE A CD1 1 
ATOM   601  N N   . HIS A 1 74  ? -12.009 7.492   -12.403 1.00 12.79 ? 96  HIS A N   1 
ATOM   602  C CA  . HIS A 1 74  ? -12.090 8.146   -13.707 1.00 15.00 ? 96  HIS A CA  1 
ATOM   603  C C   . HIS A 1 74  ? -11.392 7.312   -14.767 1.00 16.21 ? 96  HIS A C   1 
ATOM   604  O O   . HIS A 1 74  ? -10.307 6.766   -14.518 1.00 16.96 ? 96  HIS A O   1 
ATOM   605  C CB  . HIS A 1 74  ? -11.463 9.534   -13.617 1.00 16.23 ? 96  HIS A CB  1 
ATOM   606  C CG  . HIS A 1 74  ? -12.081 10.385  -12.555 1.00 18.54 ? 96  HIS A CG  1 
ATOM   607  N ND1 . HIS A 1 74  ? -11.515 10.546  -11.308 1.00 22.21 ? 96  HIS A ND1 1 
ATOM   608  C CD2 . HIS A 1 74  ? -13.254 11.065  -12.525 1.00 20.63 ? 96  HIS A CD2 1 
ATOM   609  C CE1 . HIS A 1 74  ? -12.295 11.316  -10.568 1.00 23.68 ? 96  HIS A CE1 1 
ATOM   610  N NE2 . HIS A 1 74  ? -13.355 11.645  -11.283 1.00 22.89 ? 96  HIS A NE2 1 
ATOM   611  N N   . PRO A 1 75  ? -12.006 7.200   -15.958 1.00 15.86 ? 97  PRO A N   1 
ATOM   612  C CA  . PRO A 1 75  ? -11.322 6.522   -17.047 1.00 17.17 ? 97  PRO A CA  1 
ATOM   613  C C   . PRO A 1 75  ? -10.114 7.342   -17.473 1.00 18.10 ? 97  PRO A C   1 
ATOM   614  O O   . PRO A 1 75  ? -10.203 8.556   -17.654 1.00 19.32 ? 97  PRO A O   1 
ATOM   615  C CB  . PRO A 1 75  ? -12.369 6.466   -18.174 1.00 16.95 ? 97  PRO A CB  1 
ATOM   616  C CG  . PRO A 1 75  ? -13.553 7.173   -17.692 1.00 17.38 ? 97  PRO A CG  1 
ATOM   617  C CD  . PRO A 1 75  ? -13.359 7.666   -16.317 1.00 16.20 ? 97  PRO A CD  1 
ATOM   618  N N   . ASN A 1 76  ? -8.972  6.677   -17.563 1.00 18.54 ? 98  ASN A N   1 
ATOM   619  C CA  . ASN A 1 76  ? -7.762  7.284   -18.090 1.00 20.07 ? 98  ASN A CA  1 
ATOM   620  C C   . ASN A 1 76  ? -7.102  6.232   -18.966 1.00 20.24 ? 98  ASN A C   1 
ATOM   621  O O   . ASN A 1 76  ? -6.938  5.079   -18.548 1.00 19.84 ? 98  ASN A O   1 
ATOM   622  C CB  . ASN A 1 76  ? -6.853  7.747   -16.941 1.00 20.31 ? 98  ASN A CB  1 
ATOM   623  C CG  . ASN A 1 76  ? -5.547  8.367   -17.418 1.00 23.03 ? 98  ASN A CG  1 
ATOM   624  O OD1 . ASN A 1 76  ? -4.950  7.930   -18.396 1.00 26.26 ? 98  ASN A OD1 1 
ATOM   625  N ND2 . ASN A 1 76  ? -5.076  9.365   -16.689 1.00 26.46 ? 98  ASN A ND2 1 
ATOM   626  N N   . ALA A 1 77  ? -6.755  6.616   -20.193 1.00 20.89 ? 99  ALA A N   1 
ATOM   627  C CA  . ALA A 1 77  ? -6.201  5.678   -21.176 1.00 21.71 ? 99  ALA A CA  1 
ATOM   628  C C   . ALA A 1 77  ? -4.935  4.933   -20.733 1.00 22.30 ? 99  ALA A C   1 
ATOM   629  O O   . ALA A 1 77  ? -4.742  3.775   -21.104 1.00 23.16 ? 99  ALA A O   1 
ATOM   630  C CB  . ALA A 1 77  ? -5.964  6.386   -22.500 1.00 22.14 ? 99  ALA A CB  1 
ATOM   631  N N   . ILE A 1 78  ? -4.098  5.595   -19.945 1.00 22.63 ? 100 ILE A N   1 
ATOM   632  C CA  . ILE A 1 78  ? -2.827  5.010   -19.496 1.00 23.00 ? 100 ILE A CA  1 
ATOM   633  C C   . ILE A 1 78  ? -2.886  4.385   -18.094 1.00 21.95 ? 100 ILE A C   1 
ATOM   634  O O   . ILE A 1 78  ? -1.863  3.936   -17.565 1.00 22.47 ? 100 ILE A O   1 
ATOM   635  C CB  . ILE A 1 78  ? -1.647  6.032   -19.604 1.00 23.45 ? 100 ILE A CB  1 
ATOM   636  C CG1 . ILE A 1 78  ? -1.757  7.146   -18.553 1.00 24.94 ? 100 ILE A CG1 1 
ATOM   637  C CG2 . ILE A 1 78  ? -1.569  6.607   -21.027 1.00 25.03 ? 100 ILE A CG2 1 
ATOM   638  C CD1 . ILE A 1 78  ? -0.465  7.942   -18.353 1.00 26.70 ? 100 ILE A CD1 1 
ATOM   639  N N   . CYS A 1 79  ? -4.074  4.357   -17.494 1.00 20.09 ? 101 CYS A N   1 
ATOM   640  C CA  . CYS A 1 79  ? -4.272  3.718   -16.188 1.00 19.55 ? 101 CYS A CA  1 
ATOM   641  C C   . CYS A 1 79  ? -5.318  2.621   -16.299 1.00 19.46 ? 101 CYS A C   1 
ATOM   642  O O   . CYS A 1 79  ? -6.508  2.919   -16.447 1.00 18.99 ? 101 CYS A O   1 
ATOM   643  C CB  . CYS A 1 79  ? -4.729  4.744   -15.146 1.00 19.14 ? 101 CYS A CB  1 
ATOM   644  S SG  . CYS A 1 79  ? -3.622  6.111   -14.876 1.00 19.14 ? 101 CYS A SG  1 
ATOM   645  N N   . ALA A 1 80  ? -4.885  1.362   -16.234 1.00 19.37 ? 102 ALA A N   1 
ATOM   646  C CA  . ALA A 1 80  ? -5.787  0.202   -16.229 1.00 20.31 ? 102 ALA A CA  1 
ATOM   647  C C   . ALA A 1 80  ? -6.599  0.108   -17.519 1.00 21.00 ? 102 ALA A C   1 
ATOM   648  O O   . ALA A 1 80  ? -7.779  -0.240  -17.512 1.00 21.28 ? 102 ALA A O   1 
ATOM   649  C CB  . ALA A 1 80  ? -6.707  0.233   -14.999 1.00 19.65 ? 102 ALA A CB  1 
ATOM   650  N N   . ALA A 1 81  ? -5.949  0.442   -18.631 1.00 21.57 ? 103 ALA A N   1 
ATOM   651  C CA  . ALA A 1 81  ? -6.550  0.346   -19.965 1.00 22.20 ? 103 ALA A CA  1 
ATOM   652  C C   . ALA A 1 81  ? -7.924  1.031   -20.033 1.00 22.14 ? 103 ALA A C   1 
ATOM   653  O O   . ALA A 1 81  ? -8.874  0.497   -20.615 1.00 22.77 ? 103 ALA A O   1 
ATOM   654  C CB  . ALA A 1 81  ? -6.645  -1.121  -20.403 1.00 22.27 ? 103 ALA A CB  1 
ATOM   655  N N   . ASN A 1 82  ? -8.019  2.202   -19.406 1.00 21.77 ? 104 ASN A N   1 
ATOM   656  C CA  . ASN A 1 82  ? -9.220  3.047   -19.442 1.00 20.99 ? 104 ASN A CA  1 
ATOM   657  C C   . ASN A 1 82  ? -10.449 2.491   -18.684 1.00 20.57 ? 104 ASN A C   1 
ATOM   658  O O   . ASN A 1 82  ? -11.567 2.990   -18.829 1.00 20.62 ? 104 ASN A O   1 
ATOM   659  C CB  . ASN A 1 82  ? -9.567  3.420   -20.896 1.00 21.73 ? 104 ASN A CB  1 
ATOM   660  C CG  . ASN A 1 82  ? -10.284 4.742   -21.007 1.00 21.45 ? 104 ASN A CG  1 
ATOM   661  O OD1 . ASN A 1 82  ? -9.818  5.775   -20.524 1.00 23.42 ? 104 ASN A OD1 1 
ATOM   662  N ND2 . ASN A 1 82  ? -11.431 4.723   -21.685 1.00 25.45 ? 104 ASN A ND2 1 
ATOM   663  N N   . HIS A 1 83  ? -10.230 1.487   -17.840 1.00 19.51 ? 105 HIS A N   1 
ATOM   664  C CA  . HIS A 1 83  ? -11.319 0.875   -17.086 1.00 18.32 ? 105 HIS A CA  1 
ATOM   665  C C   . HIS A 1 83  ? -11.691 1.749   -15.892 1.00 16.46 ? 105 HIS A C   1 
ATOM   666  O O   . HIS A 1 83  ? -10.894 2.587   -15.453 1.00 15.77 ? 105 HIS A O   1 
ATOM   667  C CB  . HIS A 1 83  ? -10.914 -0.526  -16.604 1.00 19.38 ? 105 HIS A CB  1 
ATOM   668  C CG  . HIS A 1 83  ? -11.004 -1.586  -17.662 1.00 22.27 ? 105 HIS A CG  1 
ATOM   669  N ND1 . HIS A 1 83  ? -9.992  -1.828  -18.566 1.00 25.26 ? 105 HIS A ND1 1 
ATOM   670  C CD2 . HIS A 1 83  ? -11.980 -2.483  -17.942 1.00 25.77 ? 105 HIS A CD2 1 
ATOM   671  C CE1 . HIS A 1 83  ? -10.347 -2.817  -19.369 1.00 26.04 ? 105 HIS A CE1 1 
ATOM   672  N NE2 . HIS A 1 83  ? -11.549 -3.232  -19.011 1.00 27.02 ? 105 HIS A NE2 1 
ATOM   673  N N   . THR A 1 84  ? -12.915 1.585   -15.406 1.00 15.34 ? 106 THR A N   1 
ATOM   674  C CA  . THR A 1 84  ? -13.303 2.096   -14.080 1.00 15.10 ? 106 THR A CA  1 
ATOM   675  C C   . THR A 1 84  ? -13.657 0.911   -13.181 1.00 14.61 ? 106 THR A C   1 
ATOM   676  O O   . THR A 1 84  ? -13.850 -0.211  -13.652 1.00 15.58 ? 106 THR A O   1 
ATOM   677  C CB  . THR A 1 84  ? -14.508 3.068   -14.132 1.00 15.71 ? 106 THR A CB  1 
ATOM   678  O OG1 . THR A 1 84  ? -15.664 2.350   -14.575 1.00 18.29 ? 106 THR A OG1 1 
ATOM   679  C CG2 . THR A 1 84  ? -14.245 4.266   -15.056 1.00 16.81 ? 106 THR A CG2 1 
ATOM   680  N N   . GLY A 1 85  ? -13.755 1.161   -11.881 1.00 13.03 ? 107 GLY A N   1 
ATOM   681  C CA  . GLY A 1 85  ? -13.987 0.107   -10.901 1.00 11.98 ? 107 GLY A CA  1 
ATOM   682  C C   . GLY A 1 85  ? -12.672 -0.467  -10.411 1.00 10.73 ? 107 GLY A C   1 
ATOM   683  O O   . GLY A 1 85  ? -11.607 0.108   -10.649 1.00 10.82 ? 107 GLY A O   1 
ATOM   684  N N   . VAL A 1 86  ? -12.743 -1.587  -9.706  1.00 10.98 ? 108 VAL A N   1 
ATOM   685  C CA  . VAL A 1 86  ? -11.531 -2.262  -9.287  1.00 11.09 ? 108 VAL A CA  1 
ATOM   686  C C   . VAL A 1 86  ? -11.041 -3.095  -10.461 1.00 10.51 ? 108 VAL A C   1 
ATOM   687  O O   . VAL A 1 86  ? -11.606 -4.164  -10.750 1.00 13.16 ? 108 VAL A O   1 
ATOM   688  C CB  . VAL A 1 86  ? -11.753 -3.134  -8.045  1.00 11.03 ? 108 VAL A CB  1 
ATOM   689  C CG1 . VAL A 1 86  ? -10.464 -3.821  -7.643  1.00 11.84 ? 108 VAL A CG1 1 
ATOM   690  C CG2 . VAL A 1 86  ? -12.266 -2.297  -6.894  1.00 12.52 ? 108 VAL A CG2 1 
ATOM   691  N N   . TYR A 1 87  ? -10.013 -2.616  -11.150 1.00 10.13 ? 109 TYR A N   1 
ATOM   692  C CA  . TYR A 1 87  ? -9.457  -3.315  -12.316 1.00 9.75  ? 109 TYR A CA  1 
ATOM   693  C C   . TYR A 1 87  ? -8.563  -4.432  -11.828 1.00 9.42  ? 109 TYR A C   1 
ATOM   694  O O   . TYR A 1 87  ? -7.647  -4.214  -11.039 1.00 9.40  ? 109 TYR A O   1 
ATOM   695  C CB  . TYR A 1 87  ? -8.653  -2.356  -13.167 1.00 11.12 ? 109 TYR A CB  1 
ATOM   696  C CG  . TYR A 1 87  ? -8.004  -3.031  -14.349 1.00 13.21 ? 109 TYR A CG  1 
ATOM   697  C CD1 . TYR A 1 87  ? -8.754  -3.359  -15.481 1.00 15.99 ? 109 TYR A CD1 1 
ATOM   698  C CD2 . TYR A 1 87  ? -6.641  -3.329  -14.349 1.00 17.67 ? 109 TYR A CD2 1 
ATOM   699  C CE1 . TYR A 1 87  ? -8.148  -3.991  -16.584 1.00 19.48 ? 109 TYR A CE1 1 
ATOM   700  C CE2 . TYR A 1 87  ? -6.032  -3.956  -15.436 1.00 20.41 ? 109 TYR A CE2 1 
ATOM   701  C CZ  . TYR A 1 87  ? -6.791  -4.281  -16.548 1.00 20.47 ? 109 TYR A CZ  1 
ATOM   702  O OH  . TYR A 1 87  ? -6.181  -4.902  -17.625 1.00 23.13 ? 109 TYR A OH  1 
ATOM   703  N N   . ILE A 1 88  ? -8.825  -5.640  -12.293 1.00 9.32  ? 110 ILE A N   1 
ATOM   704  C CA  . ILE A 1 88  ? -8.041  -6.809  -11.901 1.00 10.14 ? 110 ILE A CA  1 
ATOM   705  C C   . ILE A 1 88  ? -7.032  -7.154  -12.980 1.00 10.31 ? 110 ILE A C   1 
ATOM   706  O O   . ILE A 1 88  ? -7.392  -7.343  -14.155 1.00 10.43 ? 110 ILE A O   1 
ATOM   707  C CB  . ILE A 1 88  ? -8.968  -8.004  -11.607 1.00 10.11 ? 110 ILE A CB  1 
ATOM   708  C CG1 . ILE A 1 88  ? -9.961  -7.660  -10.502 1.00 11.60 ? 110 ILE A CG1 1 
ATOM   709  C CG2 . ILE A 1 88  ? -8.172  -9.229  -11.175 1.00 12.97 ? 110 ILE A CG2 1 
ATOM   710  C CD1 . ILE A 1 88  ? -11.017 -8.714  -10.327 1.00 13.58 ? 110 ILE A CD1 1 
ATOM   711  N N   . LEU A 1 89  ? -5.765  -7.228  -12.590 1.00 9.47  ? 111 LEU A N   1 
ATOM   712  C CA  . LEU A 1 89  ? -4.741  -7.655  -13.529 1.00 9.93  ? 111 LEU A CA  1 
ATOM   713  C C   . LEU A 1 89  ? -4.918  -9.130  -13.819 1.00 9.83  ? 111 LEU A C   1 
ATOM   714  O O   . LEU A 1 89  ? -4.973  -9.949  -12.907 1.00 10.97 ? 111 LEU A O   1 
ATOM   715  C CB  . LEU A 1 89  ? -3.365  -7.414  -12.932 1.00 10.56 ? 111 LEU A CB  1 
ATOM   716  C CG  . LEU A 1 89  ? -2.155  -7.887  -13.741 1.00 11.94 ? 111 LEU A CG  1 
ATOM   717  C CD1 . LEU A 1 89  ? -2.108  -7.167  -15.042 1.00 13.82 ? 111 LEU A CD1 1 
ATOM   718  C CD2 . LEU A 1 89  ? -0.892  -7.610  -12.947 1.00 13.82 ? 111 LEU A CD2 1 
ATOM   719  N N   . VAL A 1 90  ? -5.029  -9.466  -15.097 1.00 9.80  ? 112 VAL A N   1 
ATOM   720  C CA  . VAL A 1 90  ? -5.263  -10.863 -15.480 1.00 10.15 ? 112 VAL A CA  1 
ATOM   721  C C   . VAL A 1 90  ? -3.962  -11.556 -15.903 1.00 9.19  ? 112 VAL A C   1 
ATOM   722  O O   . VAL A 1 90  ? -3.636  -12.632 -15.397 1.00 10.91 ? 112 VAL A O   1 
ATOM   723  C CB  . VAL A 1 90  ? -6.342  -10.947 -16.571 1.00 10.22 ? 112 VAL A CB  1 
ATOM   724  C CG1 . VAL A 1 90  ? -6.524  -12.378 -17.054 1.00 12.89 ? 112 VAL A CG1 1 
ATOM   725  C CG2 . VAL A 1 90  ? -7.657  -10.409 -16.022 1.00 12.23 ? 112 VAL A CG2 1 
ATOM   726  N N   . THR A 1 91  ? -3.208  -10.937 -16.790 1.00 9.15  ? 113 THR A N   1 
ATOM   727  C CA  . THR A 1 91  ? -2.072  -11.600 -17.415 1.00 9.59  ? 113 THR A CA  1 
ATOM   728  C C   . THR A 1 91  ? -0.825  -10.766 -17.188 1.00 8.34  ? 113 THR A C   1 
ATOM   729  O O   . THR A 1 91  ? -0.747  -9.606  -17.626 1.00 9.74  ? 113 THR A O   1 
ATOM   730  C CB  . THR A 1 91  ? -2.316  -11.785 -18.923 1.00 10.96 ? 113 THR A CB  1 
ATOM   731  O OG1 . THR A 1 91  ? -3.527  -12.524 -19.132 1.00 13.77 ? 113 THR A OG1 1 
ATOM   732  C CG2 . THR A 1 91  ? -1.167  -12.538 -19.558 1.00 12.89 ? 113 THR A CG2 1 
ATOM   733  N N   . SER A 1 92  ? 0.155   -11.360 -16.530 1.00 7.75  ? 114 SER A N   1 
ATOM   734  C CA  . SER A 1 92  ? 1.457   -10.704 -16.363 1.00 7.56  ? 114 SER A CA  1 
ATOM   735  C C   . SER A 1 92  ? 2.527   -11.765 -16.227 1.00 7.95  ? 114 SER A C   1 
ATOM   736  O O   . SER A 1 92  ? 2.268   -12.819 -15.657 1.00 9.03  ? 114 SER A O   1 
ATOM   737  C CB  . SER A 1 92  ? 1.439   -9.844  -15.108 1.00 8.56  ? 114 SER A CB  1 
ATOM   738  O OG  . SER A 1 92  ? 2.711   -9.285  -14.860 1.00 9.19  ? 114 SER A OG  1 
ATOM   739  N N   . ASN A 1 93  ? 3.717   -11.501 -16.739 1.00 7.32  ? 115 ASN A N   1 
ATOM   740  C CA  . ASN A 1 93  ? 4.825   -12.420 -16.520 1.00 7.68  ? 115 ASN A CA  1 
ATOM   741  C C   . ASN A 1 93  ? 5.407   -12.348 -15.115 1.00 7.03  ? 115 ASN A C   1 
ATOM   742  O O   . ASN A 1 93  ? 6.094   -13.251 -14.679 1.00 8.06  ? 115 ASN A O   1 
ATOM   743  C CB  . ASN A 1 93  ? 6.013   -12.076 -17.435 1.00 7.80  ? 115 ASN A CB  1 
ATOM   744  C CG  . ASN A 1 93  ? 5.855   -12.522 -18.890 1.00 7.46  ? 115 ASN A CG  1 
ATOM   745  O OD1 . ASN A 1 93  ? 5.010   -13.366 -19.219 1.00 8.49  ? 115 ASN A OD1 1 
ATOM   746  N ND2 . ASN A 1 93  ? 6.688   -11.987 -19.741 1.00 7.70  ? 115 ASN A ND2 1 
ATOM   747  N N   . THR A 1 94  ? 5.245   -11.205 -14.438 1.00 7.25  ? 116 THR A N   1 
ATOM   748  C CA  . THR A 1 94  ? 6.151   -10.785 -13.355 1.00 7.93  ? 116 THR A CA  1 
ATOM   749  C C   . THR A 1 94  ? 5.440   -10.736 -12.013 1.00 7.10  ? 116 THR A C   1 
ATOM   750  O O   . THR A 1 94  ? 4.215   -10.813 -11.941 1.00 8.35  ? 116 THR A O   1 
ATOM   751  C CB  . THR A 1 94  ? 6.757   -9.417  -13.668 1.00 7.77  ? 116 THR A CB  1 
ATOM   752  O OG1 . THR A 1 94  ? 5.700   -8.484  -13.892 1.00 9.85  ? 116 THR A OG1 1 
ATOM   753  C CG2 . THR A 1 94  ? 7.681   -9.468  -14.878 1.00 9.37  ? 116 THR A CG2 1 
ATOM   754  N N   . SER A 1 95  ? 6.228   -10.750 -10.939 1.00 7.46  ? 117 SER A N   1 
ATOM   755  C CA  . SER A 1 95  ? 5.716   -11.053 -9.597  1.00 8.19  ? 117 SER A CA  1 
ATOM   756  C C   . SER A 1 95  ? 5.766   -9.884  -8.625  1.00 8.38  ? 117 SER A C   1 
ATOM   757  O O   . SER A 1 95  ? 5.326   -10.054 -7.484  1.00 9.40  ? 117 SER A O   1 
ATOM   758  C CB  . SER A 1 95  ? 6.540   -12.170 -8.985  1.00 8.81  ? 117 SER A CB  1 
ATOM   759  O OG  . SER A 1 95  ? 7.901   -11.792 -8.969  1.00 10.03 ? 117 SER A OG  1 
ATOM   760  N N   . HIS A 1 96  ? 6.311   -8.730  -9.004  1.00 7.62  ? 118 HIS A N   1 
ATOM   761  C CA  . HIS A 1 96  ? 6.585   -7.641  -8.049  1.00 8.67  ? 118 HIS A CA  1 
ATOM   762  C C   . HIS A 1 96  ? 5.769   -6.417  -8.403  1.00 7.17  ? 118 HIS A C   1 
ATOM   763  O O   . HIS A 1 96  ? 5.784   -5.912  -9.509  1.00 8.56  ? 118 HIS A O   1 
ATOM   764  C CB  . HIS A 1 96  ? 8.074   -7.336  -8.039  1.00 8.89  ? 118 HIS A CB  1 
ATOM   765  C CG  . HIS A 1 96  ? 8.877   -8.309  -7.235  1.00 9.03  ? 118 HIS A CG  1 
ATOM   766  N ND1 . HIS A 1 96  ? 8.782   -9.674  -7.406  1.00 10.59 ? 118 HIS A ND1 1 
ATOM   767  C CD2 . HIS A 1 96  ? 9.763   -8.119  -6.229  1.00 12.23 ? 118 HIS A CD2 1 
ATOM   768  C CE1 . HIS A 1 96  ? 9.581   -10.282 -6.547  1.00 11.37 ? 118 HIS A CE1 1 
ATOM   769  N NE2 . HIS A 1 96  ? 10.195  -9.361  -5.831  1.00 13.50 ? 118 HIS A NE2 1 
ATOM   770  N N   . TYR A 1 97  ? 5.013   -5.927  -7.421  1.00 7.22  ? 119 TYR A N   1 
ATOM   771  C CA  . TYR A 1 97  ? 4.085   -4.810  -7.654  1.00 7.63  ? 119 TYR A CA  1 
ATOM   772  C C   . TYR A 1 97  ? 4.226   -3.796  -6.507  1.00 7.15  ? 119 TYR A C   1 
ATOM   773  O O   . TYR A 1 97  ? 5.209   -3.870  -5.739  1.00 8.31  ? 119 TYR A O   1 
ATOM   774  C CB  . TYR A 1 97  ? 2.632   -5.328  -7.811  1.00 7.56  ? 119 TYR A CB  1 
ATOM   775  C CG  . TYR A 1 97  ? 2.495   -6.264  -8.994  1.00 7.60  ? 119 TYR A CG  1 
ATOM   776  C CD1 . TYR A 1 97  ? 2.389   -5.762  -10.288 1.00 8.06  ? 119 TYR A CD1 1 
ATOM   777  C CD2 . TYR A 1 97  ? 2.509   -7.654  -8.824  1.00 8.46  ? 119 TYR A CD2 1 
ATOM   778  C CE1 . TYR A 1 97  ? 2.292   -6.630  -11.385 1.00 6.83  ? 119 TYR A CE1 1 
ATOM   779  C CE2 . TYR A 1 97  ? 2.416   -8.543  -9.922  1.00 7.83  ? 119 TYR A CE2 1 
ATOM   780  C CZ  . TYR A 1 97  ? 2.277   -8.007  -11.180 1.00 7.91  ? 119 TYR A CZ  1 
ATOM   781  O OH  . TYR A 1 97  ? 2.176   -8.805  -12.309 1.00 9.16  ? 119 TYR A OH  1 
ATOM   782  N N   . ASP A 1 98  ? 3.257   -2.883  -6.363  1.00 7.27  ? 120 ASP A N   1 
ATOM   783  C CA  . ASP A 1 98  ? 3.102   -2.166  -5.098  1.00 7.24  ? 120 ASP A CA  1 
ATOM   784  C C   . ASP A 1 98  ? 2.178   -3.005  -4.222  1.00 6.19  ? 120 ASP A C   1 
ATOM   785  O O   . ASP A 1 98  ? 1.826   -4.150  -4.552  1.00 7.32  ? 120 ASP A O   1 
ATOM   786  C CB  . ASP A 1 98  ? 2.485   -0.782  -5.315  1.00 7.21  ? 120 ASP A CB  1 
ATOM   787  C CG  . ASP A 1 98  ? 3.306   0.107   -6.238  1.00 7.97  ? 120 ASP A CG  1 
ATOM   788  O OD1 . ASP A 1 98  ? 4.531   -0.125  -6.445  1.00 9.12  ? 120 ASP A OD1 1 
ATOM   789  O OD2 . ASP A 1 98  ? 2.689   1.054   -6.793  1.00 9.68  ? 120 ASP A OD2 1 
ATOM   790  N N   . THR A 1 99  ? 1.748   -2.476  -3.084  1.00 6.63  ? 121 THR A N   1 
ATOM   791  C CA  . THR A 1 99  ? 0.735   -3.146  -2.300  1.00 6.66  ? 121 THR A CA  1 
ATOM   792  C C   . THR A 1 99  ? -0.346  -2.205  -1.833  1.00 6.48  ? 121 THR A C   1 
ATOM   793  O O   . THR A 1 99  ? -0.104  -0.992  -1.685  1.00 7.42  ? 121 THR A O   1 
ATOM   794  C CB  . THR A 1 99  ? 1.317   -3.932  -1.085  1.00 7.56  ? 121 THR A CB  1 
ATOM   795  O OG1 . THR A 1 99  ? 0.337   -4.853  -0.606  1.00 9.20  ? 121 THR A OG1 1 
ATOM   796  C CG2 . THR A 1 99  ? 1.818   -3.047  0.013   1.00 9.71  ? 121 THR A CG2 1 
ATOM   797  N N   . TYR A 1 100 ? -1.536  -2.757  -1.617  1.00 5.99  ? 122 TYR A N   1 
ATOM   798  C CA  . TYR A 1 100 ? -2.544  -2.068  -0.831  1.00 6.43  ? 122 TYR A CA  1 
ATOM   799  C C   . TYR A 1 100 ? -2.518  -2.671  0.553   1.00 7.42  ? 122 TYR A C   1 
ATOM   800  O O   . TYR A 1 100 ? -2.163  -3.837  0.748   1.00 7.62  ? 122 TYR A O   1 
ATOM   801  C CB  . TYR A 1 100 ? -3.934  -2.159  -1.493  1.00 6.58  ? 122 TYR A CB  1 
ATOM   802  C CG  . TYR A 1 100 ? -3.905  -1.534  -2.836  1.00 6.34  ? 122 TYR A CG  1 
ATOM   803  C CD1 . TYR A 1 100 ? -4.018  -0.154  -2.974  1.00 7.58  ? 122 TYR A CD1 1 
ATOM   804  C CD2 . TYR A 1 100 ? -3.679  -2.298  -3.983  1.00 6.83  ? 122 TYR A CD2 1 
ATOM   805  C CE1 . TYR A 1 100 ? -3.962  0.444   -4.239  1.00 7.29  ? 122 TYR A CE1 1 
ATOM   806  C CE2 . TYR A 1 100 ? -3.608  -1.714  -5.223  1.00 8.16  ? 122 TYR A CE2 1 
ATOM   807  C CZ  . TYR A 1 100 ? -3.713  -0.337  -5.335  1.00 7.37  ? 122 TYR A CZ  1 
ATOM   808  O OH  . TYR A 1 100 ? -3.629  0.322   -6.534  1.00 9.14  ? 122 TYR A OH  1 
ATOM   809  N N   . CYS A 1 101 ? -2.969  -1.888  1.529   1.00 7.26  ? 123 CYS A N   1 
ATOM   810  C CA  . CYS A 1 101 ? -3.078  -2.304  2.935   1.00 7.55  ? 123 CYS A CA  1 
ATOM   811  C C   . CYS A 1 101 ? -4.379  -1.780  3.501   1.00 6.88  ? 123 CYS A C   1 
ATOM   812  O O   . CYS A 1 101 ? -4.908  -0.782  3.013   1.00 7.00  ? 123 CYS A O   1 
ATOM   813  C CB  . CYS A 1 101 ? -1.916  -1.764  3.764   1.00 7.49  ? 123 CYS A CB  1 
ATOM   814  S SG  . CYS A 1 101 ? -0.300  -2.435  3.312   1.00 11.10 ? 123 CYS A SG  1 
ATOM   815  N N   . PHE A 1 102 ? -4.913  -2.479  4.483   1.00 7.00  ? 124 PHE A N   1 
ATOM   816  C CA  . PHE A 1 102 ? -6.152  -2.111  5.129   1.00 7.39  ? 124 PHE A CA  1 
ATOM   817  C C   . PHE A 1 102 ? -5.940  -2.047  6.627   1.00 7.71  ? 124 PHE A C   1 
ATOM   818  O O   . PHE A 1 102 ? -5.554  -3.033  7.256   1.00 7.58  ? 124 PHE A O   1 
ATOM   819  C CB  . PHE A 1 102 ? -7.267  -3.133  4.819   1.00 7.55  ? 124 PHE A CB  1 
ATOM   820  C CG  . PHE A 1 102 ? -8.446  -2.952  5.681   1.00 7.24  ? 124 PHE A CG  1 
ATOM   821  C CD1 . PHE A 1 102 ? -9.237  -1.817  5.542   1.00 8.21  ? 124 PHE A CD1 1 
ATOM   822  C CD2 . PHE A 1 102 ? -8.730  -3.863  6.691   1.00 9.71  ? 124 PHE A CD2 1 
ATOM   823  C CE1 . PHE A 1 102 ? -10.306 -1.593  6.408   1.00 8.19  ? 124 PHE A CE1 1 
ATOM   824  C CE2 . PHE A 1 102 ? -9.804  -3.650  7.554   1.00 9.65  ? 124 PHE A CE2 1 
ATOM   825  C CZ  . PHE A 1 102 ? -10.610 -2.539  7.400   1.00 9.63  ? 124 PHE A CZ  1 
ATOM   826  N N   . ASN A 1 103 ? -6.222  -0.870  7.189   1.00 8.10  ? 125 ASN A N   1 
ATOM   827  C CA  . ASN A 1 103 ? -6.163  -0.655  8.632   1.00 9.57  ? 125 ASN A CA  1 
ATOM   828  C C   . ASN A 1 103 ? -7.559  -0.356  9.161   1.00 9.52  ? 125 ASN A C   1 
ATOM   829  O O   . ASN A 1 103 ? -8.128  0.697   8.868   1.00 8.22  ? 125 ASN A O   1 
ATOM   830  C CB  . ASN A 1 103 ? -5.204  0.482   8.994   1.00 11.65 ? 125 ASN A CB  1 
ATOM   831  C CG  . ASN A 1 103 ? -4.896  0.507   10.486  1.00 13.63 ? 125 ASN A CG  1 
ATOM   832  O OD1 . ASN A 1 103 ? -5.793  0.383   11.304  1.00 14.30 ? 125 ASN A OD1 1 
ATOM   833  N ND2 . ASN A 1 103 ? -3.620  0.619   10.846  1.00 16.21 ? 125 ASN A ND2 1 
ATOM   834  N N   . ALA A 1 104 ? -8.117  -1.305  9.901   1.00 10.00 ? 126 ALA A N   1 
ATOM   835  C CA  . ALA A 1 104 ? -9.466  -1.165  10.427  1.00 11.58 ? 126 ALA A CA  1 
ATOM   836  C C   . ALA A 1 104 ? -9.690  0.021   11.347  1.00 11.96 ? 126 ALA A C   1 
ATOM   837  O O   . ALA A 1 104 ? -10.827 0.463   11.496  1.00 12.52 ? 126 ALA A O   1 
ATOM   838  C CB  . ALA A 1 104 ? -9.884  -2.450  11.123  1.00 12.96 ? 126 ALA A CB  1 
ATOM   839  N N   A SER A 1 105 ? -8.620  0.520   11.966  0.50 11.29 ? 127 SER A N   1 
ATOM   840  N N   B SER A 1 105 ? -8.629  0.531   11.965  0.50 11.20 ? 127 SER A N   1 
ATOM   841  C CA  A SER A 1 105 ? -8.731  1.610   12.933  0.50 11.77 ? 127 SER A CA  1 
ATOM   842  C CA  B SER A 1 105 ? -8.775  1.619   12.928  0.50 11.61 ? 127 SER A CA  1 
ATOM   843  C C   A SER A 1 105 ? -8.786  2.993   12.276  0.50 11.68 ? 127 SER A C   1 
ATOM   844  C C   B SER A 1 105 ? -8.646  3.005   12.289  0.50 11.64 ? 127 SER A C   1 
ATOM   845  O O   A SER A 1 105 ? -9.032  3.990   12.954  0.50 12.00 ? 127 SER A O   1 
ATOM   846  O O   B SER A 1 105 ? -8.606  4.010   12.988  0.50 12.11 ? 127 SER A O   1 
ATOM   847  C CB  A SER A 1 105 ? -7.599  1.520   13.960  0.50 12.69 ? 127 SER A CB  1 
ATOM   848  C CB  B SER A 1 105 ? -7.776  1.443   14.064  0.50 12.26 ? 127 SER A CB  1 
ATOM   849  O OG  A SER A 1 105 ? -7.639  0.282   14.658  0.50 14.32 ? 127 SER A OG  1 
ATOM   850  O OG  B SER A 1 105 ? -6.463  1.637   13.586  0.50 13.80 ? 127 SER A OG  1 
ATOM   851  N N   . ALA A 1 106 ? -8.576  3.051   10.962  1.00 11.64 ? 128 ALA A N   1 
ATOM   852  C CA  . ALA A 1 106 ? -8.621  4.305   10.233  1.00 11.17 ? 128 ALA A CA  1 
ATOM   853  C C   . ALA A 1 106 ? -10.044 4.886   10.230  1.00 11.19 ? 128 ALA A C   1 
ATOM   854  O O   . ALA A 1 106 ? -10.996 4.191   10.545  1.00 10.44 ? 128 ALA A O   1 
ATOM   855  C CB  . ALA A 1 106 ? -8.135  4.085   8.800   1.00 12.19 ? 128 ALA A CB  1 
ATOM   856  N N   . PRO A 1 107 ? -10.202 6.165   9.858   1.00 10.79 ? 129 PRO A N   1 
ATOM   857  C CA  . PRO A 1 107 ? -11.560 6.708   9.738   1.00 10.87 ? 129 PRO A CA  1 
ATOM   858  C C   . PRO A 1 107 ? -12.385 6.025   8.628   1.00 10.84 ? 129 PRO A C   1 
ATOM   859  O O   . PRO A 1 107 ? -11.819 5.408   7.729   1.00 9.73  ? 129 PRO A O   1 
ATOM   860  C CB  . PRO A 1 107 ? -11.302 8.190   9.427   1.00 10.50 ? 129 PRO A CB  1 
ATOM   861  C CG  . PRO A 1 107 ? -9.946  8.458   10.012  1.00 13.08 ? 129 PRO A CG  1 
ATOM   862  C CD  . PRO A 1 107 ? -9.171  7.207   9.723   1.00 12.22 ? 129 PRO A CD  1 
ATOM   863  N N   . PRO A 1 108 ? -13.711 6.149   8.671   1.00 10.14 ? 130 PRO A N   1 
ATOM   864  C CA  . PRO A 1 108 ? -14.538 5.362   7.745   1.00 9.96  ? 130 PRO A CA  1 
ATOM   865  C C   . PRO A 1 108 ? -14.527 5.853   6.300   1.00 9.91  ? 130 PRO A C   1 
ATOM   866  O O   . PRO A 1 108 ? -14.833 5.091   5.393   1.00 9.59  ? 130 PRO A O   1 
ATOM   867  C CB  . PRO A 1 108 ? -15.964 5.480   8.337   1.00 10.56 ? 130 PRO A CB  1 
ATOM   868  C CG  . PRO A 1 108 ? -15.923 6.836   9.083   1.00 10.51 ? 130 PRO A CG  1 
ATOM   869  C CD  . PRO A 1 108 ? -14.534 6.826   9.700   1.00 10.78 ? 130 PRO A CD  1 
ATOM   870  N N   . GLU A 1 109 ? -14.194 7.120   6.069   1.00 10.08 ? 131 GLU A N   1 
ATOM   871  C CA  . GLU A 1 109 ? -14.256 7.639   4.708   1.00 11.15 ? 131 GLU A CA  1 
ATOM   872  C C   . GLU A 1 109 ? -12.871 8.100   4.250   1.00 10.75 ? 131 GLU A C   1 
ATOM   873  O O   . GLU A 1 109 ? -11.897 7.382   4.462   1.00 10.91 ? 131 GLU A O   1 
ATOM   874  C CB  . GLU A 1 109 ? -15.396 8.659   4.565   1.00 12.18 ? 131 GLU A CB  1 
ATOM   875  C CG  . GLU A 1 109 ? -16.703 8.007   5.067   1.00 16.08 ? 131 GLU A CG  1 
ATOM   876  C CD  . GLU A 1 109 ? -17.960 8.775   4.773   1.00 20.59 ? 131 GLU A CD  1 
ATOM   877  O OE1 . GLU A 1 109 ? -18.129 9.855   5.373   1.00 22.98 ? 131 GLU A OE1 1 
ATOM   878  O OE2 . GLU A 1 109 ? -18.797 8.256   3.991   1.00 22.87 ? 131 GLU A OE2 1 
ATOM   879  N N   . GLU A 1 110 ? -12.739 9.282   3.668   1.00 11.86 ? 132 GLU A N   1 
ATOM   880  C CA  . GLU A 1 110 ? -11.434 9.750   3.219   1.00 12.71 ? 132 GLU A CA  1 
ATOM   881  C C   . GLU A 1 110 ? -10.631 10.305  4.382   1.00 12.13 ? 132 GLU A C   1 
ATOM   882  O O   . GLU A 1 110 ? -11.146 11.138  5.137   1.00 12.26 ? 132 GLU A O   1 
ATOM   883  C CB  . GLU A 1 110 ? -11.618 10.818  2.144   1.00 14.12 ? 132 GLU A CB  1 
ATOM   884  C CG  . GLU A 1 110 ? -10.337 11.461  1.655   1.00 17.99 ? 132 GLU A CG  1 
ATOM   885  C CD  . GLU A 1 110 ? -10.629 12.537  0.628   1.00 21.66 ? 132 GLU A CD  1 
ATOM   886  O OE1 . GLU A 1 110 ? -11.217 13.574  1.000   1.00 24.91 ? 132 GLU A OE1 1 
ATOM   887  O OE2 . GLU A 1 110 ? -10.273 12.342  -0.546  1.00 25.20 ? 132 GLU A OE2 1 
ATOM   888  N N   . ASP A 1 111 ? -9.406  9.834   4.549   1.00 11.01 ? 133 ASP A N   1 
ATOM   889  C CA  . ASP A 1 111 ? -8.485  10.348  5.550   1.00 10.80 ? 133 ASP A CA  1 
ATOM   890  C C   . ASP A 1 111 ? -7.208  10.730  4.846   1.00 11.17 ? 133 ASP A C   1 
ATOM   891  O O   . ASP A 1 111 ? -6.344  9.895   4.555   1.00 9.99  ? 133 ASP A O   1 
ATOM   892  C CB  . ASP A 1 111 ? -8.212  9.341   6.660   1.00 10.91 ? 133 ASP A CB  1 
ATOM   893  C CG  . ASP A 1 111 ? -7.236  9.866   7.692   1.00 11.18 ? 133 ASP A CG  1 
ATOM   894  O OD1 . ASP A 1 111 ? -6.937  11.093  7.690   1.00 12.75 ? 133 ASP A OD1 1 
ATOM   895  O OD2 . ASP A 1 111 ? -6.718  9.059   8.487   1.00 13.01 ? 133 ASP A OD2 1 
ATOM   896  N N   . CYS A 1 112 ? -7.081  12.017  4.556   1.00 12.32 ? 134 CYS A N   1 
ATOM   897  C CA  . CYS A 1 112 ? -5.924  12.491  3.836   1.00 13.96 ? 134 CYS A CA  1 
ATOM   898  C C   . CYS A 1 112 ? -4.943  13.169  4.753   1.00 14.24 ? 134 CYS A C   1 
ATOM   899  O O   . CYS A 1 112 ? -4.191  14.047  4.313   1.00 16.28 ? 134 CYS A O   1 
ATOM   900  C CB  . CYS A 1 112 ? -6.325  13.387  2.663   1.00 15.12 ? 134 CYS A CB  1 
ATOM   901  S SG  . CYS A 1 112 ? -6.796  12.412  1.207   1.00 18.10 ? 134 CYS A SG  1 
ATOM   902  N N   . THR A 1 113 ? -4.933  12.784  6.022   1.00 13.32 ? 135 THR A N   1 
ATOM   903  C CA  . THR A 1 113 ? -3.884  13.221  6.910   1.00 12.76 ? 135 THR A CA  1 
ATOM   904  C C   . THR A 1 113 ? -2.649  12.374  6.631   1.00 12.22 ? 135 THR A C   1 
ATOM   905  O O   . THR A 1 113 ? -2.765  11.294  5.990   1.00 13.18 ? 135 THR A O   1 
ATOM   906  C CB  . THR A 1 113 ? -4.290  13.100  8.383   1.00 12.50 ? 135 THR A CB  1 
ATOM   907  O OG1 . THR A 1 113 ? -4.590  11.727  8.688   1.00 12.98 ? 135 THR A OG1 1 
ATOM   908  C CG2 . THR A 1 113 ? -5.505  13.985  8.693   1.00 15.04 ? 135 THR A CG2 1 
ATOM   909  N N   A SER A 1 114 ? -1.493  12.832  7.107   0.50 12.07 ? 136 SER A N   1 
ATOM   910  N N   B SER A 1 114 ? -1.495  12.817  7.125   0.50 11.93 ? 136 SER A N   1 
ATOM   911  C CA  A SER A 1 114 ? -0.249  12.108  6.939   0.50 12.25 ? 136 SER A CA  1 
ATOM   912  C CA  B SER A 1 114 ? -0.237  12.130  6.891   0.50 12.06 ? 136 SER A CA  1 
ATOM   913  C C   A SER A 1 114 ? -0.227  10.852  7.790   0.50 12.68 ? 136 SER A C   1 
ATOM   914  C C   B SER A 1 114 ? -0.024  10.968  7.861   0.50 12.89 ? 136 SER A C   1 
ATOM   915  O O   A SER A 1 114 ? -0.903  10.755  8.822   0.50 12.94 ? 136 SER A O   1 
ATOM   916  O O   B SER A 1 114 ? -0.389  11.038  9.045   0.50 13.04 ? 136 SER A O   1 
ATOM   917  C CB  A SER A 1 114 ? 0.948   12.992  7.293   0.50 12.70 ? 136 SER A CB  1 
ATOM   918  C CB  B SER A 1 114 ? 0.930   13.122  6.935   0.50 12.04 ? 136 SER A CB  1 
ATOM   919  O OG  A SER A 1 114 ? 1.313   13.823  6.204   0.50 12.73 ? 136 SER A OG  1 
ATOM   920  O OG  B SER A 1 114 ? 0.867   13.952  8.085   0.50 11.95 ? 136 SER A OG  1 
ATOM   921  N N   . VAL A 1 115 ? 0.575   9.900   7.339   1.00 12.90 ? 137 VAL A N   1 
ATOM   922  C CA  . VAL A 1 115 ? 0.922   8.719   8.128   1.00 14.31 ? 137 VAL A CA  1 
ATOM   923  C C   . VAL A 1 115 ? 2.209   9.042   8.868   1.00 15.71 ? 137 VAL A C   1 
ATOM   924  O O   . VAL A 1 115 ? 3.175   9.545   8.270   1.00 15.13 ? 137 VAL A O   1 
ATOM   925  C CB  . VAL A 1 115 ? 1.129   7.481   7.222   1.00 13.67 ? 137 VAL A CB  1 
ATOM   926  C CG1 . VAL A 1 115 ? 1.633   6.283   8.039   1.00 14.74 ? 137 VAL A CG1 1 
ATOM   927  C CG2 . VAL A 1 115 ? -0.163  7.132   6.530   1.00 14.27 ? 137 VAL A CG2 1 
ATOM   928  N N   . THR A 1 116 ? 2.219   8.718   10.165  1.00 18.64 ? 138 THR A N   1 
ATOM   929  C CA  . THR A 1 116 ? 3.222   9.218   11.104  1.00 21.46 ? 138 THR A CA  1 
ATOM   930  C C   . THR A 1 116 ? 4.061   8.126   11.766  1.00 21.62 ? 138 THR A C   1 
ATOM   931  O O   . THR A 1 116 ? 4.981   8.427   12.528  1.00 22.92 ? 138 THR A O   1 
ATOM   932  C CB  . THR A 1 116 ? 2.559   10.038  12.257  1.00 22.00 ? 138 THR A CB  1 
ATOM   933  O OG1 . THR A 1 116 ? 1.733   9.170   13.041  1.00 26.06 ? 138 THR A OG1 1 
ATOM   934  C CG2 . THR A 1 116 ? 1.710   11.168  11.712  1.00 23.95 ? 138 THR A CG2 1 
ATOM   935  N N   . ASP A 1 117 ? 3.725   6.868   11.510  1.00 22.21 ? 139 ASP A N   1 
ATOM   936  C CA  . ASP A 1 117 ? 4.455   5.751   12.115  1.00 22.68 ? 139 ASP A CA  1 
ATOM   937  C C   . ASP A 1 117 ? 4.279   4.462   11.346  1.00 22.15 ? 139 ASP A C   1 
ATOM   938  O O   . ASP A 1 117 ? 3.360   4.314   10.524  1.00 21.65 ? 139 ASP A O   1 
ATOM   939  C CB  . ASP A 1 117 ? 4.037   5.526   13.583  1.00 23.93 ? 139 ASP A CB  1 
ATOM   940  C CG  . ASP A 1 117 ? 5.061   4.675   14.395  1.00 26.03 ? 139 ASP A CG  1 
ATOM   941  O OD1 . ASP A 1 117 ? 6.210   4.418   13.939  1.00 27.85 ? 139 ASP A OD1 1 
ATOM   942  O OD2 . ASP A 1 117 ? 4.698   4.257   15.512  1.00 29.93 ? 139 ASP A OD2 1 
ATOM   943  N N   . LEU A 1 118 ? 5.191   3.537   11.627  1.00 21.19 ? 140 LEU A N   1 
ATOM   944  C CA  . LEU A 1 118 ? 5.130   2.179   11.156  1.00 20.53 ? 140 LEU A CA  1 
ATOM   945  C C   . LEU A 1 118 ? 5.067   1.371   12.453  1.00 19.70 ? 140 LEU A C   1 
ATOM   946  O O   . LEU A 1 118 ? 6.086   0.820   12.909  1.00 19.17 ? 140 LEU A O   1 
ATOM   947  C CB  . LEU A 1 118 ? 6.392   1.870   10.334  1.00 20.50 ? 140 LEU A CB  1 
ATOM   948  C CG  . LEU A 1 118 ? 6.510   0.540   9.584   1.00 20.55 ? 140 LEU A CG  1 
ATOM   949  C CD1 . LEU A 1 118 ? 5.406   0.425   8.541   1.00 20.00 ? 140 LEU A CD1 1 
ATOM   950  C CD2 . LEU A 1 118 ? 7.873   0.369   8.921   1.00 21.80 ? 140 LEU A CD2 1 
ATOM   951  N N   . PRO A 1 119 ? 3.875   1.324   13.081  1.00 18.86 ? 141 PRO A N   1 
ATOM   952  C CA  . PRO A 1 119 ? 3.758   0.941   14.496  1.00 19.08 ? 141 PRO A CA  1 
ATOM   953  C C   . PRO A 1 119 ? 4.251   -0.466  14.818  1.00 18.01 ? 141 PRO A C   1 
ATOM   954  O O   . PRO A 1 119 ? 4.576   -0.773  15.974  1.00 18.18 ? 141 PRO A O   1 
ATOM   955  C CB  . PRO A 1 119 ? 2.247   1.043   14.753  1.00 19.38 ? 141 PRO A CB  1 
ATOM   956  C CG  . PRO A 1 119 ? 1.631   0.910   13.396  1.00 19.86 ? 141 PRO A CG  1 
ATOM   957  C CD  . PRO A 1 119 ? 2.548   1.611   12.490  1.00 18.78 ? 141 PRO A CD  1 
ATOM   958  N N   . ASN A 1 120 ? 4.325   -1.318  13.816  1.00 16.52 ? 142 ASN A N   1 
ATOM   959  C CA  . ASN A 1 120 ? 4.600   -2.711  14.065  1.00 16.16 ? 142 ASN A CA  1 
ATOM   960  C C   . ASN A 1 120 ? 5.858   -3.193  13.373  1.00 14.47 ? 142 ASN A C   1 
ATOM   961  O O   . ASN A 1 120 ? 6.055   -4.390  13.182  1.00 15.81 ? 142 ASN A O   1 
ATOM   962  C CB  . ASN A 1 120 ? 3.391   -3.529  13.657  1.00 16.49 ? 142 ASN A CB  1 
ATOM   963  C CG  . ASN A 1 120 ? 3.298   -4.818  14.374  1.00 19.10 ? 142 ASN A CG  1 
ATOM   964  O OD1 . ASN A 1 120 ? 3.667   -4.920  15.561  1.00 21.42 ? 142 ASN A OD1 1 
ATOM   965  N ND2 . ASN A 1 120 ? 2.816   -5.836  13.680  1.00 19.50 ? 142 ASN A ND2 1 
ATOM   966  N N   . SER A 1 121 ? 6.710   -2.245  13.000  1.00 13.64 ? 143 SER A N   1 
ATOM   967  C CA  . SER A 1 121 ? 8.052   -2.574  12.532  1.00 13.45 ? 143 SER A CA  1 
ATOM   968  C C   . SER A 1 121 ? 8.818   -3.252  13.658  1.00 12.75 ? 143 SER A C   1 
ATOM   969  O O   . SER A 1 121 ? 8.537   -3.016  14.841  1.00 12.65 ? 143 SER A O   1 
ATOM   970  C CB  . SER A 1 121 ? 8.788   -1.302  12.076  1.00 13.64 ? 143 SER A CB  1 
ATOM   971  O OG  . SER A 1 121 ? 8.920   -0.373  13.112  1.00 19.06 ? 143 SER A OG  1 
ATOM   972  N N   . PHE A 1 122 ? 9.764   -4.098  13.293  1.00 11.98 ? 144 PHE A N   1 
ATOM   973  C CA  . PHE A 1 122 ? 10.542  -4.744  14.335  1.00 11.82 ? 144 PHE A CA  1 
ATOM   974  C C   . PHE A 1 122 ? 11.963  -4.245  14.298  1.00 12.23 ? 144 PHE A C   1 
ATOM   975  O O   . PHE A 1 122 ? 12.360  -3.481  13.417  1.00 12.67 ? 144 PHE A O   1 
ATOM   976  C CB  . PHE A 1 122 ? 10.382  -6.285  14.344  1.00 13.69 ? 144 PHE A CB  1 
ATOM   977  C CG  . PHE A 1 122 ? 10.607  -6.966  13.017  1.00 14.41 ? 144 PHE A CG  1 
ATOM   978  C CD1 . PHE A 1 122 ? 11.889  -7.304  12.593  1.00 16.01 ? 144 PHE A CD1 1 
ATOM   979  C CD2 . PHE A 1 122 ? 9.530   -7.330  12.211  1.00 15.77 ? 144 PHE A CD2 1 
ATOM   980  C CE1 . PHE A 1 122 ? 12.096  -7.956  11.376  1.00 17.00 ? 144 PHE A CE1 1 
ATOM   981  C CE2 . PHE A 1 122 ? 9.733   -7.992  10.997  1.00 16.65 ? 144 PHE A CE2 1 
ATOM   982  C CZ  . PHE A 1 122 ? 11.013  -8.298  10.575  1.00 17.02 ? 144 PHE A CZ  1 
ATOM   983  N N   . ASP A 1 123 ? 12.737  -4.635  15.305  1.00 12.47 ? 145 ASP A N   1 
ATOM   984  C CA  . ASP A 1 123 ? 14.121  -4.187  15.413  1.00 12.15 ? 145 ASP A CA  1 
ATOM   985  C C   . ASP A 1 123 ? 14.903  -4.568  14.142  1.00 11.39 ? 145 ASP A C   1 
ATOM   986  O O   . ASP A 1 123 ? 14.725  -5.663  13.600  1.00 12.67 ? 145 ASP A O   1 
ATOM   987  C CB  . ASP A 1 123 ? 14.777  -4.827  16.642  1.00 13.11 ? 145 ASP A CB  1 
ATOM   988  C CG  . ASP A 1 123 ? 16.218  -4.406  16.829  1.00 16.17 ? 145 ASP A CG  1 
ATOM   989  O OD1 . ASP A 1 123 ? 16.452  -3.344  17.426  1.00 16.68 ? 145 ASP A OD1 1 
ATOM   990  O OD2 . ASP A 1 123 ? 17.121  -5.150  16.390  1.00 18.12 ? 145 ASP A OD2 1 
ATOM   991  N N   . GLY A 1 124 ? 15.760  -3.673  13.674  1.00 12.50 ? 146 GLY A N   1 
ATOM   992  C CA  . GLY A 1 124 ? 16.538  -3.975  12.483  1.00 13.57 ? 146 GLY A CA  1 
ATOM   993  C C   . GLY A 1 124 ? 17.429  -2.825  12.081  1.00 14.11 ? 146 GLY A C   1 
ATOM   994  O O   . GLY A 1 124 ? 17.381  -1.775  12.692  1.00 14.59 ? 146 GLY A O   1 
ATOM   995  N N   . PRO A 1 125 ? 18.236  -3.033  11.041  1.00 15.05 ? 147 PRO A N   1 
ATOM   996  C CA  . PRO A 1 125 ? 19.279  -2.101  10.660  1.00 15.61 ? 147 PRO A CA  1 
ATOM   997  C C   . PRO A 1 125 ? 18.900  -1.089  9.584   1.00 15.13 ? 147 PRO A C   1 
ATOM   998  O O   . PRO A 1 125 ? 19.715  -0.220  9.264   1.00 15.41 ? 147 PRO A O   1 
ATOM   999  C CB  . PRO A 1 125 ? 20.345  -3.023  10.085  1.00 16.44 ? 147 PRO A CB  1 
ATOM   1000 C CG  . PRO A 1 125 ? 19.583  -4.107  9.461   1.00 16.09 ? 147 PRO A CG  1 
ATOM   1001 C CD  . PRO A 1 125 ? 18.351  -4.306  10.316  1.00 15.84 ? 147 PRO A CD  1 
ATOM   1002 N N   . VAL A 1 126 ? 17.702  -1.220  9.015   1.00 14.36 ? 148 VAL A N   1 
ATOM   1003 C CA  . VAL A 1 126 ? 17.275  -0.415  7.857   1.00 14.26 ? 148 VAL A CA  1 
ATOM   1004 C C   . VAL A 1 126 ? 16.691  0.899   8.310   1.00 13.26 ? 148 VAL A C   1 
ATOM   1005 O O   . VAL A 1 126 ? 15.858  0.951   9.204   1.00 13.63 ? 148 VAL A O   1 
ATOM   1006 C CB  . VAL A 1 126 ? 16.253  -1.193  6.986   1.00 14.65 ? 148 VAL A CB  1 
ATOM   1007 C CG1 . VAL A 1 126 ? 15.886  -0.416  5.730   1.00 16.17 ? 148 VAL A CG1 1 
ATOM   1008 C CG2 . VAL A 1 126 ? 16.811  -2.580  6.623   1.00 15.98 ? 148 VAL A CG2 1 
ATOM   1009 N N   . THR A 1 127 ? 17.122  1.979   7.674   1.00 12.72 ? 149 THR A N   1 
ATOM   1010 C CA  . THR A 1 127 ? 16.431  3.251   7.831   1.00 13.95 ? 149 THR A CA  1 
ATOM   1011 C C   . THR A 1 127 ? 15.198  3.240   6.934   1.00 12.38 ? 149 THR A C   1 
ATOM   1012 O O   . THR A 1 127 ? 15.303  3.233   5.705   1.00 12.84 ? 149 THR A O   1 
ATOM   1013 C CB  . THR A 1 127 ? 17.318  4.437   7.475   1.00 14.36 ? 149 THR A CB  1 
ATOM   1014 O OG1 . THR A 1 127 ? 18.439  4.453   8.370   1.00 16.02 ? 149 THR A OG1 1 
ATOM   1015 C CG2 . THR A 1 127 ? 16.563  5.752   7.640   1.00 16.05 ? 149 THR A CG2 1 
ATOM   1016 N N   . ILE A 1 128 ? 14.045  3.188   7.570   1.00 11.21 ? 150 ILE A N   1 
ATOM   1017 C CA  . ILE A 1 128 ? 12.778  3.145   6.844   1.00 11.07 ? 150 ILE A CA  1 
ATOM   1018 C C   . ILE A 1 128 ? 12.110  4.490   6.943   1.00 11.68 ? 150 ILE A C   1 
ATOM   1019 O O   . ILE A 1 128 ? 11.851  4.988   8.041   1.00 11.76 ? 150 ILE A O   1 
ATOM   1020 C CB  . ILE A 1 128 ? 11.841  2.084   7.441   1.00 11.47 ? 150 ILE A CB  1 
ATOM   1021 C CG1 . ILE A 1 128 ? 12.502  0.708   7.423   1.00 13.24 ? 150 ILE A CG1 1 
ATOM   1022 C CG2 . ILE A 1 128 ? 10.499  2.048   6.677   1.00 12.43 ? 150 ILE A CG2 1 
ATOM   1023 C CD1 . ILE A 1 128 ? 11.802  -0.320  8.325   1.00 16.80 ? 150 ILE A CD1 1 
ATOM   1024 N N   . THR A 1 129 ? 11.820  5.078   5.791   1.00 10.21 ? 151 THR A N   1 
ATOM   1025 C CA  . THR A 1 129 ? 11.189  6.391   5.747   1.00 10.78 ? 151 THR A CA  1 
ATOM   1026 C C   . THR A 1 129 ? 9.795   6.304   5.140   1.00 10.30 ? 151 THR A C   1 
ATOM   1027 O O   . THR A 1 129 ? 9.644   5.859   4.000   1.00 10.71 ? 151 THR A O   1 
ATOM   1028 C CB  . THR A 1 129 ? 12.070  7.394   4.960   1.00 11.52 ? 151 THR A CB  1 
ATOM   1029 O OG1 . THR A 1 129 ? 13.373  7.450   5.565   1.00 13.98 ? 151 THR A OG1 1 
ATOM   1030 C CG2 . THR A 1 129 ? 11.471  8.780   5.012   1.00 13.67 ? 151 THR A CG2 1 
ATOM   1031 N N   A ILE A 1 130 ? 8.785   6.698   5.910   0.50 9.87  ? 152 ILE A N   1 
ATOM   1032 N N   B ILE A 1 130 ? 8.783   6.706   5.902   0.50 9.73  ? 152 ILE A N   1 
ATOM   1033 C CA  A ILE A 1 130 ? 7.451   6.889   5.375   0.50 10.06 ? 152 ILE A CA  1 
ATOM   1034 C CA  B ILE A 1 130 ? 7.434   6.881   5.380   0.50 9.83  ? 152 ILE A CA  1 
ATOM   1035 C C   A ILE A 1 130 ? 7.445   8.249   4.690   0.50 9.21  ? 152 ILE A C   1 
ATOM   1036 C C   B ILE A 1 130 ? 7.368   8.251   4.719   0.50 9.06  ? 152 ILE A C   1 
ATOM   1037 O O   A ILE A 1 130 ? 7.854   9.269   5.279   0.50 9.17  ? 152 ILE A O   1 
ATOM   1038 O O   B ILE A 1 130 ? 7.648   9.283   5.369   0.50 9.21  ? 152 ILE A O   1 
ATOM   1039 C CB  A ILE A 1 130 ? 6.389   6.863   6.474   0.50 11.03 ? 152 ILE A CB  1 
ATOM   1040 C CB  B ILE A 1 130 ? 6.402   6.829   6.501   0.50 10.66 ? 152 ILE A CB  1 
ATOM   1041 C CG1 A ILE A 1 130 ? 6.616   5.658   7.392   0.50 12.00 ? 152 ILE A CG1 1 
ATOM   1042 C CG1 B ILE A 1 130 ? 6.231   5.392   6.991   0.50 11.34 ? 152 ILE A CG1 1 
ATOM   1043 C CG2 A ILE A 1 130 ? 4.992   6.850   5.854   0.50 11.81 ? 152 ILE A CG2 1 
ATOM   1044 C CG2 B ILE A 1 130 ? 5.064   7.404   6.028   0.50 11.36 ? 152 ILE A CG2 1 
ATOM   1045 C CD1 A ILE A 1 130 ? 7.021   4.409   6.649   0.50 15.31 ? 152 ILE A CD1 1 
ATOM   1046 C CD1 B ILE A 1 130 ? 5.644   5.323   8.354   0.50 11.92 ? 152 ILE A CD1 1 
ATOM   1047 N N   . VAL A 1 131 ? 7.032   8.256   3.431   1.00 8.74  ? 153 VAL A N   1 
ATOM   1048 C CA  . VAL A 1 131 ? 6.935   9.490   2.646   1.00 8.31  ? 153 VAL A CA  1 
ATOM   1049 C C   . VAL A 1 131 ? 5.490   9.708   2.251   1.00 8.72  ? 153 VAL A C   1 
ATOM   1050 O O   . VAL A 1 131 ? 4.895   8.884   1.553   1.00 8.43  ? 153 VAL A O   1 
ATOM   1051 C CB  . VAL A 1 131 ? 7.794   9.429   1.380   1.00 8.42  ? 153 VAL A CB  1 
ATOM   1052 C CG1 . VAL A 1 131 ? 7.793   10.801  0.709   1.00 9.35  ? 153 VAL A CG1 1 
ATOM   1053 C CG2 . VAL A 1 131 ? 9.237   8.985   1.696   1.00 10.64 ? 153 VAL A CG2 1 
ATOM   1054 N N   . ASN A 1 132 ? 4.894   10.769  2.775   1.00 7.65  ? 154 ASN A N   1 
ATOM   1055 C CA  . ASN A 1 132 ? 3.559   11.146  2.404   1.00 8.56  ? 154 ASN A CA  1 
ATOM   1056 C C   . ASN A 1 132 ? 3.543   11.928  1.098   1.00 7.55  ? 154 ASN A C   1 
ATOM   1057 O O   . ASN A 1 132 ? 4.562   12.451  0.663   1.00 7.72  ? 154 ASN A O   1 
ATOM   1058 C CB  . ASN A 1 132 ? 2.949   11.945  3.549   1.00 8.19  ? 154 ASN A CB  1 
ATOM   1059 C CG  . ASN A 1 132 ? 2.730   11.086  4.763   1.00 8.52  ? 154 ASN A CG  1 
ATOM   1060 O OD1 . ASN A 1 132 ? 1.727   10.369  4.849   1.00 8.41  ? 154 ASN A OD1 1 
ATOM   1061 N ND2 . ASN A 1 132 ? 3.669   11.105  5.702   1.00 8.37  ? 154 ASN A ND2 1 
ATOM   1062 N N   . ARG A 1 133 ? 2.383   12.025  0.461   1.00 8.09  ? 155 ARG A N   1 
ATOM   1063 C CA  . ARG A 1 133 ? 2.264   12.692  -0.819  1.00 8.32  ? 155 ARG A CA  1 
ATOM   1064 C C   . ARG A 1 133 ? 2.570   14.184  -0.700  1.00 7.59  ? 155 ARG A C   1 
ATOM   1065 O O   . ARG A 1 133 ? 3.108   14.773  -1.627  1.00 8.12  ? 155 ARG A O   1 
ATOM   1066 C CB  . ARG A 1 133 ? 0.900   12.405  -1.460  1.00 9.06  ? 155 ARG A CB  1 
ATOM   1067 C CG  . ARG A 1 133 ? 0.676   12.981  -2.858  1.00 10.90 ? 155 ARG A CG  1 
ATOM   1068 C CD  . ARG A 1 133 ? 1.576   12.456  -3.944  1.00 14.93 ? 155 ARG A CD  1 
ATOM   1069 N NE  . ARG A 1 133 ? 2.911   13.038  -3.841  1.00 15.58 ? 155 ARG A NE  1 
ATOM   1070 C CZ  . ARG A 1 133 ? 3.837   13.014  -4.793  1.00 14.83 ? 155 ARG A CZ  1 
ATOM   1071 N NH1 . ARG A 1 133 ? 5.019   13.566  -4.569  1.00 18.03 ? 155 ARG A NH1 1 
ATOM   1072 N NH2 . ARG A 1 133 ? 3.565   12.451  -5.967  1.00 18.47 ? 155 ARG A NH2 1 
ATOM   1073 N N   . ASP A 1 134 ? 2.253   14.779  0.452   1.00 8.07  ? 156 ASP A N   1 
ATOM   1074 C CA  . ASP A 1 134 ? 2.619   16.175  0.737   1.00 8.30  ? 156 ASP A CA  1 
ATOM   1075 C C   . ASP A 1 134 ? 4.062   16.350  1.160   1.00 8.24  ? 156 ASP A C   1 
ATOM   1076 O O   . ASP A 1 134 ? 4.450   17.493  1.492   1.00 9.60  ? 156 ASP A O   1 
ATOM   1077 C CB  . ASP A 1 134 ? 1.656   16.805  1.764   1.00 9.51  ? 156 ASP A CB  1 
ATOM   1078 C CG  . ASP A 1 134 ? 1.882   16.323  3.175   1.00 8.98  ? 156 ASP A CG  1 
ATOM   1079 O OD1 . ASP A 1 134 ? 2.779   15.509  3.438   1.00 9.78  ? 156 ASP A OD1 1 
ATOM   1080 O OD2 . ASP A 1 134 ? 1.082   16.745  4.047   1.00 10.25 ? 156 ASP A OD2 1 
ATOM   1081 N N   . GLY A 1 135 ? 4.862   15.289  1.122   1.00 8.40  ? 157 GLY A N   1 
ATOM   1082 C CA  . GLY A 1 135 ? 6.280   15.401  1.421   1.00 8.66  ? 157 GLY A CA  1 
ATOM   1083 C C   . GLY A 1 135 ? 6.680   15.134  2.843   1.00 9.02  ? 157 GLY A C   1 
ATOM   1084 O O   . GLY A 1 135 ? 7.846   14.909  3.130   1.00 9.54  ? 157 GLY A O   1 
ATOM   1085 N N   A THR A 1 136 ? 5.697   15.169  3.743   0.50 8.31  ? 158 THR A N   1 
ATOM   1086 N N   B THR A 1 136 ? 5.726   15.152  3.750   0.50 8.67  ? 158 THR A N   1 
ATOM   1087 C CA  A THR A 1 136 ? 5.915   14.897  5.157   0.50 8.58  ? 158 THR A CA  1 
ATOM   1088 C CA  B THR A 1 136 ? 6.093   14.968  5.123   0.50 9.27  ? 158 THR A CA  1 
ATOM   1089 C C   A THR A 1 136 ? 6.628   13.544  5.276   0.50 7.90  ? 158 THR A C   1 
ATOM   1090 C C   B THR A 1 136 ? 6.591   13.547  5.349   0.50 8.48  ? 158 THR A C   1 
ATOM   1091 O O   A THR A 1 136 ? 6.219   12.557  4.638   0.50 7.56  ? 158 THR A O   1 
ATOM   1092 O O   B THR A 1 136 ? 5.999   12.535  4.897   0.50 8.04  ? 158 THR A O   1 
ATOM   1093 C CB  A THR A 1 136 ? 4.577   14.892  5.961   0.50 8.51  ? 158 THR A CB  1 
ATOM   1094 C CB  B THR A 1 136 ? 4.960   15.305  6.045   0.50 9.73  ? 158 THR A CB  1 
ATOM   1095 O OG1 A THR A 1 136 ? 3.879   16.135  5.774   0.50 8.91  ? 158 THR A OG1 1 
ATOM   1096 O OG1 B THR A 1 136 ? 3.889   14.403  5.790   0.50 9.76  ? 158 THR A OG1 1 
ATOM   1097 C CG2 A THR A 1 136 ? 4.848   14.736  7.440   0.50 8.98  ? 158 THR A CG2 1 
ATOM   1098 C CG2 B THR A 1 136 ? 4.481   16.720  5.795   0.50 10.67 ? 158 THR A CG2 1 
ATOM   1099 N N   . ARG A 1 137 ? 7.687   13.484  6.085   1.00 8.95  ? 159 ARG A N   1 
ATOM   1100 C CA  . ARG A 1 137 ? 8.434   12.257  6.286   1.00 9.83  ? 159 ARG A CA  1 
ATOM   1101 C C   . ARG A 1 137 ? 8.557   11.892  7.741   1.00 11.19 ? 159 ARG A C   1 
ATOM   1102 O O   . ARG A 1 137 ? 8.661   12.773  8.617   1.00 12.24 ? 159 ARG A O   1 
ATOM   1103 C CB  . ARG A 1 137 ? 9.828   12.354  5.688   1.00 10.54 ? 159 ARG A CB  1 
ATOM   1104 C CG  . ARG A 1 137 ? 9.814   12.250  4.187   1.00 10.86 ? 159 ARG A CG  1 
ATOM   1105 C CD  . ARG A 1 137 ? 11.192  12.576  3.620   1.00 10.42 ? 159 ARG A CD  1 
ATOM   1106 N NE  . ARG A 1 137 ? 11.368  12.217  2.209   1.00 12.49 ? 159 ARG A NE  1 
ATOM   1107 C CZ  . ARG A 1 137 ? 10.865  12.852  1.167   1.00 16.00 ? 159 ARG A CZ  1 
ATOM   1108 N NH1 . ARG A 1 137 ? 10.090  13.934  1.303   1.00 16.91 ? 159 ARG A NH1 1 
ATOM   1109 N NH2 . ARG A 1 137 ? 11.159  12.362  -0.045  1.00 16.82 ? 159 ARG A NH2 1 
ATOM   1110 N N   A TYR A 1 138 ? 8.533   10.588  7.982   0.50 11.96 ? 160 TYR A N   1 
ATOM   1111 N N   B TYR A 1 138 ? 8.536   10.592  8.013   0.50 11.88 ? 160 TYR A N   1 
ATOM   1112 C CA  A TYR A 1 138 ? 8.834   9.994   9.268   0.50 12.96 ? 160 TYR A CA  1 
ATOM   1113 C CA  B TYR A 1 138 ? 8.824   10.051  9.339   0.50 12.77 ? 160 TYR A CA  1 
ATOM   1114 C C   A TYR A 1 138 ? 9.844   8.889   9.019   0.50 13.43 ? 160 TYR A C   1 
ATOM   1115 C C   B TYR A 1 138 ? 9.739   8.840   9.156   0.50 13.36 ? 160 TYR A C   1 
ATOM   1116 O O   A TYR A 1 138 ? 9.669   8.053   8.125   0.50 13.19 ? 160 TYR A O   1 
ATOM   1117 O O   B TYR A 1 138 ? 9.386   7.889   8.433   0.50 12.89 ? 160 TYR A O   1 
ATOM   1118 C CB  A TYR A 1 138 ? 7.572   9.392   9.877   0.50 13.44 ? 160 TYR A CB  1 
ATOM   1119 C CB  B TYR A 1 138 ? 7.537   9.607   10.034  0.50 13.25 ? 160 TYR A CB  1 
ATOM   1120 C CG  A TYR A 1 138 ? 7.829   8.538   11.101  0.50 14.99 ? 160 TYR A CG  1 
ATOM   1121 C CG  B TYR A 1 138 ? 6.595   10.702  10.512  0.50 14.85 ? 160 TYR A CG  1 
ATOM   1122 C CD1 A TYR A 1 138 ? 8.104   9.126   12.330  0.50 17.09 ? 160 TYR A CD1 1 
ATOM   1123 C CD1 B TYR A 1 138 ? 6.662   11.190  11.817  0.50 16.65 ? 160 TYR A CD1 1 
ATOM   1124 C CD2 A TYR A 1 138 ? 7.784   7.154   11.035  0.50 15.94 ? 160 TYR A CD2 1 
ATOM   1125 C CD2 B TYR A 1 138 ? 5.608   11.205  9.678   0.50 16.06 ? 160 TYR A CD2 1 
ATOM   1126 C CE1 A TYR A 1 138 ? 8.333   8.359   13.460  0.50 16.71 ? 160 TYR A CE1 1 
ATOM   1127 C CE1 B TYR A 1 138 ? 5.792   12.168  12.263  0.50 17.51 ? 160 TYR A CE1 1 
ATOM   1128 C CE2 A TYR A 1 138 ? 8.019   6.378   12.164  0.50 15.40 ? 160 TYR A CE2 1 
ATOM   1129 C CE2 B TYR A 1 138 ? 4.738   12.187  10.115  0.50 16.59 ? 160 TYR A CE2 1 
ATOM   1130 C CZ  A TYR A 1 138 ? 8.290   6.984   13.376  0.50 16.66 ? 160 TYR A CZ  1 
ATOM   1131 C CZ  B TYR A 1 138 ? 4.832   12.658  11.409  0.50 16.95 ? 160 TYR A CZ  1 
ATOM   1132 O OH  A TYR A 1 138 ? 8.520   6.218   14.507  0.50 18.07 ? 160 TYR A OH  1 
ATOM   1133 O OH  B TYR A 1 138 ? 3.963   13.623  11.865  0.50 18.12 ? 160 TYR A OH  1 
ATOM   1134 N N   . SER A 1 139 ? 10.898  8.866   9.820   1.00 13.85 ? 161 SER A N   1 
ATOM   1135 C CA  . SER A 1 139 ? 11.911  7.822   9.686   1.00 15.32 ? 161 SER A CA  1 
ATOM   1136 C C   . SER A 1 139 ? 12.116  7.073   10.989  1.00 15.83 ? 161 SER A C   1 
ATOM   1137 O O   . SER A 1 139 ? 11.945  7.631   12.078  1.00 15.76 ? 161 SER A O   1 
ATOM   1138 C CB  . SER A 1 139 ? 13.247  8.382   9.202   1.00 15.76 ? 161 SER A CB  1 
ATOM   1139 O OG  . SER A 1 139 ? 13.125  8.946   7.912   1.00 19.28 ? 161 SER A OG  1 
ATOM   1140 N N   . LYS A 1 140 ? 12.466  5.804   10.867  1.00 15.26 ? 162 LYS A N   1 
ATOM   1141 C CA  . LYS A 1 140 ? 12.872  5.001   12.015  1.00 16.27 ? 162 LYS A CA  1 
ATOM   1142 C C   . LYS A 1 140 ? 13.795  3.899   11.519  1.00 16.36 ? 162 LYS A C   1 
ATOM   1143 O O   . LYS A 1 140 ? 13.763  3.516   10.343  1.00 16.64 ? 162 LYS A O   1 
ATOM   1144 C CB  . LYS A 1 140 ? 11.654  4.412   12.733  1.00 17.30 ? 162 LYS A CB  1 
ATOM   1145 C CG  . LYS A 1 140 ? 10.891  3.363   11.946  1.00 19.13 ? 162 LYS A CG  1 
ATOM   1146 C CD  . LYS A 1 140 ? 9.498   3.109   12.503  1.00 22.03 ? 162 LYS A CD  1 
ATOM   1147 C CE  . LYS A 1 140 ? 9.523   2.500   13.905  1.00 22.70 ? 162 LYS A CE  1 
ATOM   1148 N NZ  . LYS A 1 140 ? 8.188   1.996   14.356  1.00 25.04 ? 162 LYS A NZ  1 
ATOM   1149 N N   . LYS A 1 141 ? 14.626  3.389   12.419  1.00 15.93 ? 163 LYS A N   1 
ATOM   1150 C CA  . LYS A 1 141 ? 15.451  2.231   12.142  1.00 15.97 ? 163 LYS A CA  1 
ATOM   1151 C C   . LYS A 1 141 ? 14.643  0.987   12.470  1.00 14.81 ? 163 LYS A C   1 
ATOM   1152 O O   . LYS A 1 141 ? 14.017  0.907   13.532  1.00 15.77 ? 163 LYS A O   1 
ATOM   1153 C CB  . LYS A 1 141 ? 16.728  2.277   12.993  1.00 16.95 ? 163 LYS A CB  1 
ATOM   1154 C CG  . LYS A 1 141 ? 17.791  1.267   12.623  1.00 20.91 ? 163 LYS A CG  1 
ATOM   1155 C CD  . LYS A 1 141 ? 19.005  1.302   13.579  1.00 24.86 ? 163 LYS A CD  1 
ATOM   1156 C CE  . LYS A 1 141 ? 18.682  0.798   15.004  1.00 26.70 ? 163 LYS A CE  1 
ATOM   1157 N NZ  . LYS A 1 141 ? 18.497  -0.684  15.112  1.00 28.12 ? 163 LYS A NZ  1 
ATOM   1158 N N   . GLY A 1 142 ? 14.631  0.026   11.556  1.00 13.39 ? 164 GLY A N   1 
ATOM   1159 C CA  . GLY A 1 142 ? 13.925  -1.215  11.803  1.00 13.35 ? 164 GLY A CA  1 
ATOM   1160 C C   . GLY A 1 142 ? 14.011  -2.194  10.659  1.00 12.89 ? 164 GLY A C   1 
ATOM   1161 O O   . GLY A 1 142 ? 14.935  -2.162  9.832   1.00 13.39 ? 164 GLY A O   1 
ATOM   1162 N N   . GLU A 1 143 ? 13.029  -3.081  10.633  1.00 12.47 ? 165 GLU A N   1 
ATOM   1163 C CA  . GLU A 1 143 ? 12.881  -4.056  9.574   1.00 13.18 ? 165 GLU A CA  1 
ATOM   1164 C C   . GLU A 1 143 ? 11.418  -4.471  9.575   1.00 12.23 ? 165 GLU A C   1 
ATOM   1165 O O   . GLU A 1 143 ? 10.714  -4.335  10.583  1.00 12.50 ? 165 GLU A O   1 
ATOM   1166 C CB  . GLU A 1 143 ? 13.816  -5.242  9.822   1.00 13.07 ? 165 GLU A CB  1 
ATOM   1167 C CG  . GLU A 1 143 ? 13.756  -6.357  8.766   1.00 15.49 ? 165 GLU A CG  1 
ATOM   1168 C CD  . GLU A 1 143 ? 14.026  -5.892  7.344   1.00 16.89 ? 165 GLU A CD  1 
ATOM   1169 O OE1 . GLU A 1 143 ? 15.204  -5.877  6.925   1.00 18.62 ? 165 GLU A OE1 1 
ATOM   1170 O OE2 . GLU A 1 143 ? 13.047  -5.569  6.622   1.00 15.34 ? 165 GLU A OE2 1 
ATOM   1171 N N   . TYR A 1 144 ? 10.943  -4.951  8.434   1.00 12.14 ? 166 TYR A N   1 
ATOM   1172 C CA  . TYR A 1 144 ? 9.599   -5.530  8.363   1.00 12.61 ? 166 TYR A CA  1 
ATOM   1173 C C   . TYR A 1 144 ? 9.564   -6.847  7.592   1.00 12.86 ? 166 TYR A C   1 
ATOM   1174 O O   . TYR A 1 144 ? 8.594   -7.586  7.679   1.00 13.18 ? 166 TYR A O   1 
ATOM   1175 C CB  . TYR A 1 144 ? 8.583   -4.535  7.775   1.00 12.48 ? 166 TYR A CB  1 
ATOM   1176 C CG  . TYR A 1 144 ? 8.906   -4.157  6.355   1.00 11.79 ? 166 TYR A CG  1 
ATOM   1177 C CD1 . TYR A 1 144 ? 8.438   -4.920  5.273   1.00 13.86 ? 166 TYR A CD1 1 
ATOM   1178 C CD2 . TYR A 1 144 ? 9.689   -3.050  6.076   1.00 13.87 ? 166 TYR A CD2 1 
ATOM   1179 C CE1 . TYR A 1 144 ? 8.763   -4.586  3.947   1.00 14.69 ? 166 TYR A CE1 1 
ATOM   1180 C CE2 . TYR A 1 144 ? 10.016  -2.713  4.746   1.00 16.76 ? 166 TYR A CE2 1 
ATOM   1181 C CZ  . TYR A 1 144 ? 9.549   -3.484  3.701   1.00 15.34 ? 166 TYR A CZ  1 
ATOM   1182 O OH  . TYR A 1 144 ? 9.882   -3.138  2.399   1.00 17.21 ? 166 TYR A OH  1 
ATOM   1183 N N   . ARG A 1 145 ? 10.633  -7.145  6.858   1.00 14.10 ? 167 ARG A N   1 
ATOM   1184 C CA  . ARG A 1 145 ? 10.668  -8.341  6.011   1.00 15.04 ? 167 ARG A CA  1 
ATOM   1185 C C   . ARG A 1 145 ? 11.022  -9.572  6.819   1.00 16.67 ? 167 ARG A C   1 
ATOM   1186 O O   . ARG A 1 145 ? 12.036  -9.574  7.530   1.00 17.55 ? 167 ARG A O   1 
ATOM   1187 C CB  . ARG A 1 145 ? 11.662  -8.160  4.859   1.00 15.36 ? 167 ARG A CB  1 
ATOM   1188 C CG  . ARG A 1 145 ? 11.257  -7.050  3.916   1.00 14.87 ? 167 ARG A CG  1 
ATOM   1189 C CD  . ARG A 1 145 ? 12.385  -6.585  3.035   1.00 18.04 ? 167 ARG A CD  1 
ATOM   1190 N NE  . ARG A 1 145 ? 13.479  -6.015  3.823   1.00 18.64 ? 167 ARG A NE  1 
ATOM   1191 C CZ  . ARG A 1 145 ? 14.608  -5.534  3.316   1.00 20.14 ? 167 ARG A CZ  1 
ATOM   1192 N NH1 . ARG A 1 145 ? 14.805  -5.523  1.999   1.00 20.19 ? 167 ARG A NH1 1 
ATOM   1193 N NH2 . ARG A 1 145 ? 15.547  -5.053  4.126   1.00 20.46 ? 167 ARG A NH2 1 
ATOM   1194 N N   . THR A 1 146 ? 10.191  -10.604 6.724   1.00 17.38 ? 168 THR A N   1 
ATOM   1195 C CA  . THR A 1 146 ? 10.417  -11.841 7.477   1.00 19.87 ? 168 THR A CA  1 
ATOM   1196 C C   . THR A 1 146 ? 10.939  -12.977 6.597   1.00 21.32 ? 168 THR A C   1 
ATOM   1197 O O   . THR A 1 146 ? 11.486  -13.953 7.113   1.00 22.76 ? 168 THR A O   1 
ATOM   1198 C CB  . THR A 1 146 ? 9.162   -12.306 8.252   1.00 19.81 ? 168 THR A CB  1 
ATOM   1199 O OG1 . THR A 1 146 ? 8.180   -12.801 7.339   1.00 20.31 ? 168 THR A OG1 1 
ATOM   1200 C CG2 . THR A 1 146 ? 8.576   -11.175 9.100   1.00 19.37 ? 168 THR A CG2 1 
ATOM   1201 N N   . HIS A 1 147 ? 10.775  -12.852 5.280   1.00 22.41 ? 169 HIS A N   1 
ATOM   1202 C CA  . HIS A 1 147 ? 11.241  -13.865 4.330   1.00 24.12 ? 169 HIS A CA  1 
ATOM   1203 C C   . HIS A 1 147 ? 12.602  -13.469 3.761   1.00 25.02 ? 169 HIS A C   1 
ATOM   1204 O O   . HIS A 1 147 ? 12.770  -12.359 3.248   1.00 25.06 ? 169 HIS A O   1 
ATOM   1205 C CB  . HIS A 1 147 ? 10.227  -14.046 3.200   1.00 23.95 ? 169 HIS A CB  1 
ATOM   1206 C CG  . HIS A 1 147 ? 8.877   -14.498 3.667   1.00 25.66 ? 169 HIS A CG  1 
ATOM   1207 N ND1 . HIS A 1 147 ? 7.929   -13.628 4.166   1.00 27.14 ? 169 HIS A ND1 1 
ATOM   1208 C CD2 . HIS A 1 147 ? 8.313   -15.728 3.705   1.00 26.61 ? 169 HIS A CD2 1 
ATOM   1209 C CE1 . HIS A 1 147 ? 6.842   -14.303 4.492   1.00 27.27 ? 169 HIS A CE1 1 
ATOM   1210 N NE2 . HIS A 1 147 ? 7.049   -15.579 4.223   1.00 28.26 ? 169 HIS A NE2 1 
ATOM   1211 N N   . GLN A 1 148 ? 13.575  -14.376 3.857   1.00 26.95 ? 170 GLN A N   1 
ATOM   1212 C CA  . GLN A 1 148 ? 14.947  -14.098 3.423   1.00 27.99 ? 170 GLN A CA  1 
ATOM   1213 C C   . GLN A 1 148 ? 15.046  -13.753 1.929   1.00 28.46 ? 170 GLN A C   1 
ATOM   1214 O O   . GLN A 1 148 ? 15.812  -12.862 1.537   1.00 28.74 ? 170 GLN A O   1 
ATOM   1215 C CB  . GLN A 1 148 ? 15.869  -15.272 3.789   1.00 28.40 ? 170 GLN A CB  1 
ATOM   1216 C CG  . GLN A 1 148 ? 17.370  -14.993 3.648   1.00 29.78 ? 170 GLN A CG  1 
ATOM   1217 C CD  . GLN A 1 148 ? 17.836  -13.761 4.422   1.00 31.80 ? 170 GLN A CD  1 
ATOM   1218 O OE1 . GLN A 1 148 ? 17.562  -13.611 5.616   1.00 33.29 ? 170 GLN A OE1 1 
ATOM   1219 N NE2 . GLN A 1 148 ? 18.555  -12.876 3.737   1.00 32.47 ? 170 GLN A NE2 1 
ATOM   1220 N N   . GLU A 1 149 ? 14.240  -14.433 1.115   1.00 29.14 ? 171 GLU A N   1 
ATOM   1221 C CA  . GLU A 1 149 ? 14.195  -14.209 -0.334  1.00 29.65 ? 171 GLU A CA  1 
ATOM   1222 C C   . GLU A 1 149 ? 13.809  -12.774 -0.706  1.00 29.22 ? 171 GLU A C   1 
ATOM   1223 O O   . GLU A 1 149 ? 14.051  -12.339 -1.829  1.00 29.53 ? 171 GLU A O   1 
ATOM   1224 C CB  . GLU A 1 149 ? 13.239  -15.197 -1.013  1.00 30.12 ? 171 GLU A CB  1 
ATOM   1225 C CG  . GLU A 1 149 ? 13.158  -16.577 -0.358  1.00 32.93 ? 171 GLU A CG  1 
ATOM   1226 C CD  . GLU A 1 149 ? 12.106  -16.642 0.754   1.00 36.18 ? 171 GLU A CD  1 
ATOM   1227 O OE1 . GLU A 1 149 ? 10.894  -16.546 0.444   1.00 37.47 ? 171 GLU A OE1 1 
ATOM   1228 O OE2 . GLU A 1 149 ? 12.494  -16.800 1.934   1.00 37.17 ? 171 GLU A OE2 1 
ATOM   1229 N N   . ASP A 1 150 ? 13.216  -12.043 0.238   1.00 28.37 ? 172 ASP A N   1 
ATOM   1230 C CA  . ASP A 1 150 ? 12.784  -10.663 -0.002  1.00 27.78 ? 172 ASP A CA  1 
ATOM   1231 C C   . ASP A 1 150 ? 13.841  -9.596  0.270   1.00 28.65 ? 172 ASP A C   1 
ATOM   1232 O O   . ASP A 1 150 ? 13.708  -8.453  -0.187  1.00 29.23 ? 172 ASP A O   1 
ATOM   1233 C CB  . ASP A 1 150 ? 11.512  -10.365 0.793   1.00 26.58 ? 172 ASP A CB  1 
ATOM   1234 C CG  . ASP A 1 150 ? 10.303  -11.077 0.226   1.00 22.98 ? 172 ASP A CG  1 
ATOM   1235 O OD1 . ASP A 1 150 ? 10.248  -11.245 -1.009  1.00 22.01 ? 172 ASP A OD1 1 
ATOM   1236 O OD2 . ASP A 1 150 ? 9.413   -11.460 1.006   1.00 17.94 ? 172 ASP A OD2 1 
ATOM   1237 N N   . ILE A 1 151 ? 14.884  -9.971  1.002   1.00 29.31 ? 173 ILE A N   1 
ATOM   1238 C CA  . ILE A 1 151 ? 15.920  -9.024  1.406   1.00 29.85 ? 173 ILE A CA  1 
ATOM   1239 C C   . ILE A 1 151 ? 17.124  -9.074  0.469   1.00 30.43 ? 173 ILE A C   1 
ATOM   1240 O O   . ILE A 1 151 ? 17.383  -8.113  -0.260  1.00 31.30 ? 173 ILE A O   1 
ATOM   1241 C CB  . ILE A 1 151 ? 16.351  -9.256  2.870   1.00 29.95 ? 173 ILE A CB  1 
ATOM   1242 C CG1 . ILE A 1 151 ? 15.133  -9.168  3.798   1.00 29.33 ? 173 ILE A CG1 1 
ATOM   1243 C CG2 . ILE A 1 151 ? 17.421  -8.239  3.288   1.00 29.59 ? 173 ILE A CG2 1 
ATOM   1244 C CD1 . ILE A 1 151 ? 15.280  -9.915  5.107   1.00 29.27 ? 173 ILE A CD1 1 
HETATM 1245 C CAK . 4XG B 2 .   ? 4.196   9.142   -6.630  1.00 19.26 ? 201 4XG A CAK 1 
HETATM 1246 C CAH . 4XG B 2 .   ? 5.248   9.284   -5.526  1.00 16.04 ? 201 4XG A CAH 1 
HETATM 1247 C CAN . 4XG B 2 .   ? 4.647   9.343   -4.245  1.00 13.83 ? 201 4XG A CAN 1 
HETATM 1248 C CAF . 4XG B 2 .   ? 5.361   9.923   -3.195  1.00 15.02 ? 201 4XG A CAF 1 
HETATM 1249 C CAD . 4XG B 2 .   ? 4.817   9.996   -1.922  1.00 12.84 ? 201 4XG A CAD 1 
HETATM 1250 C CAE . 4XG B 2 .   ? 3.568   9.471   -1.640  1.00 10.96 ? 201 4XG A CAE 1 
HETATM 1251 C CAM . 4XG B 2 .   ? 2.854   8.890   -2.698  1.00 12.13 ? 201 4XG A CAM 1 
HETATM 1252 N NAC . 4XG B 2 .   ? 1.638   8.379   -2.454  1.00 12.57 ? 201 4XG A NAC 1 
HETATM 1253 C CAO . 4XG B 2 .   ? 3.373   8.799   -4.008  1.00 13.14 ? 201 4XG A CAO 1 
HETATM 1254 C CAL . 4XG B 2 .   ? 2.606   8.186   -5.049  1.00 16.75 ? 201 4XG A CAL 1 
HETATM 1255 N NAQ . 4XG B 2 .   ? 3.285   8.013   -6.369  1.00 19.01 ? 201 4XG A NAQ 1 
HETATM 1256 C CAJ . 4XG B 2 .   ? 2.322   7.946   -7.508  1.00 23.72 ? 201 4XG A CAJ 1 
HETATM 1257 C CAG . 4XG B 2 .   ? 2.667   6.843   -8.531  1.00 28.16 ? 201 4XG A CAG 1 
HETATM 1258 C CAI . 4XG B 2 .   ? 3.451   7.355   -9.761  1.00 31.22 ? 201 4XG A CAI 1 
HETATM 1259 N NAP . 4XG B 2 .   ? 4.819   6.779   -9.946  1.00 32.70 ? 201 4XG A NAP 1 
HETATM 1260 C CAB . 4XG B 2 .   ? 5.266   5.736   -8.999  1.00 33.15 ? 201 4XG A CAB 1 
HETATM 1261 C CAA . 4XG B 2 .   ? 5.031   6.328   -11.330 1.00 32.79 ? 201 4XG A CAA 1 
HETATM 1262 S S   . DMS C 3 .   ? -0.718  13.013  3.126   1.00 14.99 ? 202 DMS A S   1 
HETATM 1263 O O   . DMS C 3 .   ? 0.113   13.637  1.739   1.00 13.74 ? 202 DMS A O   1 
HETATM 1264 C C1  . DMS C 3 .   ? -1.252  14.495  4.016   1.00 15.00 ? 202 DMS A C1  1 
HETATM 1265 C C2  . DMS C 3 .   ? -2.262  12.430  2.437   1.00 14.34 ? 202 DMS A C2  1 
HETATM 1266 O O   . HOH D 4 .   ? 9.868   -7.741  -2.584  1.00 23.29 ? 301 HOH A O   1 
HETATM 1267 O O   . HOH D 4 .   ? 10.208  12.970  -2.264  1.00 20.02 ? 302 HOH A O   1 
HETATM 1268 O O   . HOH D 4 .   ? -13.362 3.930   11.513  1.00 12.92 ? 303 HOH A O   1 
HETATM 1269 O O   . HOH D 4 .   ? -8.489  6.550   13.386  1.00 28.17 ? 304 HOH A O   1 
HETATM 1270 O O   . HOH D 4 .   ? -1.289  12.986  10.482  1.00 22.90 ? 305 HOH A O   1 
HETATM 1271 O O   . HOH D 4 .   ? 5.502   -6.449  11.720  1.00 27.08 ? 306 HOH A O   1 
HETATM 1272 O O   . HOH D 4 .   ? 1.987   0.923   -14.118 1.00 17.57 ? 307 HOH A O   1 
HETATM 1273 O O   . HOH D 4 .   ? -6.093  -10.297 3.945   1.00 20.91 ? 308 HOH A O   1 
HETATM 1274 O O   . HOH D 4 .   ? -8.104  -7.377  5.002   1.00 14.04 ? 309 HOH A O   1 
HETATM 1275 O O   . HOH D 4 .   ? -9.454  -10.717 -4.746  1.00 19.99 ? 310 HOH A O   1 
HETATM 1276 O O   . HOH D 4 .   ? -8.774  4.184   -16.016 1.00 13.25 ? 311 HOH A O   1 
HETATM 1277 O O   . HOH D 4 .   ? 11.337  -0.712  14.120  1.00 19.01 ? 312 HOH A O   1 
HETATM 1278 O O   . HOH D 4 .   ? 15.932  0.139   -0.693  1.00 26.94 ? 313 HOH A O   1 
HETATM 1279 O O   . HOH D 4 .   ? -1.296  -8.492  8.907   1.00 26.63 ? 314 HOH A O   1 
HETATM 1280 O O   . HOH D 4 .   ? -1.023  18.232  3.428   1.00 19.39 ? 315 HOH A O   1 
HETATM 1281 O O   . HOH D 4 .   ? -1.460  14.775  -0.076  1.00 13.25 ? 316 HOH A O   1 
HETATM 1282 O O   . HOH D 4 .   ? 6.637   -0.889  -4.858  1.00 10.11 ? 317 HOH A O   1 
HETATM 1283 O O   . HOH D 4 .   ? 9.460   -10.644 3.608   1.00 17.04 ? 318 HOH A O   1 
HETATM 1284 O O   . HOH D 4 .   ? -5.704  6.595   8.682   1.00 15.40 ? 319 HOH A O   1 
HETATM 1285 O O   . HOH D 4 .   ? 0.324   10.454  1.926   1.00 14.26 ? 320 HOH A O   1 
HETATM 1286 O O   . HOH D 4 .   ? 9.411   9.264   -2.231  1.00 22.11 ? 321 HOH A O   1 
HETATM 1287 O O   . HOH D 4 .   ? -9.791  5.814   6.023   1.00 9.18  ? 322 HOH A O   1 
HETATM 1288 O O   . HOH D 4 .   ? 12.960  10.093  1.812   1.00 24.55 ? 323 HOH A O   1 
HETATM 1289 O O   . HOH D 4 .   ? 9.917   -13.504 -8.428  1.00 22.92 ? 324 HOH A O   1 
HETATM 1290 O O   . HOH D 4 .   ? 1.316   16.433  6.908   1.00 13.36 ? 325 HOH A O   1 
HETATM 1291 O O   . HOH D 4 .   ? -5.921  -3.113  11.216  1.00 23.95 ? 326 HOH A O   1 
HETATM 1292 O O   . HOH D 4 .   ? -14.318 -8.544  3.195   1.00 17.65 ? 327 HOH A O   1 
HETATM 1293 O O   . HOH D 4 .   ? -0.505  -8.601  6.512   1.00 24.19 ? 328 HOH A O   1 
HETATM 1294 O O   . HOH D 4 .   ? -15.908 2.651   5.913   1.00 12.21 ? 329 HOH A O   1 
HETATM 1295 O O   . HOH D 4 .   ? 2.361   -15.495 -15.193 1.00 12.38 ? 330 HOH A O   1 
HETATM 1296 O O   . HOH D 4 .   ? 8.012   -0.657  16.083  1.00 22.74 ? 331 HOH A O   1 
HETATM 1297 O O   . HOH D 4 .   ? -9.763  -7.768  -15.452 1.00 17.58 ? 332 HOH A O   1 
HETATM 1298 O O   . HOH D 4 .   ? 3.259   -15.175 -20.308 1.00 20.87 ? 333 HOH A O   1 
HETATM 1299 O O   . HOH D 4 .   ? 14.803  -1.176  17.799  1.00 20.63 ? 334 HOH A O   1 
HETATM 1300 O O   . HOH D 4 .   ? -15.308 9.787   1.121   1.00 23.50 ? 335 HOH A O   1 
HETATM 1301 O O   . HOH D 4 .   ? 4.698   -12.322 -6.034  1.00 15.50 ? 336 HOH A O   1 
HETATM 1302 O O   . HOH D 4 .   ? 6.274   -7.263  9.267   1.00 15.44 ? 337 HOH A O   1 
HETATM 1303 O O   . HOH D 4 .   ? -1.079  6.203   -8.488  1.00 15.83 ? 338 HOH A O   1 
HETATM 1304 O O   . HOH D 4 .   ? -8.699  14.064  5.536   1.00 22.08 ? 339 HOH A O   1 
HETATM 1305 O O   . HOH D 4 .   ? -4.717  7.513   -4.177  1.00 20.95 ? 340 HOH A O   1 
HETATM 1306 O O   . HOH D 4 .   ? -0.884  9.852   3.982   1.00 25.94 ? 341 HOH A O   1 
HETATM 1307 O O   . HOH D 4 .   ? -6.823  -4.167  9.477   1.00 23.42 ? 342 HOH A O   1 
HETATM 1308 O O   . HOH D 4 .   ? -17.391 0.042   -5.348  1.00 18.78 ? 343 HOH A O   1 
HETATM 1309 O O   . HOH D 4 .   ? -16.294 10.849  7.263   1.00 25.89 ? 344 HOH A O   1 
HETATM 1310 O O   . HOH D 4 .   ? 1.016   -7.410  -17.739 1.00 16.48 ? 345 HOH A O   1 
HETATM 1311 O O   . HOH D 4 .   ? -7.943  8.751   -4.488  1.00 16.94 ? 346 HOH A O   1 
HETATM 1312 O O   . HOH D 4 .   ? -15.306 -2.660  -9.063  1.00 20.93 ? 347 HOH A O   1 
HETATM 1313 O O   . HOH D 4 .   ? 8.491   0.303   -11.473 1.00 23.37 ? 348 HOH A O   1 
HETATM 1314 O O   . HOH D 4 .   ? 1.845   5.545   -2.738  1.00 11.39 ? 349 HOH A O   1 
HETATM 1315 O O   . HOH D 4 .   ? -5.012  8.241   -10.567 1.00 30.72 ? 350 HOH A O   1 
HETATM 1316 O O   . HOH D 4 .   ? 12.721  -1.067  -4.274  1.00 21.95 ? 351 HOH A O   1 
HETATM 1317 O O   . HOH D 4 .   ? 15.507  -0.935  15.169  1.00 19.27 ? 352 HOH A O   1 
HETATM 1318 O O   . HOH D 4 .   ? 16.978  -7.879  15.480  1.00 22.21 ? 353 HOH A O   1 
HETATM 1319 O O   . HOH D 4 .   ? -10.929 -12.453 -8.138  1.00 24.25 ? 354 HOH A O   1 
HETATM 1320 O O   . HOH D 4 .   ? 10.552  14.966  8.536   1.00 25.02 ? 355 HOH A O   1 
HETATM 1321 O O   . HOH D 4 .   ? -7.932  -6.513  9.084   1.00 22.31 ? 356 HOH A O   1 
HETATM 1322 O O   . HOH D 4 .   ? 1.477   5.297   -12.647 1.00 23.87 ? 357 HOH A O   1 
HETATM 1323 O O   . HOH D 4 .   ? -2.576  -9.704  5.057   1.00 16.61 ? 358 HOH A O   1 
HETATM 1324 O O   . HOH D 4 .   ? -10.625 -10.764 -1.602  1.00 28.80 ? 359 HOH A O   1 
HETATM 1325 O O   . HOH D 4 .   ? -14.089 -9.743  -0.772  1.00 18.15 ? 360 HOH A O   1 
HETATM 1326 O O   . HOH D 4 .   ? 12.252  6.414   -3.430  1.00 22.45 ? 361 HOH A O   1 
HETATM 1327 O O   . HOH D 4 .   ? -13.919 9.504   7.752   1.00 15.81 ? 362 HOH A O   1 
HETATM 1328 O O   . HOH D 4 .   ? -4.130  -8.577  -18.278 1.00 27.02 ? 363 HOH A O   1 
HETATM 1329 O O   . HOH D 4 .   ? -2.360  -11.376 -4.095  1.00 12.51 ? 364 HOH A O   1 
HETATM 1330 O O   . HOH D 4 .   ? -11.173 -6.057  -14.055 1.00 17.55 ? 365 HOH A O   1 
HETATM 1331 O O   . HOH D 4 .   ? 9.969   7.570   -4.307  1.00 17.67 ? 366 HOH A O   1 
HETATM 1332 O O   . HOH D 4 .   ? -0.214  7.516   11.372  1.00 24.67 ? 367 HOH A O   1 
HETATM 1333 O O   . HOH D 4 .   ? -1.971  0.807   -15.997 1.00 25.18 ? 368 HOH A O   1 
HETATM 1334 O O   . HOH D 4 .   ? -0.801  9.790   -3.431  1.00 16.82 ? 369 HOH A O   1 
HETATM 1335 O O   . HOH D 4 .   ? -0.642  6.056   -5.814  1.00 20.46 ? 370 HOH A O   1 
HETATM 1336 O O   . HOH D 4 .   ? 13.540  10.242  -1.767  1.00 22.60 ? 371 HOH A O   1 
HETATM 1337 O O   . HOH D 4 .   ? -2.683  10.252  -1.416  1.00 14.42 ? 372 HOH A O   1 
HETATM 1338 O O   . HOH D 4 .   ? -6.853  -12.286 -12.394 1.00 13.80 ? 373 HOH A O   1 
HETATM 1339 O O   . HOH D 4 .   ? 0.873   11.473  -7.391  1.00 30.10 ? 374 HOH A O   1 
HETATM 1340 O O   . HOH D 4 .   ? 7.996   11.322  -5.478  1.00 23.26 ? 375 HOH A O   1 
HETATM 1341 O O   . HOH D 4 .   ? 8.075   11.879  -2.852  1.00 22.62 ? 376 HOH A O   1 
HETATM 1342 O O   . HOH D 4 .   ? -5.074  9.271   -2.545  1.00 21.73 ? 377 HOH A O   1 
HETATM 1343 O O   . HOH D 4 .   ? -2.444  3.564   8.254   1.00 22.33 ? 378 HOH A O   1 
HETATM 1344 O O   . HOH D 4 .   ? -6.791  -15.765 -15.287 1.00 15.21 ? 379 HOH A O   1 
HETATM 1345 O O   . HOH D 4 .   ? -10.886 -10.122 -14.706 1.00 22.48 ? 380 HOH A O   1 
HETATM 1346 O O   . HOH D 4 .   ? -5.765  16.407  0.550   1.00 21.83 ? 381 HOH A O   1 
# 
